data_5Z1S
# 
_entry.id   5Z1S 
# 
_audit_conform.dict_name       mmcif_pdbx.dic 
_audit_conform.dict_version    5.387 
_audit_conform.dict_location   http://mmcif.pdb.org/dictionaries/ascii/mmcif_pdbx.dic 
# 
loop_
_database_2.database_id 
_database_2.database_code 
_database_2.pdbx_database_accession 
_database_2.pdbx_DOI 
PDB   5Z1S         pdb_00005z1s 10.2210/pdb5z1s/pdb 
WWPDB D_1300006331 ?            ?                   
# 
loop_
_pdbx_audit_revision_history.ordinal 
_pdbx_audit_revision_history.data_content_type 
_pdbx_audit_revision_history.major_revision 
_pdbx_audit_revision_history.minor_revision 
_pdbx_audit_revision_history.revision_date 
1 'Structure model' 1 0 2019-01-02 
2 'Structure model' 1 1 2019-07-24 
3 'Structure model' 1 2 2024-03-27 
# 
_pdbx_audit_revision_details.ordinal             1 
_pdbx_audit_revision_details.revision_ordinal    1 
_pdbx_audit_revision_details.data_content_type   'Structure model' 
_pdbx_audit_revision_details.provider            repository 
_pdbx_audit_revision_details.type                'Initial release' 
_pdbx_audit_revision_details.description         ? 
_pdbx_audit_revision_details.details             ? 
# 
loop_
_pdbx_audit_revision_group.ordinal 
_pdbx_audit_revision_group.revision_ordinal 
_pdbx_audit_revision_group.data_content_type 
_pdbx_audit_revision_group.group 
1 2 'Structure model' 'Data collection'     
2 2 'Structure model' 'Database references' 
3 3 'Structure model' 'Data collection'     
4 3 'Structure model' 'Database references' 
# 
loop_
_pdbx_audit_revision_category.ordinal 
_pdbx_audit_revision_category.revision_ordinal 
_pdbx_audit_revision_category.data_content_type 
_pdbx_audit_revision_category.category 
1 2 'Structure model' citation        
2 2 'Structure model' citation_author 
3 3 'Structure model' chem_comp_atom  
4 3 'Structure model' chem_comp_bond  
5 3 'Structure model' database_2      
# 
loop_
_pdbx_audit_revision_item.ordinal 
_pdbx_audit_revision_item.revision_ordinal 
_pdbx_audit_revision_item.data_content_type 
_pdbx_audit_revision_item.item 
1  2 'Structure model' '_citation.country'                   
2  2 'Structure model' '_citation.journal_abbrev'            
3  2 'Structure model' '_citation.journal_id_CSD'            
4  2 'Structure model' '_citation.journal_id_ISSN'           
5  2 'Structure model' '_citation.journal_volume'            
6  2 'Structure model' '_citation.page_first'                
7  2 'Structure model' '_citation.page_last'                 
8  2 'Structure model' '_citation.pdbx_database_id_DOI'      
9  2 'Structure model' '_citation.pdbx_database_id_PubMed'   
10 2 'Structure model' '_citation.title'                     
11 2 'Structure model' '_citation.year'                      
12 3 'Structure model' '_database_2.pdbx_DOI'                
13 3 'Structure model' '_database_2.pdbx_database_accession' 
# 
_pdbx_database_status.status_code                     REL 
_pdbx_database_status.status_code_sf                  REL 
_pdbx_database_status.status_code_mr                  ? 
_pdbx_database_status.entry_id                        5Z1S 
_pdbx_database_status.recvd_initial_deposition_date   2017-12-28 
_pdbx_database_status.SG_entry                        N 
_pdbx_database_status.deposit_site                    PDBJ 
_pdbx_database_status.process_site                    PDBJ 
_pdbx_database_status.status_code_cs                  ? 
_pdbx_database_status.methods_development_category    ? 
_pdbx_database_status.pdb_format_compatible           Y 
_pdbx_database_status.status_code_nmr_data            ? 
# 
loop_
_audit_author.name 
_audit_author.pdbx_ordinal 
_audit_author.identifier_ORCID 
'Xu, Y.'    1 ? 
'Zhang, Y.' 2 ? 
'Xiang, Q.' 3 ? 
'Song, M.'  4 ? 
'Wang, C.'  5 ? 
# 
_citation.abstract                  ? 
_citation.abstract_id_CAS           ? 
_citation.book_id_ISBN              ? 
_citation.book_publisher            ? 
_citation.book_publisher_city       ? 
_citation.book_title                ? 
_citation.coordinate_linkage        ? 
_citation.country                   US 
_citation.database_id_Medline       ? 
_citation.details                   ? 
_citation.id                        primary 
_citation.journal_abbrev            'Acs Med.Chem.Lett.' 
_citation.journal_id_ASTM           ? 
_citation.journal_id_CSD            ? 
_citation.journal_id_ISSN           1948-5875 
_citation.journal_full              ? 
_citation.journal_issue             ? 
_citation.journal_volume            9 
_citation.language                  ? 
_citation.page_first                262 
_citation.page_last                 267 
_citation.title                     'Y08060: A Selective BET Inhibitor for Treatment of Prostate Cancer.' 
_citation.year                      2018 
_citation.database_id_CSD           ? 
_citation.pdbx_database_id_DOI      10.1021/acsmedchemlett.8b00003 
_citation.pdbx_database_id_PubMed   29541371 
_citation.unpublished_flag          ? 
# 
loop_
_citation_author.citation_id 
_citation_author.name 
_citation_author.ordinal 
_citation_author.identifier_ORCID 
primary 'Xiang, Q.' 1  ? 
primary 'Zhang, Y.' 2  ? 
primary 'Li, J.'    3  ? 
primary 'Xue, X.'   4  ? 
primary 'Wang, C.'  5  ? 
primary 'Song, M.'  6  ? 
primary 'Zhang, C.' 7  ? 
primary 'Wang, R.'  8  ? 
primary 'Li, C.'    9  ? 
primary 'Wu, C.'    10 ? 
primary 'Zhou, Y.'  11 ? 
primary 'Yang, X.'  12 ? 
primary 'Li, G.'    13 ? 
primary 'Ding, K.'  14 ? 
primary 'Xu, Y.'    15 ? 
# 
loop_
_entity.id 
_entity.type 
_entity.src_method 
_entity.pdbx_description 
_entity.formula_weight 
_entity.pdbx_number_of_molecules 
_entity.pdbx_ec 
_entity.pdbx_mutation 
_entity.pdbx_fragment 
_entity.details 
1 polymer     man 'Bromodomain-containing protein 4'                                                                           
16767.326 1  ? ? 'Bromo 1 domain' ? 
2 non-polymer syn '5-bromo-2-methoxy-N-(6-methoxy-2,2-dimethyl-3-oxo-3,4-dihydro-2H-1,4-benzoxazin-7-yl)benzene-1-sulfonamide' 
471.322   1  ? ? ?                ? 
3 non-polymer syn 'NITRATE ION'                                                                                                
62.005    2  ? ? ?                ? 
4 non-polymer syn 1,2-ETHANEDIOL                                                                                               
62.068    3  ? ? ?                ? 
5 non-polymer syn GLYCEROL                                                                                                     
92.094    1  ? ? ?                ? 
6 water       nat water                                                                                                        
18.015    63 ? ? ?                ? 
# 
_entity_name_com.entity_id   1 
_entity_name_com.name        'Protein HUNK1' 
# 
_entity_poly.entity_id                      1 
_entity_poly.type                           'polypeptide(L)' 
_entity_poly.nstd_linkage                   no 
_entity_poly.nstd_monomer                   no 
_entity_poly.pdbx_seq_one_letter_code       
;MKKGHHHHHHLVPRGSNPPPPETSNPNKPKRQTNQLQYLLRVVLKTLWKHQFAWPFQQPVDAVKLNLPDYYKIIKTPMDM
GTIKKRLENNYYWNAQECIQDFNTMFTNCYIYNKPGDDIVLMAEALEKLFLQKINELPTEE
;
_entity_poly.pdbx_seq_one_letter_code_can   
;MKKGHHHHHHLVPRGSNPPPPETSNPNKPKRQTNQLQYLLRVVLKTLWKHQFAWPFQQPVDAVKLNLPDYYKIIKTPMDM
GTIKKRLENNYYWNAQECIQDFNTMFTNCYIYNKPGDDIVLMAEALEKLFLQKINELPTEE
;
_entity_poly.pdbx_strand_id                 A 
_entity_poly.pdbx_target_identifier         ? 
# 
loop_
_pdbx_entity_nonpoly.entity_id 
_pdbx_entity_nonpoly.name 
_pdbx_entity_nonpoly.comp_id 
2 '5-bromo-2-methoxy-N-(6-methoxy-2,2-dimethyl-3-oxo-3,4-dihydro-2H-1,4-benzoxazin-7-yl)benzene-1-sulfonamide' EFM 
3 'NITRATE ION'                                                                                                NO3 
4 1,2-ETHANEDIOL                                                                                               EDO 
5 GLYCEROL                                                                                                     GOL 
6 water                                                                                                        HOH 
# 
loop_
_entity_poly_seq.entity_id 
_entity_poly_seq.num 
_entity_poly_seq.mon_id 
_entity_poly_seq.hetero 
1 1   MET n 
1 2   LYS n 
1 3   LYS n 
1 4   GLY n 
1 5   HIS n 
1 6   HIS n 
1 7   HIS n 
1 8   HIS n 
1 9   HIS n 
1 10  HIS n 
1 11  LEU n 
1 12  VAL n 
1 13  PRO n 
1 14  ARG n 
1 15  GLY n 
1 16  SER n 
1 17  ASN n 
1 18  PRO n 
1 19  PRO n 
1 20  PRO n 
1 21  PRO n 
1 22  GLU n 
1 23  THR n 
1 24  SER n 
1 25  ASN n 
1 26  PRO n 
1 27  ASN n 
1 28  LYS n 
1 29  PRO n 
1 30  LYS n 
1 31  ARG n 
1 32  GLN n 
1 33  THR n 
1 34  ASN n 
1 35  GLN n 
1 36  LEU n 
1 37  GLN n 
1 38  TYR n 
1 39  LEU n 
1 40  LEU n 
1 41  ARG n 
1 42  VAL n 
1 43  VAL n 
1 44  LEU n 
1 45  LYS n 
1 46  THR n 
1 47  LEU n 
1 48  TRP n 
1 49  LYS n 
1 50  HIS n 
1 51  GLN n 
1 52  PHE n 
1 53  ALA n 
1 54  TRP n 
1 55  PRO n 
1 56  PHE n 
1 57  GLN n 
1 58  GLN n 
1 59  PRO n 
1 60  VAL n 
1 61  ASP n 
1 62  ALA n 
1 63  VAL n 
1 64  LYS n 
1 65  LEU n 
1 66  ASN n 
1 67  LEU n 
1 68  PRO n 
1 69  ASP n 
1 70  TYR n 
1 71  TYR n 
1 72  LYS n 
1 73  ILE n 
1 74  ILE n 
1 75  LYS n 
1 76  THR n 
1 77  PRO n 
1 78  MET n 
1 79  ASP n 
1 80  MET n 
1 81  GLY n 
1 82  THR n 
1 83  ILE n 
1 84  LYS n 
1 85  LYS n 
1 86  ARG n 
1 87  LEU n 
1 88  GLU n 
1 89  ASN n 
1 90  ASN n 
1 91  TYR n 
1 92  TYR n 
1 93  TRP n 
1 94  ASN n 
1 95  ALA n 
1 96  GLN n 
1 97  GLU n 
1 98  CYS n 
1 99  ILE n 
1 100 GLN n 
1 101 ASP n 
1 102 PHE n 
1 103 ASN n 
1 104 THR n 
1 105 MET n 
1 106 PHE n 
1 107 THR n 
1 108 ASN n 
1 109 CYS n 
1 110 TYR n 
1 111 ILE n 
1 112 TYR n 
1 113 ASN n 
1 114 LYS n 
1 115 PRO n 
1 116 GLY n 
1 117 ASP n 
1 118 ASP n 
1 119 ILE n 
1 120 VAL n 
1 121 LEU n 
1 122 MET n 
1 123 ALA n 
1 124 GLU n 
1 125 ALA n 
1 126 LEU n 
1 127 GLU n 
1 128 LYS n 
1 129 LEU n 
1 130 PHE n 
1 131 LEU n 
1 132 GLN n 
1 133 LYS n 
1 134 ILE n 
1 135 ASN n 
1 136 GLU n 
1 137 LEU n 
1 138 PRO n 
1 139 THR n 
1 140 GLU n 
1 141 GLU n 
# 
_entity_src_gen.entity_id                          1 
_entity_src_gen.pdbx_src_id                        1 
_entity_src_gen.pdbx_alt_source_flag               sample 
_entity_src_gen.pdbx_seq_type                      'Biological sequence' 
_entity_src_gen.pdbx_beg_seq_num                   1 
_entity_src_gen.pdbx_end_seq_num                   141 
_entity_src_gen.gene_src_common_name               Human 
_entity_src_gen.gene_src_genus                     ? 
_entity_src_gen.pdbx_gene_src_gene                 'BRD4, HUNK1' 
_entity_src_gen.gene_src_species                   ? 
_entity_src_gen.gene_src_strain                    ? 
_entity_src_gen.gene_src_tissue                    ? 
_entity_src_gen.gene_src_tissue_fraction           ? 
_entity_src_gen.gene_src_details                   ? 
_entity_src_gen.pdbx_gene_src_fragment             ? 
_entity_src_gen.pdbx_gene_src_scientific_name      'Homo sapiens' 
_entity_src_gen.pdbx_gene_src_ncbi_taxonomy_id     9606 
_entity_src_gen.pdbx_gene_src_variant              ? 
_entity_src_gen.pdbx_gene_src_cell_line            ? 
_entity_src_gen.pdbx_gene_src_atcc                 ? 
_entity_src_gen.pdbx_gene_src_organ                ? 
_entity_src_gen.pdbx_gene_src_organelle            ? 
_entity_src_gen.pdbx_gene_src_cell                 ? 
_entity_src_gen.pdbx_gene_src_cellular_location    ? 
_entity_src_gen.host_org_common_name               ? 
_entity_src_gen.pdbx_host_org_scientific_name      'Escherichia coli BL21' 
_entity_src_gen.pdbx_host_org_ncbi_taxonomy_id     511693 
_entity_src_gen.host_org_genus                     ? 
_entity_src_gen.pdbx_host_org_gene                 ? 
_entity_src_gen.pdbx_host_org_organ                ? 
_entity_src_gen.host_org_species                   ? 
_entity_src_gen.pdbx_host_org_tissue               ? 
_entity_src_gen.pdbx_host_org_tissue_fraction      ? 
_entity_src_gen.pdbx_host_org_strain               BL21 
_entity_src_gen.pdbx_host_org_variant              ? 
_entity_src_gen.pdbx_host_org_cell_line            ? 
_entity_src_gen.pdbx_host_org_atcc                 ? 
_entity_src_gen.pdbx_host_org_culture_collection   ? 
_entity_src_gen.pdbx_host_org_cell                 ? 
_entity_src_gen.pdbx_host_org_organelle            ? 
_entity_src_gen.pdbx_host_org_cellular_location    ? 
_entity_src_gen.pdbx_host_org_vector_type          ? 
_entity_src_gen.pdbx_host_org_vector               ? 
_entity_src_gen.host_org_details                   ? 
_entity_src_gen.expression_system_id               ? 
_entity_src_gen.plasmid_name                       ? 
_entity_src_gen.plasmid_details                    ? 
_entity_src_gen.pdbx_description                   ? 
# 
loop_
_chem_comp.id 
_chem_comp.type 
_chem_comp.mon_nstd_flag 
_chem_comp.name 
_chem_comp.pdbx_synonyms 
_chem_comp.formula 
_chem_comp.formula_weight 
ALA 'L-peptide linking' y ALANINE ?                               'C3 H7 N O2'         89.093  
ARG 'L-peptide linking' y ARGININE ?                               'C6 H15 N4 O2 1'     175.209 
ASN 'L-peptide linking' y ASPARAGINE ?                               'C4 H8 N2 O3'        132.118 
ASP 'L-peptide linking' y 'ASPARTIC ACID' ?                               'C4 H7 N O4'         133.103 
CYS 'L-peptide linking' y CYSTEINE ?                               'C3 H7 N O2 S'       121.158 
EDO non-polymer         . 1,2-ETHANEDIOL 'ETHYLENE GLYCOL'               'C2 H6 O2'           62.068  
EFM non-polymer         . 
'5-bromo-2-methoxy-N-(6-methoxy-2,2-dimethyl-3-oxo-3,4-dihydro-2H-1,4-benzoxazin-7-yl)benzene-1-sulfonamide' ? 
'C18 H19 Br N2 O6 S' 471.322 
GLN 'L-peptide linking' y GLUTAMINE ?                               'C5 H10 N2 O3'       146.144 
GLU 'L-peptide linking' y 'GLUTAMIC ACID' ?                               'C5 H9 N O4'         147.129 
GLY 'peptide linking'   y GLYCINE ?                               'C2 H5 N O2'         75.067  
GOL non-polymer         . GLYCEROL 'GLYCERIN; PROPANE-1,2,3-TRIOL' 'C3 H8 O3'           92.094  
HIS 'L-peptide linking' y HISTIDINE ?                               'C6 H10 N3 O2 1'     156.162 
HOH non-polymer         . WATER ?                               'H2 O'               18.015  
ILE 'L-peptide linking' y ISOLEUCINE ?                               'C6 H13 N O2'        131.173 
LEU 'L-peptide linking' y LEUCINE ?                               'C6 H13 N O2'        131.173 
LYS 'L-peptide linking' y LYSINE ?                               'C6 H15 N2 O2 1'     147.195 
MET 'L-peptide linking' y METHIONINE ?                               'C5 H11 N O2 S'      149.211 
NO3 non-polymer         . 'NITRATE ION' ?                               'N O3 -1'            62.005  
PHE 'L-peptide linking' y PHENYLALANINE ?                               'C9 H11 N O2'        165.189 
PRO 'L-peptide linking' y PROLINE ?                               'C5 H9 N O2'         115.130 
SER 'L-peptide linking' y SERINE ?                               'C3 H7 N O3'         105.093 
THR 'L-peptide linking' y THREONINE ?                               'C4 H9 N O3'         119.119 
TRP 'L-peptide linking' y TRYPTOPHAN ?                               'C11 H12 N2 O2'      204.225 
TYR 'L-peptide linking' y TYROSINE ?                               'C9 H11 N O3'        181.189 
VAL 'L-peptide linking' y VALINE ?                               'C5 H11 N O2'        117.146 
# 
loop_
_pdbx_poly_seq_scheme.asym_id 
_pdbx_poly_seq_scheme.entity_id 
_pdbx_poly_seq_scheme.seq_id 
_pdbx_poly_seq_scheme.mon_id 
_pdbx_poly_seq_scheme.ndb_seq_num 
_pdbx_poly_seq_scheme.pdb_seq_num 
_pdbx_poly_seq_scheme.auth_seq_num 
_pdbx_poly_seq_scheme.pdb_mon_id 
_pdbx_poly_seq_scheme.auth_mon_id 
_pdbx_poly_seq_scheme.pdb_strand_id 
_pdbx_poly_seq_scheme.pdb_ins_code 
_pdbx_poly_seq_scheme.hetero 
A 1 1   MET 1   28  ?   ?   ?   A . n 
A 1 2   LYS 2   29  ?   ?   ?   A . n 
A 1 3   LYS 3   30  ?   ?   ?   A . n 
A 1 4   GLY 4   31  ?   ?   ?   A . n 
A 1 5   HIS 5   32  ?   ?   ?   A . n 
A 1 6   HIS 6   33  33  HIS HIS A . n 
A 1 7   HIS 7   34  34  HIS HIS A . n 
A 1 8   HIS 8   35  35  HIS HIS A . n 
A 1 9   HIS 9   36  36  HIS HIS A . n 
A 1 10  HIS 10  37  37  HIS HIS A . n 
A 1 11  LEU 11  38  38  LEU LEU A . n 
A 1 12  VAL 12  39  39  VAL VAL A . n 
A 1 13  PRO 13  40  40  PRO PRO A . n 
A 1 14  ARG 14  41  41  ARG ARG A . n 
A 1 15  GLY 15  42  42  GLY GLY A . n 
A 1 16  SER 16  43  43  SER SER A . n 
A 1 17  ASN 17  44  44  ASN ASN A . n 
A 1 18  PRO 18  45  45  PRO PRO A . n 
A 1 19  PRO 19  46  46  PRO PRO A . n 
A 1 20  PRO 20  47  47  PRO PRO A . n 
A 1 21  PRO 21  48  48  PRO PRO A . n 
A 1 22  GLU 22  49  49  GLU GLU A . n 
A 1 23  THR 23  50  50  THR THR A . n 
A 1 24  SER 24  51  51  SER SER A . n 
A 1 25  ASN 25  52  52  ASN ASN A . n 
A 1 26  PRO 26  53  53  PRO PRO A . n 
A 1 27  ASN 27  54  54  ASN ASN A . n 
A 1 28  LYS 28  55  55  LYS LYS A . n 
A 1 29  PRO 29  56  56  PRO PRO A . n 
A 1 30  LYS 30  57  57  LYS LYS A . n 
A 1 31  ARG 31  58  58  ARG ARG A . n 
A 1 32  GLN 32  59  59  GLN GLN A . n 
A 1 33  THR 33  60  60  THR THR A . n 
A 1 34  ASN 34  61  61  ASN ASN A . n 
A 1 35  GLN 35  62  62  GLN GLN A . n 
A 1 36  LEU 36  63  63  LEU LEU A . n 
A 1 37  GLN 37  64  64  GLN GLN A . n 
A 1 38  TYR 38  65  65  TYR TYR A . n 
A 1 39  LEU 39  66  66  LEU LEU A . n 
A 1 40  LEU 40  67  67  LEU LEU A . n 
A 1 41  ARG 41  68  68  ARG ARG A . n 
A 1 42  VAL 42  69  69  VAL VAL A . n 
A 1 43  VAL 43  70  70  VAL VAL A . n 
A 1 44  LEU 44  71  71  LEU LEU A . n 
A 1 45  LYS 45  72  72  LYS LYS A . n 
A 1 46  THR 46  73  73  THR THR A . n 
A 1 47  LEU 47  74  74  LEU LEU A . n 
A 1 48  TRP 48  75  75  TRP TRP A . n 
A 1 49  LYS 49  76  76  LYS LYS A . n 
A 1 50  HIS 50  77  77  HIS HIS A . n 
A 1 51  GLN 51  78  78  GLN GLN A . n 
A 1 52  PHE 52  79  79  PHE PHE A . n 
A 1 53  ALA 53  80  80  ALA ALA A . n 
A 1 54  TRP 54  81  81  TRP TRP A . n 
A 1 55  PRO 55  82  82  PRO PRO A . n 
A 1 56  PHE 56  83  83  PHE PHE A . n 
A 1 57  GLN 57  84  84  GLN GLN A . n 
A 1 58  GLN 58  85  85  GLN GLN A . n 
A 1 59  PRO 59  86  86  PRO PRO A . n 
A 1 60  VAL 60  87  87  VAL VAL A . n 
A 1 61  ASP 61  88  88  ASP ASP A . n 
A 1 62  ALA 62  89  89  ALA ALA A . n 
A 1 63  VAL 63  90  90  VAL VAL A . n 
A 1 64  LYS 64  91  91  LYS LYS A . n 
A 1 65  LEU 65  92  92  LEU LEU A . n 
A 1 66  ASN 66  93  93  ASN ASN A . n 
A 1 67  LEU 67  94  94  LEU LEU A . n 
A 1 68  PRO 68  95  95  PRO PRO A . n 
A 1 69  ASP 69  96  96  ASP ASP A . n 
A 1 70  TYR 70  97  97  TYR TYR A . n 
A 1 71  TYR 71  98  98  TYR TYR A . n 
A 1 72  LYS 72  99  99  LYS LYS A . n 
A 1 73  ILE 73  100 100 ILE ILE A . n 
A 1 74  ILE 74  101 101 ILE ILE A . n 
A 1 75  LYS 75  102 102 LYS LYS A . n 
A 1 76  THR 76  103 103 THR THR A . n 
A 1 77  PRO 77  104 104 PRO PRO A . n 
A 1 78  MET 78  105 105 MET MET A . n 
A 1 79  ASP 79  106 106 ASP ASP A . n 
A 1 80  MET 80  107 107 MET MET A . n 
A 1 81  GLY 81  108 108 GLY GLY A . n 
A 1 82  THR 82  109 109 THR THR A . n 
A 1 83  ILE 83  110 110 ILE ILE A . n 
A 1 84  LYS 84  111 111 LYS LYS A . n 
A 1 85  LYS 85  112 112 LYS LYS A . n 
A 1 86  ARG 86  113 113 ARG ARG A . n 
A 1 87  LEU 87  114 114 LEU LEU A . n 
A 1 88  GLU 88  115 115 GLU GLU A . n 
A 1 89  ASN 89  116 116 ASN ASN A . n 
A 1 90  ASN 90  117 117 ASN ASN A . n 
A 1 91  TYR 91  118 118 TYR TYR A . n 
A 1 92  TYR 92  119 119 TYR TYR A . n 
A 1 93  TRP 93  120 120 TRP TRP A . n 
A 1 94  ASN 94  121 121 ASN ASN A . n 
A 1 95  ALA 95  122 122 ALA ALA A . n 
A 1 96  GLN 96  123 123 GLN GLN A . n 
A 1 97  GLU 97  124 124 GLU GLU A . n 
A 1 98  CYS 98  125 125 CYS CYS A . n 
A 1 99  ILE 99  126 126 ILE ILE A . n 
A 1 100 GLN 100 127 127 GLN GLN A . n 
A 1 101 ASP 101 128 128 ASP ASP A . n 
A 1 102 PHE 102 129 129 PHE PHE A . n 
A 1 103 ASN 103 130 130 ASN ASN A . n 
A 1 104 THR 104 131 131 THR THR A . n 
A 1 105 MET 105 132 132 MET MET A . n 
A 1 106 PHE 106 133 133 PHE PHE A . n 
A 1 107 THR 107 134 134 THR THR A . n 
A 1 108 ASN 108 135 135 ASN ASN A . n 
A 1 109 CYS 109 136 136 CYS CYS A . n 
A 1 110 TYR 110 137 137 TYR TYR A . n 
A 1 111 ILE 111 138 138 ILE ILE A . n 
A 1 112 TYR 112 139 139 TYR TYR A . n 
A 1 113 ASN 113 140 140 ASN ASN A . n 
A 1 114 LYS 114 141 141 LYS LYS A . n 
A 1 115 PRO 115 142 142 PRO PRO A . n 
A 1 116 GLY 116 143 143 GLY GLY A . n 
A 1 117 ASP 117 144 144 ASP ASP A . n 
A 1 118 ASP 118 145 145 ASP ASP A . n 
A 1 119 ILE 119 146 146 ILE ILE A . n 
A 1 120 VAL 120 147 147 VAL VAL A . n 
A 1 121 LEU 121 148 148 LEU LEU A . n 
A 1 122 MET 122 149 149 MET MET A . n 
A 1 123 ALA 123 150 150 ALA ALA A . n 
A 1 124 GLU 124 151 151 GLU GLU A . n 
A 1 125 ALA 125 152 152 ALA ALA A . n 
A 1 126 LEU 126 153 153 LEU LEU A . n 
A 1 127 GLU 127 154 154 GLU GLU A . n 
A 1 128 LYS 128 155 155 LYS LYS A . n 
A 1 129 LEU 129 156 156 LEU LEU A . n 
A 1 130 PHE 130 157 157 PHE PHE A . n 
A 1 131 LEU 131 158 158 LEU LEU A . n 
A 1 132 GLN 132 159 159 GLN GLN A . n 
A 1 133 LYS 133 160 160 LYS LYS A . n 
A 1 134 ILE 134 161 161 ILE ILE A . n 
A 1 135 ASN 135 162 162 ASN ASN A . n 
A 1 136 GLU 136 163 163 GLU GLU A . n 
A 1 137 LEU 137 164 164 LEU LEU A . n 
A 1 138 PRO 138 165 165 PRO PRO A . n 
A 1 139 THR 139 166 ?   ?   ?   A . n 
A 1 140 GLU 140 167 ?   ?   ?   A . n 
A 1 141 GLU 141 168 ?   ?   ?   A . n 
# 
loop_
_pdbx_nonpoly_scheme.asym_id 
_pdbx_nonpoly_scheme.entity_id 
_pdbx_nonpoly_scheme.mon_id 
_pdbx_nonpoly_scheme.ndb_seq_num 
_pdbx_nonpoly_scheme.pdb_seq_num 
_pdbx_nonpoly_scheme.auth_seq_num 
_pdbx_nonpoly_scheme.pdb_mon_id 
_pdbx_nonpoly_scheme.auth_mon_id 
_pdbx_nonpoly_scheme.pdb_strand_id 
_pdbx_nonpoly_scheme.pdb_ins_code 
B 2 EFM 1  201 1  EFM E0M A . 
C 3 NO3 1  202 1  NO3 NO3 A . 
D 3 NO3 1  203 2  NO3 NO3 A . 
E 4 EDO 1  204 1  EDO EDO A . 
F 4 EDO 1  205 2  EDO EDO A . 
G 4 EDO 1  206 3  EDO EDO A . 
H 5 GOL 1  207 1  GOL GOL A . 
I 6 HOH 1  301 63 HOH HOH A . 
I 6 HOH 2  302 22 HOH HOH A . 
I 6 HOH 3  303 49 HOH HOH A . 
I 6 HOH 4  304 55 HOH HOH A . 
I 6 HOH 5  305 65 HOH HOH A . 
I 6 HOH 6  306 28 HOH HOH A . 
I 6 HOH 7  307 2  HOH HOH A . 
I 6 HOH 8  308 20 HOH HOH A . 
I 6 HOH 9  309 4  HOH HOH A . 
I 6 HOH 10 310 60 HOH HOH A . 
I 6 HOH 11 311 44 HOH HOH A . 
I 6 HOH 12 312 37 HOH HOH A . 
I 6 HOH 13 313 50 HOH HOH A . 
I 6 HOH 14 314 62 HOH HOH A . 
I 6 HOH 15 315 59 HOH HOH A . 
I 6 HOH 16 316 46 HOH HOH A . 
I 6 HOH 17 317 51 HOH HOH A . 
I 6 HOH 18 318 43 HOH HOH A . 
I 6 HOH 19 319 25 HOH HOH A . 
I 6 HOH 20 320 6  HOH HOH A . 
I 6 HOH 21 321 56 HOH HOH A . 
I 6 HOH 22 322 26 HOH HOH A . 
I 6 HOH 23 323 8  HOH HOH A . 
I 6 HOH 24 324 48 HOH HOH A . 
I 6 HOH 25 325 39 HOH HOH A . 
I 6 HOH 26 326 40 HOH HOH A . 
I 6 HOH 27 327 16 HOH HOH A . 
I 6 HOH 28 328 32 HOH HOH A . 
I 6 HOH 29 329 24 HOH HOH A . 
I 6 HOH 30 330 21 HOH HOH A . 
I 6 HOH 31 331 17 HOH HOH A . 
I 6 HOH 32 332 1  HOH HOH A . 
I 6 HOH 33 333 10 HOH HOH A . 
I 6 HOH 34 334 5  HOH HOH A . 
I 6 HOH 35 335 19 HOH HOH A . 
I 6 HOH 36 336 61 HOH HOH A . 
I 6 HOH 37 337 9  HOH HOH A . 
I 6 HOH 38 338 41 HOH HOH A . 
I 6 HOH 39 339 52 HOH HOH A . 
I 6 HOH 40 340 15 HOH HOH A . 
I 6 HOH 41 341 13 HOH HOH A . 
I 6 HOH 42 342 31 HOH HOH A . 
I 6 HOH 43 343 27 HOH HOH A . 
I 6 HOH 44 344 30 HOH HOH A . 
I 6 HOH 45 345 58 HOH HOH A . 
I 6 HOH 46 346 33 HOH HOH A . 
I 6 HOH 47 347 54 HOH HOH A . 
I 6 HOH 48 348 34 HOH HOH A . 
I 6 HOH 49 349 35 HOH HOH A . 
I 6 HOH 50 350 11 HOH HOH A . 
I 6 HOH 51 351 18 HOH HOH A . 
I 6 HOH 52 352 3  HOH HOH A . 
I 6 HOH 53 353 29 HOH HOH A . 
I 6 HOH 54 354 7  HOH HOH A . 
I 6 HOH 55 355 64 HOH HOH A . 
I 6 HOH 56 356 14 HOH HOH A . 
I 6 HOH 57 357 23 HOH HOH A . 
I 6 HOH 58 358 12 HOH HOH A . 
I 6 HOH 59 359 45 HOH HOH A . 
I 6 HOH 60 360 53 HOH HOH A . 
I 6 HOH 61 361 47 HOH HOH A . 
I 6 HOH 62 362 38 HOH HOH A . 
I 6 HOH 63 363 36 HOH HOH A . 
# 
loop_
_pdbx_unobs_or_zero_occ_atoms.id 
_pdbx_unobs_or_zero_occ_atoms.PDB_model_num 
_pdbx_unobs_or_zero_occ_atoms.polymer_flag 
_pdbx_unobs_or_zero_occ_atoms.occupancy_flag 
_pdbx_unobs_or_zero_occ_atoms.auth_asym_id 
_pdbx_unobs_or_zero_occ_atoms.auth_comp_id 
_pdbx_unobs_or_zero_occ_atoms.auth_seq_id 
_pdbx_unobs_or_zero_occ_atoms.PDB_ins_code 
_pdbx_unobs_or_zero_occ_atoms.auth_atom_id 
_pdbx_unobs_or_zero_occ_atoms.label_alt_id 
_pdbx_unobs_or_zero_occ_atoms.label_asym_id 
_pdbx_unobs_or_zero_occ_atoms.label_comp_id 
_pdbx_unobs_or_zero_occ_atoms.label_seq_id 
_pdbx_unobs_or_zero_occ_atoms.label_atom_id 
1 1 Y 1 A HIS 33 ? ND1 ? A HIS 6 ND1 
2 1 Y 1 A HIS 33 ? CD2 ? A HIS 6 CD2 
3 1 Y 1 A HIS 33 ? CE1 ? A HIS 6 CE1 
4 1 Y 1 A HIS 33 ? NE2 ? A HIS 6 NE2 
# 
loop_
_software.citation_id 
_software.classification 
_software.compiler_name 
_software.compiler_version 
_software.contact_author 
_software.contact_author_email 
_software.date 
_software.description 
_software.dependencies 
_software.hardware 
_software.language 
_software.location 
_software.mods 
_software.name 
_software.os 
_software.os_version 
_software.type 
_software.version 
_software.pdbx_ordinal 
? refinement        ? ? ? ? ? ? ? ? ? ? ? REFMAC      ? ? ? 5.8.0135 1 
? 'data reduction'  ? ? ? ? ? ? ? ? ? ? ? iMOSFLM     ? ? ? .        2 
? 'data extraction' ? ? ? ? ? ? ? ? ? ? ? PDB_EXTRACT ? ? ? .        3 
? phasing           ? ? ? ? ? ? ? ? ? ? ? MOLREP      ? ? ? .        4 
# 
_cell.angle_alpha                  90.000 
_cell.angle_alpha_esd              ? 
_cell.angle_beta                   90.000 
_cell.angle_beta_esd               ? 
_cell.angle_gamma                  90.000 
_cell.angle_gamma_esd              ? 
_cell.entry_id                     5Z1S 
_cell.details                      ? 
_cell.formula_units_Z              ? 
_cell.length_a                     35.080 
_cell.length_a_esd                 ? 
_cell.length_b                     47.090 
_cell.length_b_esd                 ? 
_cell.length_c                     78.170 
_cell.length_c_esd                 ? 
_cell.volume                       ? 
_cell.volume_esd                   ? 
_cell.Z_PDB                        4 
_cell.reciprocal_angle_alpha       ? 
_cell.reciprocal_angle_beta        ? 
_cell.reciprocal_angle_gamma       ? 
_cell.reciprocal_angle_alpha_esd   ? 
_cell.reciprocal_angle_beta_esd    ? 
_cell.reciprocal_angle_gamma_esd   ? 
_cell.reciprocal_length_a          ? 
_cell.reciprocal_length_b          ? 
_cell.reciprocal_length_c          ? 
_cell.reciprocal_length_a_esd      ? 
_cell.reciprocal_length_b_esd      ? 
_cell.reciprocal_length_c_esd      ? 
_cell.pdbx_unique_axis             ? 
# 
_symmetry.entry_id                         5Z1S 
_symmetry.cell_setting                     ? 
_symmetry.Int_Tables_number                19 
_symmetry.space_group_name_Hall            ? 
_symmetry.space_group_name_H-M             'P 21 21 21' 
_symmetry.pdbx_full_space_group_name_H-M   ? 
# 
_exptl.absorpt_coefficient_mu     ? 
_exptl.absorpt_correction_T_max   ? 
_exptl.absorpt_correction_T_min   ? 
_exptl.absorpt_correction_type    ? 
_exptl.absorpt_process_details    ? 
_exptl.entry_id                   5Z1S 
_exptl.crystals_number            1 
_exptl.details                    ? 
_exptl.method                     'X-RAY DIFFRACTION' 
_exptl.method_details             ? 
# 
_exptl_crystal.colour                      ? 
_exptl_crystal.density_diffrn              ? 
_exptl_crystal.density_Matthews            1.93 
_exptl_crystal.density_method              ? 
_exptl_crystal.density_percent_sol         36.11 
_exptl_crystal.description                 ? 
_exptl_crystal.F_000                       ? 
_exptl_crystal.id                          1 
_exptl_crystal.preparation                 ? 
_exptl_crystal.size_max                    ? 
_exptl_crystal.size_mid                    ? 
_exptl_crystal.size_min                    ? 
_exptl_crystal.size_rad                    ? 
_exptl_crystal.colour_lustre               ? 
_exptl_crystal.colour_modifier             ? 
_exptl_crystal.colour_primary              ? 
_exptl_crystal.density_meas                ? 
_exptl_crystal.density_meas_esd            ? 
_exptl_crystal.density_meas_gt             ? 
_exptl_crystal.density_meas_lt             ? 
_exptl_crystal.density_meas_temp           ? 
_exptl_crystal.density_meas_temp_esd       ? 
_exptl_crystal.density_meas_temp_gt        ? 
_exptl_crystal.density_meas_temp_lt        ? 
_exptl_crystal.pdbx_crystal_image_url      ? 
_exptl_crystal.pdbx_crystal_image_format   ? 
_exptl_crystal.pdbx_mosaicity              ? 
_exptl_crystal.pdbx_mosaicity_esd          ? 
# 
_exptl_crystal_grow.apparatus       ? 
_exptl_crystal_grow.atmosphere      ? 
_exptl_crystal_grow.crystal_id      1 
_exptl_crystal_grow.details         ? 
_exptl_crystal_grow.method          'VAPOR DIFFUSION, SITTING DROP' 
_exptl_crystal_grow.method_ref      ? 
_exptl_crystal_grow.pH              ? 
_exptl_crystal_grow.pressure        ? 
_exptl_crystal_grow.pressure_esd    ? 
_exptl_crystal_grow.seeding         ? 
_exptl_crystal_grow.seeding_ref     ? 
_exptl_crystal_grow.temp            277 
_exptl_crystal_grow.temp_details    ? 
_exptl_crystal_grow.temp_esd        ? 
_exptl_crystal_grow.time            ? 
_exptl_crystal_grow.pdbx_details    '20% PEG 3350, 0.1M HEPES, 10% EtGhly, PH7.0' 
_exptl_crystal_grow.pdbx_pH_range   ? 
# 
_diffrn.ambient_environment    ? 
_diffrn.ambient_temp           80 
_diffrn.ambient_temp_details   ? 
_diffrn.ambient_temp_esd       ? 
_diffrn.crystal_id             1 
_diffrn.crystal_support        ? 
_diffrn.crystal_treatment      ? 
_diffrn.details                ? 
_diffrn.id                     1 
_diffrn.ambient_pressure       ? 
_diffrn.ambient_pressure_esd   ? 
_diffrn.ambient_pressure_gt    ? 
_diffrn.ambient_pressure_lt    ? 
_diffrn.ambient_temp_gt        ? 
_diffrn.ambient_temp_lt        ? 
# 
_diffrn_detector.details                      ? 
_diffrn_detector.detector                     PIXEL 
_diffrn_detector.diffrn_id                    1 
_diffrn_detector.type                         'DECTRIS PILATUS 6M' 
_diffrn_detector.area_resol_mean              ? 
_diffrn_detector.dtime                        ? 
_diffrn_detector.pdbx_frames_total            ? 
_diffrn_detector.pdbx_collection_time_total   ? 
_diffrn_detector.pdbx_collection_date         2015-12-13 
# 
_diffrn_radiation.collimation                      ? 
_diffrn_radiation.diffrn_id                        1 
_diffrn_radiation.filter_edge                      ? 
_diffrn_radiation.inhomogeneity                    ? 
_diffrn_radiation.monochromator                    ? 
_diffrn_radiation.polarisn_norm                    ? 
_diffrn_radiation.polarisn_ratio                   ? 
_diffrn_radiation.probe                            ? 
_diffrn_radiation.type                             ? 
_diffrn_radiation.xray_symbol                      ? 
_diffrn_radiation.wavelength_id                    1 
_diffrn_radiation.pdbx_monochromatic_or_laue_m_l   M 
_diffrn_radiation.pdbx_wavelength_list             ? 
_diffrn_radiation.pdbx_wavelength                  ? 
_diffrn_radiation.pdbx_diffrn_protocol             'SINGLE WAVELENGTH' 
_diffrn_radiation.pdbx_analyzer                    ? 
_diffrn_radiation.pdbx_scattering_type             x-ray 
# 
_diffrn_radiation_wavelength.id           1 
_diffrn_radiation_wavelength.wavelength   0.97776 
_diffrn_radiation_wavelength.wt           1.0 
# 
_diffrn_source.current                     ? 
_diffrn_source.details                     ? 
_diffrn_source.diffrn_id                   1 
_diffrn_source.power                       ? 
_diffrn_source.size                        ? 
_diffrn_source.source                      SYNCHROTRON 
_diffrn_source.target                      ? 
_diffrn_source.type                        'SSRF BEAMLINE BL18U1' 
_diffrn_source.voltage                     ? 
_diffrn_source.take-off_angle              ? 
_diffrn_source.pdbx_wavelength_list        0.97776 
_diffrn_source.pdbx_wavelength             ? 
_diffrn_source.pdbx_synchrotron_beamline   BL18U1 
_diffrn_source.pdbx_synchrotron_site       SSRF 
# 
_reflns.B_iso_Wilson_estimate            ? 
_reflns.entry_id                         5Z1S 
_reflns.data_reduction_details           ? 
_reflns.data_reduction_method            ? 
_reflns.d_resolution_high                1.420 
_reflns.d_resolution_low                 78.170 
_reflns.details                          ? 
_reflns.limit_h_max                      ? 
_reflns.limit_h_min                      ? 
_reflns.limit_k_max                      ? 
_reflns.limit_k_min                      ? 
_reflns.limit_l_max                      ? 
_reflns.limit_l_min                      ? 
_reflns.number_all                       ? 
_reflns.number_obs                       25111 
_reflns.observed_criterion               ? 
_reflns.observed_criterion_F_max         ? 
_reflns.observed_criterion_F_min         ? 
_reflns.observed_criterion_I_max         ? 
_reflns.observed_criterion_I_min         ? 
_reflns.observed_criterion_sigma_F       ? 
_reflns.observed_criterion_sigma_I       ? 
_reflns.percent_possible_obs             99.800 
_reflns.R_free_details                   ? 
_reflns.Rmerge_F_all                     ? 
_reflns.Rmerge_F_obs                     ? 
_reflns.Friedel_coverage                 ? 
_reflns.number_gt                        ? 
_reflns.threshold_expression             ? 
_reflns.pdbx_redundancy                  11.300 
_reflns.pdbx_Rmerge_I_obs                0.089 
_reflns.pdbx_Rmerge_I_all                ? 
_reflns.pdbx_Rsym_value                  ? 
_reflns.pdbx_netI_over_av_sigmaI         ? 
_reflns.pdbx_netI_over_sigmaI            13.400 
_reflns.pdbx_res_netI_over_av_sigmaI_2   ? 
_reflns.pdbx_res_netI_over_sigmaI_2      ? 
_reflns.pdbx_chi_squared                 ? 
_reflns.pdbx_scaling_rejects             ? 
_reflns.pdbx_d_res_high_opt              ? 
_reflns.pdbx_d_res_low_opt               ? 
_reflns.pdbx_d_res_opt_method            ? 
_reflns.phase_calculation_details        ? 
_reflns.pdbx_Rrim_I_all                  0.093 
_reflns.pdbx_Rpim_I_all                  0.027 
_reflns.pdbx_d_opt                       ? 
_reflns.pdbx_number_measured_all         ? 
_reflns.pdbx_diffrn_id                   1 
_reflns.pdbx_ordinal                     1 
_reflns.pdbx_CC_half                     0.999 
_reflns.pdbx_R_split                     ? 
# 
_reflns_shell.d_res_high                  1.420 
_reflns_shell.d_res_low                   1.440 
_reflns_shell.meanI_over_sigI_all         ? 
_reflns_shell.meanI_over_sigI_obs         ? 
_reflns_shell.number_measured_all         ? 
_reflns_shell.number_measured_obs         ? 
_reflns_shell.number_possible             ? 
_reflns_shell.number_unique_all           ? 
_reflns_shell.number_unique_obs           1208 
_reflns_shell.percent_possible_all        99.400 
_reflns_shell.percent_possible_obs        ? 
_reflns_shell.Rmerge_F_all                ? 
_reflns_shell.Rmerge_F_obs                ? 
_reflns_shell.Rmerge_I_all                ? 
_reflns_shell.Rmerge_I_obs                0.805 
_reflns_shell.meanI_over_sigI_gt          ? 
_reflns_shell.meanI_over_uI_all           ? 
_reflns_shell.meanI_over_uI_gt            ? 
_reflns_shell.number_measured_gt          ? 
_reflns_shell.number_unique_gt            ? 
_reflns_shell.percent_possible_gt         ? 
_reflns_shell.Rmerge_F_gt                 ? 
_reflns_shell.Rmerge_I_gt                 ? 
_reflns_shell.pdbx_redundancy             12.000 
_reflns_shell.pdbx_Rsym_value             ? 
_reflns_shell.pdbx_chi_squared            ? 
_reflns_shell.pdbx_netI_over_sigmaI_all   ? 
_reflns_shell.pdbx_netI_over_sigmaI_obs   ? 
_reflns_shell.pdbx_Rrim_I_all             0.841 
_reflns_shell.pdbx_Rpim_I_all             0.238 
_reflns_shell.pdbx_rejects                ? 
_reflns_shell.pdbx_ordinal                1 
_reflns_shell.pdbx_diffrn_id              1 
_reflns_shell.pdbx_CC_half                0.927 
_reflns_shell.pdbx_R_split                ? 
# 
_refine.aniso_B[1][1]                            2.8800 
_refine.aniso_B[1][2]                            0.0000 
_refine.aniso_B[1][3]                            -0.0000 
_refine.aniso_B[2][2]                            -1.5100 
_refine.aniso_B[2][3]                            0.0000 
_refine.aniso_B[3][3]                            -1.3800 
_refine.B_iso_max                                51.290 
_refine.B_iso_mean                               19.8560 
_refine.B_iso_min                                11.190 
_refine.correlation_coeff_Fo_to_Fc               0.9660 
_refine.correlation_coeff_Fo_to_Fc_free          0.9450 
_refine.details                                  
'HYDROGENS HAVE BEEN ADDED IN THE RIDING POSITIONS U VALUES      : REFINED INDIVIDUALLY' 
_refine.diff_density_max                         ? 
_refine.diff_density_max_esd                     ? 
_refine.diff_density_min                         ? 
_refine.diff_density_min_esd                     ? 
_refine.diff_density_rms                         ? 
_refine.diff_density_rms_esd                     ? 
_refine.entry_id                                 5Z1S 
_refine.pdbx_refine_id                           'X-RAY DIFFRACTION' 
_refine.ls_abs_structure_details                 ? 
_refine.ls_abs_structure_Flack                   ? 
_refine.ls_abs_structure_Flack_esd               ? 
_refine.ls_abs_structure_Rogers                  ? 
_refine.ls_abs_structure_Rogers_esd              ? 
_refine.ls_d_res_high                            1.4200 
_refine.ls_d_res_low                             40.3400 
_refine.ls_extinction_coef                       ? 
_refine.ls_extinction_coef_esd                   ? 
_refine.ls_extinction_expression                 ? 
_refine.ls_extinction_method                     ? 
_refine.ls_goodness_of_fit_all                   ? 
_refine.ls_goodness_of_fit_all_esd               ? 
_refine.ls_goodness_of_fit_obs                   ? 
_refine.ls_goodness_of_fit_obs_esd               ? 
_refine.ls_hydrogen_treatment                    ? 
_refine.ls_matrix_type                           ? 
_refine.ls_number_constraints                    ? 
_refine.ls_number_parameters                     ? 
_refine.ls_number_reflns_all                     ? 
_refine.ls_number_reflns_obs                     23841 
_refine.ls_number_reflns_R_free                  1221 
_refine.ls_number_reflns_R_work                  ? 
_refine.ls_number_restraints                     ? 
_refine.ls_percent_reflns_obs                    99.5800 
_refine.ls_percent_reflns_R_free                 4.9000 
_refine.ls_R_factor_all                          ? 
_refine.ls_R_factor_obs                          0.1816 
_refine.ls_R_factor_R_free                       0.2198 
_refine.ls_R_factor_R_free_error                 ? 
_refine.ls_R_factor_R_free_error_details         ? 
_refine.ls_R_factor_R_work                       0.1797 
_refine.ls_R_Fsqd_factor_obs                     ? 
_refine.ls_R_I_factor_obs                        ? 
_refine.ls_redundancy_reflns_all                 ? 
_refine.ls_redundancy_reflns_obs                 ? 
_refine.ls_restrained_S_all                      ? 
_refine.ls_restrained_S_obs                      ? 
_refine.ls_shift_over_esd_max                    ? 
_refine.ls_shift_over_esd_mean                   ? 
_refine.ls_structure_factor_coef                 ? 
_refine.ls_weighting_details                     ? 
_refine.ls_weighting_scheme                      ? 
_refine.ls_wR_factor_all                         ? 
_refine.ls_wR_factor_obs                         ? 
_refine.ls_wR_factor_R_free                      ? 
_refine.ls_wR_factor_R_work                      ? 
_refine.occupancy_max                            ? 
_refine.occupancy_min                            ? 
_refine.solvent_model_details                    ? 
_refine.solvent_model_param_bsol                 ? 
_refine.solvent_model_param_ksol                 ? 
_refine.ls_R_factor_gt                           ? 
_refine.ls_goodness_of_fit_gt                    ? 
_refine.ls_goodness_of_fit_ref                   ? 
_refine.ls_shift_over_su_max                     ? 
_refine.ls_shift_over_su_max_lt                  ? 
_refine.ls_shift_over_su_mean                    ? 
_refine.ls_shift_over_su_mean_lt                 ? 
_refine.pdbx_ls_sigma_I                          ? 
_refine.pdbx_ls_sigma_F                          0.000 
_refine.pdbx_ls_sigma_Fsqd                       ? 
_refine.pdbx_data_cutoff_high_absF               ? 
_refine.pdbx_data_cutoff_high_rms_absF           ? 
_refine.pdbx_data_cutoff_low_absF                ? 
_refine.pdbx_isotropic_thermal_model             ? 
_refine.pdbx_ls_cross_valid_method               THROUGHOUT 
_refine.pdbx_method_to_determine_struct          ? 
_refine.pdbx_starting_model                      ? 
_refine.pdbx_stereochemistry_target_values       ? 
_refine.pdbx_R_Free_selection_details            RANDOM 
_refine.pdbx_stereochem_target_val_spec_case     ? 
_refine.pdbx_overall_ESU_R                       0.0670 
_refine.pdbx_overall_ESU_R_Free                  0.0730 
_refine.pdbx_solvent_vdw_probe_radii             1.2000 
_refine.pdbx_solvent_ion_probe_radii             0.8000 
_refine.pdbx_solvent_shrinkage_radii             0.8000 
_refine.pdbx_real_space_R                        ? 
_refine.pdbx_density_correlation                 ? 
_refine.pdbx_pd_number_of_powder_patterns        ? 
_refine.pdbx_pd_number_of_points                 ? 
_refine.pdbx_pd_meas_number_of_points            ? 
_refine.pdbx_pd_proc_ls_prof_R_factor            ? 
_refine.pdbx_pd_proc_ls_prof_wR_factor           ? 
_refine.pdbx_pd_Marquardt_correlation_coeff      ? 
_refine.pdbx_pd_Fsqrd_R_factor                   ? 
_refine.pdbx_pd_ls_matrix_band_width             ? 
_refine.pdbx_overall_phase_error                 ? 
_refine.pdbx_overall_SU_R_free_Cruickshank_DPI   ? 
_refine.pdbx_overall_SU_R_free_Blow_DPI          ? 
_refine.pdbx_overall_SU_R_Blow_DPI               ? 
_refine.pdbx_TLS_residual_ADP_flag               ? 
_refine.pdbx_diffrn_id                           1 
_refine.overall_SU_B                             1.5270 
_refine.overall_SU_ML                            0.0570 
_refine.overall_SU_R_Cruickshank_DPI             ? 
_refine.overall_SU_R_free                        ? 
_refine.overall_FOM_free_R_set                   ? 
_refine.overall_FOM_work_R_set                   ? 
_refine.pdbx_average_fsc_overall                 ? 
_refine.pdbx_average_fsc_work                    ? 
_refine.pdbx_average_fsc_free                    ? 
# 
_refine_hist.cycle_id                         final 
_refine_hist.pdbx_refine_id                   'X-RAY DIFFRACTION' 
_refine_hist.d_res_high                       1.4200 
_refine_hist.d_res_low                        40.3400 
_refine_hist.pdbx_number_atoms_ligand         54 
_refine_hist.number_atoms_solvent             63 
_refine_hist.number_atoms_total               1228 
_refine_hist.pdbx_number_residues_total       133 
_refine_hist.pdbx_B_iso_mean_ligand           24.04 
_refine_hist.pdbx_B_iso_mean_solvent          24.13 
_refine_hist.pdbx_number_atoms_protein        1111 
_refine_hist.pdbx_number_atoms_nucleic_acid   0 
# 
loop_
_refine_ls_restr.pdbx_refine_id 
_refine_ls_restr.criterion 
_refine_ls_restr.dev_ideal 
_refine_ls_restr.dev_ideal_target 
_refine_ls_restr.number 
_refine_ls_restr.rejects 
_refine_ls_restr.type 
_refine_ls_restr.weight 
_refine_ls_restr.pdbx_restraint_function 
'X-RAY DIFFRACTION' ? 0.018  0.020  1214 ? r_bond_refined_d       ? ? 
'X-RAY DIFFRACTION' ? 0.003  0.020  1145 ? r_bond_other_d         ? ? 
'X-RAY DIFFRACTION' ? 1.954  1.988  1650 ? r_angle_refined_deg    ? ? 
'X-RAY DIFFRACTION' ? 1.067  3.005  2638 ? r_angle_other_deg      ? ? 
'X-RAY DIFFRACTION' ? 5.851  5.000  136  ? r_dihedral_angle_1_deg ? ? 
'X-RAY DIFFRACTION' ? 35.281 25.254 59   ? r_dihedral_angle_2_deg ? ? 
'X-RAY DIFFRACTION' ? 12.579 15.000 202  ? r_dihedral_angle_3_deg ? ? 
'X-RAY DIFFRACTION' ? 12.837 15.000 4    ? r_dihedral_angle_4_deg ? ? 
'X-RAY DIFFRACTION' ? 0.120  0.200  169  ? r_chiral_restr         ? ? 
'X-RAY DIFFRACTION' ? 0.012  0.021  1353 ? r_gen_planes_refined   ? ? 
'X-RAY DIFFRACTION' ? 0.002  0.020  283  ? r_gen_planes_other     ? ? 
# 
_refine_ls_shell.pdbx_refine_id                   'X-RAY DIFFRACTION' 
_refine_ls_shell.d_res_high                       1.4200 
_refine_ls_shell.d_res_low                        1.4570 
_refine_ls_shell.number_reflns_all                1829 
_refine_ls_shell.number_reflns_obs                ? 
_refine_ls_shell.number_reflns_R_free             94 
_refine_ls_shell.number_reflns_R_work             1735 
_refine_ls_shell.percent_reflns_obs               99.0800 
_refine_ls_shell.percent_reflns_R_free            ? 
_refine_ls_shell.R_factor_all                     ? 
_refine_ls_shell.R_factor_obs                     ? 
_refine_ls_shell.R_factor_R_free                  0.3430 
_refine_ls_shell.R_factor_R_free_error            0.0000 
_refine_ls_shell.R_factor_R_work                  0.2790 
_refine_ls_shell.redundancy_reflns_all            ? 
_refine_ls_shell.redundancy_reflns_obs            ? 
_refine_ls_shell.wR_factor_all                    ? 
_refine_ls_shell.wR_factor_obs                    ? 
_refine_ls_shell.wR_factor_R_free                 ? 
_refine_ls_shell.wR_factor_R_work                 ? 
_refine_ls_shell.pdbx_total_number_of_bins_used   20 
_refine_ls_shell.pdbx_phase_error                 ? 
_refine_ls_shell.pdbx_fsc_work                    ? 
_refine_ls_shell.pdbx_fsc_free                    ? 
# 
_struct.entry_id                     5Z1S 
_struct.title                        'Crystal Structure Analysis of the BRD4(1)' 
_struct.pdbx_model_details           ? 
_struct.pdbx_formula_weight          ? 
_struct.pdbx_formula_weight_method   ? 
_struct.pdbx_model_type_details      ? 
_struct.pdbx_CASP_flag               N 
# 
_struct_keywords.entry_id        5Z1S 
_struct_keywords.text            'BRD4(1), Bromodomain, TRANSCRIPTION' 
_struct_keywords.pdbx_keywords   TRANSCRIPTION 
# 
loop_
_struct_asym.id 
_struct_asym.pdbx_blank_PDB_chainid_flag 
_struct_asym.pdbx_modified 
_struct_asym.entity_id 
_struct_asym.details 
A N N 1 ? 
B N N 2 ? 
C N N 3 ? 
D N N 3 ? 
E N N 4 ? 
F N N 4 ? 
G N N 4 ? 
H N N 5 ? 
I N N 6 ? 
# 
_struct_ref.id                         1 
_struct_ref.db_name                    UNP 
_struct_ref.db_code                    BRD4_HUMAN 
_struct_ref.pdbx_db_accession          O60885 
_struct_ref.pdbx_db_isoform            ? 
_struct_ref.entity_id                  1 
_struct_ref.pdbx_seq_one_letter_code   
;NPPPPETSNPNKPKRQTNQLQYLLRVVLKTLWKHQFAWPFQQPVDAVKLNLPDYYKIIKTPMDMGTIKKRLENNYYWNAQ
ECIQDFNTMFTNCYIYNKPGDDIVLMAEALEKLFLQKINELPTEE
;
_struct_ref.pdbx_align_begin           44 
# 
_struct_ref_seq.align_id                      1 
_struct_ref_seq.ref_id                        1 
_struct_ref_seq.pdbx_PDB_id_code              5Z1S 
_struct_ref_seq.pdbx_strand_id                A 
_struct_ref_seq.seq_align_beg                 17 
_struct_ref_seq.pdbx_seq_align_beg_ins_code   ? 
_struct_ref_seq.seq_align_end                 141 
_struct_ref_seq.pdbx_seq_align_end_ins_code   ? 
_struct_ref_seq.pdbx_db_accession             O60885 
_struct_ref_seq.db_align_beg                  44 
_struct_ref_seq.pdbx_db_align_beg_ins_code    ? 
_struct_ref_seq.db_align_end                  168 
_struct_ref_seq.pdbx_db_align_end_ins_code    ? 
_struct_ref_seq.pdbx_auth_seq_align_beg       44 
_struct_ref_seq.pdbx_auth_seq_align_end       168 
# 
loop_
_struct_ref_seq_dif.align_id 
_struct_ref_seq_dif.pdbx_pdb_id_code 
_struct_ref_seq_dif.mon_id 
_struct_ref_seq_dif.pdbx_pdb_strand_id 
_struct_ref_seq_dif.seq_num 
_struct_ref_seq_dif.pdbx_pdb_ins_code 
_struct_ref_seq_dif.pdbx_seq_db_name 
_struct_ref_seq_dif.pdbx_seq_db_accession_code 
_struct_ref_seq_dif.db_mon_id 
_struct_ref_seq_dif.pdbx_seq_db_seq_num 
_struct_ref_seq_dif.details 
_struct_ref_seq_dif.pdbx_auth_seq_num 
_struct_ref_seq_dif.pdbx_ordinal 
1 5Z1S MET A 1  ? UNP O60885 ? ? 'expression tag' 28 1  
1 5Z1S LYS A 2  ? UNP O60885 ? ? 'expression tag' 29 2  
1 5Z1S LYS A 3  ? UNP O60885 ? ? 'expression tag' 30 3  
1 5Z1S GLY A 4  ? UNP O60885 ? ? 'expression tag' 31 4  
1 5Z1S HIS A 5  ? UNP O60885 ? ? 'expression tag' 32 5  
1 5Z1S HIS A 6  ? UNP O60885 ? ? 'expression tag' 33 6  
1 5Z1S HIS A 7  ? UNP O60885 ? ? 'expression tag' 34 7  
1 5Z1S HIS A 8  ? UNP O60885 ? ? 'expression tag' 35 8  
1 5Z1S HIS A 9  ? UNP O60885 ? ? 'expression tag' 36 9  
1 5Z1S HIS A 10 ? UNP O60885 ? ? 'expression tag' 37 10 
1 5Z1S LEU A 11 ? UNP O60885 ? ? 'expression tag' 38 11 
1 5Z1S VAL A 12 ? UNP O60885 ? ? 'expression tag' 39 12 
1 5Z1S PRO A 13 ? UNP O60885 ? ? 'expression tag' 40 13 
1 5Z1S ARG A 14 ? UNP O60885 ? ? 'expression tag' 41 14 
1 5Z1S GLY A 15 ? UNP O60885 ? ? 'expression tag' 42 15 
1 5Z1S SER A 16 ? UNP O60885 ? ? 'expression tag' 43 16 
# 
_pdbx_struct_assembly.id                   1 
_pdbx_struct_assembly.details              author_and_software_defined_assembly 
_pdbx_struct_assembly.method_details       PISA 
_pdbx_struct_assembly.oligomeric_details   monomeric 
_pdbx_struct_assembly.oligomeric_count     1 
# 
loop_
_pdbx_struct_assembly_prop.biol_id 
_pdbx_struct_assembly_prop.type 
_pdbx_struct_assembly_prop.value 
_pdbx_struct_assembly_prop.details 
1 'ABSA (A^2)' 120  ? 
1 MORE         1    ? 
1 'SSA (A^2)'  8580 ? 
# 
_pdbx_struct_assembly_gen.assembly_id       1 
_pdbx_struct_assembly_gen.oper_expression   1 
_pdbx_struct_assembly_gen.asym_id_list      A,B,C,D,E,F,G,H,I 
# 
_pdbx_struct_assembly_auth_evidence.id                     1 
_pdbx_struct_assembly_auth_evidence.assembly_id            1 
_pdbx_struct_assembly_auth_evidence.experimental_support   none 
_pdbx_struct_assembly_auth_evidence.details                ? 
# 
_pdbx_struct_oper_list.id                   1 
_pdbx_struct_oper_list.type                 'identity operation' 
_pdbx_struct_oper_list.name                 1_555 
_pdbx_struct_oper_list.symmetry_operation   x,y,z 
_pdbx_struct_oper_list.matrix[1][1]         1.0000000000 
_pdbx_struct_oper_list.matrix[1][2]         0.0000000000 
_pdbx_struct_oper_list.matrix[1][3]         0.0000000000 
_pdbx_struct_oper_list.vector[1]            0.0000000000 
_pdbx_struct_oper_list.matrix[2][1]         0.0000000000 
_pdbx_struct_oper_list.matrix[2][2]         1.0000000000 
_pdbx_struct_oper_list.matrix[2][3]         0.0000000000 
_pdbx_struct_oper_list.vector[2]            0.0000000000 
_pdbx_struct_oper_list.matrix[3][1]         0.0000000000 
_pdbx_struct_oper_list.matrix[3][2]         0.0000000000 
_pdbx_struct_oper_list.matrix[3][3]         1.0000000000 
_pdbx_struct_oper_list.vector[3]            0.0000000000 
# 
loop_
_struct_conf.conf_type_id 
_struct_conf.id 
_struct_conf.pdbx_PDB_helix_id 
_struct_conf.beg_label_comp_id 
_struct_conf.beg_label_asym_id 
_struct_conf.beg_label_seq_id 
_struct_conf.pdbx_beg_PDB_ins_code 
_struct_conf.end_label_comp_id 
_struct_conf.end_label_asym_id 
_struct_conf.end_label_seq_id 
_struct_conf.pdbx_end_PDB_ins_code 
_struct_conf.beg_auth_comp_id 
_struct_conf.beg_auth_asym_id 
_struct_conf.beg_auth_seq_id 
_struct_conf.end_auth_comp_id 
_struct_conf.end_auth_asym_id 
_struct_conf.end_auth_seq_id 
_struct_conf.pdbx_PDB_helix_class 
_struct_conf.details 
_struct_conf.pdbx_PDB_helix_length 
HELX_P HELX_P1 AA1 THR A 33  ? VAL A 42  ? THR A 60  VAL A 69  1 ? 10 
HELX_P HELX_P2 AA2 VAL A 42  ? LYS A 49  ? VAL A 69  LYS A 76  1 ? 8  
HELX_P HELX_P3 AA3 ALA A 53  ? GLN A 57  ? ALA A 80  GLN A 84  5 ? 5  
HELX_P HELX_P4 AA4 ASP A 69  ? ILE A 74  ? ASP A 96  ILE A 101 1 ? 6  
HELX_P HELX_P5 AA5 ASP A 79  ? ASN A 89  ? ASP A 106 ASN A 116 1 ? 11 
HELX_P HELX_P6 AA6 ASN A 94  ? ASN A 113 ? ASN A 121 ASN A 140 1 ? 20 
HELX_P HELX_P7 AA7 ASP A 117 ? GLU A 136 ? ASP A 144 GLU A 163 1 ? 20 
# 
_struct_conf_type.id          HELX_P 
_struct_conf_type.criteria    ? 
_struct_conf_type.reference   ? 
# 
_struct_mon_prot_cis.pdbx_id                1 
_struct_mon_prot_cis.label_comp_id          VAL 
_struct_mon_prot_cis.label_seq_id           12 
_struct_mon_prot_cis.label_asym_id          A 
_struct_mon_prot_cis.label_alt_id           . 
_struct_mon_prot_cis.pdbx_PDB_ins_code      ? 
_struct_mon_prot_cis.auth_comp_id           VAL 
_struct_mon_prot_cis.auth_seq_id            39 
_struct_mon_prot_cis.auth_asym_id           A 
_struct_mon_prot_cis.pdbx_label_comp_id_2   PRO 
_struct_mon_prot_cis.pdbx_label_seq_id_2    13 
_struct_mon_prot_cis.pdbx_label_asym_id_2   A 
_struct_mon_prot_cis.pdbx_PDB_ins_code_2    ? 
_struct_mon_prot_cis.pdbx_auth_comp_id_2    PRO 
_struct_mon_prot_cis.pdbx_auth_seq_id_2     40 
_struct_mon_prot_cis.pdbx_auth_asym_id_2    A 
_struct_mon_prot_cis.pdbx_PDB_model_num     1 
_struct_mon_prot_cis.pdbx_omega_angle       -4.43 
# 
loop_
_struct_site.id 
_struct_site.pdbx_evidence_code 
_struct_site.pdbx_auth_asym_id 
_struct_site.pdbx_auth_comp_id 
_struct_site.pdbx_auth_seq_id 
_struct_site.pdbx_auth_ins_code 
_struct_site.pdbx_num_residues 
_struct_site.details 
AC1 Software A EFM 201 ? 10 'binding site for residue EFM A 201' 
AC2 Software A NO3 202 ? 7  'binding site for residue NO3 A 202' 
AC3 Software A NO3 203 ? 9  'binding site for residue NO3 A 203' 
AC4 Software A EDO 204 ? 5  'binding site for residue EDO A 204' 
AC5 Software A EDO 205 ? 4  'binding site for residue EDO A 205' 
AC6 Software A EDO 206 ? 2  'binding site for residue EDO A 206' 
AC7 Software A GOL 207 ? 8  'binding site for residue GOL A 207' 
# 
loop_
_struct_site_gen.id 
_struct_site_gen.site_id 
_struct_site_gen.pdbx_num_res 
_struct_site_gen.label_comp_id 
_struct_site_gen.label_asym_id 
_struct_site_gen.label_seq_id 
_struct_site_gen.pdbx_auth_ins_code 
_struct_site_gen.auth_comp_id 
_struct_site_gen.auth_asym_id 
_struct_site_gen.auth_seq_id 
_struct_site_gen.label_atom_id 
_struct_site_gen.label_alt_id 
_struct_site_gen.symmetry 
_struct_site_gen.details 
1  AC1 10 TRP A 54  ? TRP A 81  . ? 1_555 ? 
2  AC1 10 VAL A 60  ? VAL A 87  . ? 1_555 ? 
3  AC1 10 LYS A 72  ? LYS A 99  . ? 4_455 ? 
4  AC1 10 ILE A 73  ? ILE A 100 . ? 4_455 ? 
5  AC1 10 ASN A 113 ? ASN A 140 . ? 1_555 ? 
6  AC1 10 ILE A 119 ? ILE A 146 . ? 1_555 ? 
7  AC1 10 MET A 122 ? MET A 149 . ? 1_555 ? 
8  AC1 10 HOH I .   ? HOH A 307 . ? 1_555 ? 
9  AC1 10 HOH I .   ? HOH A 325 . ? 1_555 ? 
10 AC1 10 HOH I .   ? HOH A 350 . ? 1_555 ? 
11 AC2 7  LYS A 28  ? LYS A 55  . ? 3_654 ? 
12 AC2 7  PRO A 29  ? PRO A 56  . ? 3_654 ? 
13 AC2 7  LYS A 30  ? LYS A 57  . ? 3_654 ? 
14 AC2 7  TYR A 71  ? TYR A 98  . ? 1_555 ? 
15 AC2 7  LYS A 72  ? LYS A 99  . ? 1_555 ? 
16 AC2 7  LYS A 75  ? LYS A 102 . ? 1_555 ? 
17 AC2 7  ASP A 118 ? ASP A 145 . ? 4_555 ? 
18 AC3 9  HIS A 7   ? HIS A 34  . ? 1_555 ? 
19 AC3 9  HIS A 8   ? HIS A 35  . ? 1_555 ? 
20 AC3 9  HIS A 9   ? HIS A 36  . ? 1_555 ? 
21 AC3 9  HIS A 10  ? HIS A 37  . ? 1_555 ? 
22 AC3 9  LEU A 11  ? LEU A 38  . ? 1_555 ? 
23 AC3 9  VAL A 12  ? VAL A 39  . ? 1_555 ? 
24 AC3 9  GLN A 96  ? GLN A 123 . ? 1_565 ? 
25 AC3 9  ILE A 99  ? ILE A 126 . ? 1_565 ? 
26 AC3 9  ASN A 103 ? ASN A 130 . ? 1_565 ? 
27 AC4 5  ILE A 73  ? ILE A 100 . ? 1_555 ? 
28 AC4 5  ILE A 74  ? ILE A 101 . ? 1_555 ? 
29 AC4 5  LYS A 75  ? LYS A 102 . ? 1_555 ? 
30 AC4 5  THR A 76  ? THR A 103 . ? 1_555 ? 
31 AC4 5  ASN A 108 ? ASN A 135 . ? 1_555 ? 
32 AC5 4  GLN A 51  ? GLN A 78  . ? 1_555 ? 
33 AC5 4  HOH I .   ? HOH A 301 . ? 1_555 ? 
34 AC5 4  HOH I .   ? HOH A 330 . ? 1_555 ? 
35 AC5 4  HOH I .   ? HOH A 334 . ? 1_555 ? 
36 AC6 2  PRO A 59  ? PRO A 86  . ? 1_555 ? 
37 AC6 2  HOH I .   ? HOH A 322 . ? 1_555 ? 
38 AC7 8  PRO A 19  ? PRO A 46  . ? 3_644 ? 
39 AC7 8  PRO A 20  ? PRO A 47  . ? 3_644 ? 
40 AC7 8  PRO A 21  ? PRO A 48  . ? 3_644 ? 
41 AC7 8  ARG A 31  ? ARG A 58  . ? 1_555 ? 
42 AC7 8  TRP A 93  ? TRP A 120 . ? 1_555 ? 
43 AC7 8  ASN A 94  ? ASN A 121 . ? 1_555 ? 
44 AC7 8  HOH I .   ? HOH A 315 . ? 1_555 ? 
45 AC7 8  HOH I .   ? HOH A 320 . ? 3_644 ? 
# 
loop_
_pdbx_validate_rmsd_angle.id 
_pdbx_validate_rmsd_angle.PDB_model_num 
_pdbx_validate_rmsd_angle.auth_atom_id_1 
_pdbx_validate_rmsd_angle.auth_asym_id_1 
_pdbx_validate_rmsd_angle.auth_comp_id_1 
_pdbx_validate_rmsd_angle.auth_seq_id_1 
_pdbx_validate_rmsd_angle.PDB_ins_code_1 
_pdbx_validate_rmsd_angle.label_alt_id_1 
_pdbx_validate_rmsd_angle.auth_atom_id_2 
_pdbx_validate_rmsd_angle.auth_asym_id_2 
_pdbx_validate_rmsd_angle.auth_comp_id_2 
_pdbx_validate_rmsd_angle.auth_seq_id_2 
_pdbx_validate_rmsd_angle.PDB_ins_code_2 
_pdbx_validate_rmsd_angle.label_alt_id_2 
_pdbx_validate_rmsd_angle.auth_atom_id_3 
_pdbx_validate_rmsd_angle.auth_asym_id_3 
_pdbx_validate_rmsd_angle.auth_comp_id_3 
_pdbx_validate_rmsd_angle.auth_seq_id_3 
_pdbx_validate_rmsd_angle.PDB_ins_code_3 
_pdbx_validate_rmsd_angle.label_alt_id_3 
_pdbx_validate_rmsd_angle.angle_value 
_pdbx_validate_rmsd_angle.angle_target_value 
_pdbx_validate_rmsd_angle.angle_deviation 
_pdbx_validate_rmsd_angle.angle_standard_deviation 
_pdbx_validate_rmsd_angle.linker_flag 
1 1 NE A ARG 113 ? ? CZ A ARG 113 ? ? NH1 A ARG 113 ? ? 124.67 120.30 4.37  0.50 N 
2 1 NE A ARG 113 ? ? CZ A ARG 113 ? ? NH2 A ARG 113 ? ? 116.45 120.30 -3.85 0.50 N 
# 
loop_
_pdbx_validate_torsion.id 
_pdbx_validate_torsion.PDB_model_num 
_pdbx_validate_torsion.auth_comp_id 
_pdbx_validate_torsion.auth_asym_id 
_pdbx_validate_torsion.auth_seq_id 
_pdbx_validate_torsion.PDB_ins_code 
_pdbx_validate_torsion.label_alt_id 
_pdbx_validate_torsion.phi 
_pdbx_validate_torsion.psi 
1 1 ASN A 52 ? ? -170.75 100.00 
2 1 LEU A 94 ? ? -116.14 70.89  
# 
loop_
_pdbx_unobs_or_zero_occ_residues.id 
_pdbx_unobs_or_zero_occ_residues.PDB_model_num 
_pdbx_unobs_or_zero_occ_residues.polymer_flag 
_pdbx_unobs_or_zero_occ_residues.occupancy_flag 
_pdbx_unobs_or_zero_occ_residues.auth_asym_id 
_pdbx_unobs_or_zero_occ_residues.auth_comp_id 
_pdbx_unobs_or_zero_occ_residues.auth_seq_id 
_pdbx_unobs_or_zero_occ_residues.PDB_ins_code 
_pdbx_unobs_or_zero_occ_residues.label_asym_id 
_pdbx_unobs_or_zero_occ_residues.label_comp_id 
_pdbx_unobs_or_zero_occ_residues.label_seq_id 
1 1 Y 1 A MET 28  ? A MET 1   
2 1 Y 1 A LYS 29  ? A LYS 2   
3 1 Y 1 A LYS 30  ? A LYS 3   
4 1 Y 1 A GLY 31  ? A GLY 4   
5 1 Y 1 A HIS 32  ? A HIS 5   
6 1 Y 1 A THR 166 ? A THR 139 
7 1 Y 1 A GLU 167 ? A GLU 140 
8 1 Y 1 A GLU 168 ? A GLU 141 
# 
loop_
_chem_comp_atom.comp_id 
_chem_comp_atom.atom_id 
_chem_comp_atom.type_symbol 
_chem_comp_atom.pdbx_aromatic_flag 
_chem_comp_atom.pdbx_stereo_config 
_chem_comp_atom.pdbx_ordinal 
ALA N    N  N N 1   
ALA CA   C  N S 2   
ALA C    C  N N 3   
ALA O    O  N N 4   
ALA CB   C  N N 5   
ALA OXT  O  N N 6   
ALA H    H  N N 7   
ALA H2   H  N N 8   
ALA HA   H  N N 9   
ALA HB1  H  N N 10  
ALA HB2  H  N N 11  
ALA HB3  H  N N 12  
ALA HXT  H  N N 13  
ARG N    N  N N 14  
ARG CA   C  N S 15  
ARG C    C  N N 16  
ARG O    O  N N 17  
ARG CB   C  N N 18  
ARG CG   C  N N 19  
ARG CD   C  N N 20  
ARG NE   N  N N 21  
ARG CZ   C  N N 22  
ARG NH1  N  N N 23  
ARG NH2  N  N N 24  
ARG OXT  O  N N 25  
ARG H    H  N N 26  
ARG H2   H  N N 27  
ARG HA   H  N N 28  
ARG HB2  H  N N 29  
ARG HB3  H  N N 30  
ARG HG2  H  N N 31  
ARG HG3  H  N N 32  
ARG HD2  H  N N 33  
ARG HD3  H  N N 34  
ARG HE   H  N N 35  
ARG HH11 H  N N 36  
ARG HH12 H  N N 37  
ARG HH21 H  N N 38  
ARG HH22 H  N N 39  
ARG HXT  H  N N 40  
ASN N    N  N N 41  
ASN CA   C  N S 42  
ASN C    C  N N 43  
ASN O    O  N N 44  
ASN CB   C  N N 45  
ASN CG   C  N N 46  
ASN OD1  O  N N 47  
ASN ND2  N  N N 48  
ASN OXT  O  N N 49  
ASN H    H  N N 50  
ASN H2   H  N N 51  
ASN HA   H  N N 52  
ASN HB2  H  N N 53  
ASN HB3  H  N N 54  
ASN HD21 H  N N 55  
ASN HD22 H  N N 56  
ASN HXT  H  N N 57  
ASP N    N  N N 58  
ASP CA   C  N S 59  
ASP C    C  N N 60  
ASP O    O  N N 61  
ASP CB   C  N N 62  
ASP CG   C  N N 63  
ASP OD1  O  N N 64  
ASP OD2  O  N N 65  
ASP OXT  O  N N 66  
ASP H    H  N N 67  
ASP H2   H  N N 68  
ASP HA   H  N N 69  
ASP HB2  H  N N 70  
ASP HB3  H  N N 71  
ASP HD2  H  N N 72  
ASP HXT  H  N N 73  
CYS N    N  N N 74  
CYS CA   C  N R 75  
CYS C    C  N N 76  
CYS O    O  N N 77  
CYS CB   C  N N 78  
CYS SG   S  N N 79  
CYS OXT  O  N N 80  
CYS H    H  N N 81  
CYS H2   H  N N 82  
CYS HA   H  N N 83  
CYS HB2  H  N N 84  
CYS HB3  H  N N 85  
CYS HG   H  N N 86  
CYS HXT  H  N N 87  
EDO C1   C  N N 88  
EDO O1   O  N N 89  
EDO C2   C  N N 90  
EDO O2   O  N N 91  
EDO H11  H  N N 92  
EDO H12  H  N N 93  
EDO HO1  H  N N 94  
EDO H21  H  N N 95  
EDO H22  H  N N 96  
EDO HO2  H  N N 97  
EFM CBA  C  N N 98  
EFM OAK  O  N N 99  
EFM CAB  C  Y N 100 
EFM CAA  C  Y N 101 
EFM CAF  C  Y N 102 
EFM NAJ  N  N N 103 
EFM CAI  C  N N 104 
EFM OAZ  O  N N 105 
EFM CAH  C  N N 106 
EFM CAX  C  N N 107 
EFM CAY  C  N N 108 
EFM OAG  O  N N 109 
EFM CAE  C  Y N 110 
EFM CAD  C  Y N 111 
EFM CAC  C  Y N 112 
EFM NAL  N  N N 113 
EFM SAM  S  N N 114 
EFM OAN  O  N N 115 
EFM OAO  O  N N 116 
EFM CAP  C  Y N 117 
EFM CAU  C  Y N 118 
EFM CAT  C  Y N 119 
EFM BR   BR N N 120 
EFM CAS  C  Y N 121 
EFM CAR  C  Y N 122 
EFM CAQ  C  Y N 123 
EFM OAV  O  N N 124 
EFM CBB  C  N N 125 
EFM H1   H  N N 126 
EFM H2   H  N N 127 
EFM H3   H  N N 128 
EFM H4   H  N N 129 
EFM H5   H  N N 130 
EFM H6   H  N N 131 
EFM H7   H  N N 132 
EFM H8   H  N N 133 
EFM H9   H  N N 134 
EFM H10  H  N N 135 
EFM H11  H  N N 136 
EFM H12  H  N N 137 
EFM H13  H  N N 138 
EFM H14  H  N N 139 
EFM H15  H  N N 140 
EFM H16  H  N N 141 
EFM H17  H  N N 142 
EFM H18  H  N N 143 
EFM H19  H  N N 144 
GLN N    N  N N 145 
GLN CA   C  N S 146 
GLN C    C  N N 147 
GLN O    O  N N 148 
GLN CB   C  N N 149 
GLN CG   C  N N 150 
GLN CD   C  N N 151 
GLN OE1  O  N N 152 
GLN NE2  N  N N 153 
GLN OXT  O  N N 154 
GLN H    H  N N 155 
GLN H2   H  N N 156 
GLN HA   H  N N 157 
GLN HB2  H  N N 158 
GLN HB3  H  N N 159 
GLN HG2  H  N N 160 
GLN HG3  H  N N 161 
GLN HE21 H  N N 162 
GLN HE22 H  N N 163 
GLN HXT  H  N N 164 
GLU N    N  N N 165 
GLU CA   C  N S 166 
GLU C    C  N N 167 
GLU O    O  N N 168 
GLU CB   C  N N 169 
GLU CG   C  N N 170 
GLU CD   C  N N 171 
GLU OE1  O  N N 172 
GLU OE2  O  N N 173 
GLU OXT  O  N N 174 
GLU H    H  N N 175 
GLU H2   H  N N 176 
GLU HA   H  N N 177 
GLU HB2  H  N N 178 
GLU HB3  H  N N 179 
GLU HG2  H  N N 180 
GLU HG3  H  N N 181 
GLU HE2  H  N N 182 
GLU HXT  H  N N 183 
GLY N    N  N N 184 
GLY CA   C  N N 185 
GLY C    C  N N 186 
GLY O    O  N N 187 
GLY OXT  O  N N 188 
GLY H    H  N N 189 
GLY H2   H  N N 190 
GLY HA2  H  N N 191 
GLY HA3  H  N N 192 
GLY HXT  H  N N 193 
GOL C1   C  N N 194 
GOL O1   O  N N 195 
GOL C2   C  N N 196 
GOL O2   O  N N 197 
GOL C3   C  N N 198 
GOL O3   O  N N 199 
GOL H11  H  N N 200 
GOL H12  H  N N 201 
GOL HO1  H  N N 202 
GOL H2   H  N N 203 
GOL HO2  H  N N 204 
GOL H31  H  N N 205 
GOL H32  H  N N 206 
GOL HO3  H  N N 207 
HIS N    N  N N 208 
HIS CA   C  N S 209 
HIS C    C  N N 210 
HIS O    O  N N 211 
HIS CB   C  N N 212 
HIS CG   C  Y N 213 
HIS ND1  N  Y N 214 
HIS CD2  C  Y N 215 
HIS CE1  C  Y N 216 
HIS NE2  N  Y N 217 
HIS OXT  O  N N 218 
HIS H    H  N N 219 
HIS H2   H  N N 220 
HIS HA   H  N N 221 
HIS HB2  H  N N 222 
HIS HB3  H  N N 223 
HIS HD1  H  N N 224 
HIS HD2  H  N N 225 
HIS HE1  H  N N 226 
HIS HE2  H  N N 227 
HIS HXT  H  N N 228 
HOH O    O  N N 229 
HOH H1   H  N N 230 
HOH H2   H  N N 231 
ILE N    N  N N 232 
ILE CA   C  N S 233 
ILE C    C  N N 234 
ILE O    O  N N 235 
ILE CB   C  N S 236 
ILE CG1  C  N N 237 
ILE CG2  C  N N 238 
ILE CD1  C  N N 239 
ILE OXT  O  N N 240 
ILE H    H  N N 241 
ILE H2   H  N N 242 
ILE HA   H  N N 243 
ILE HB   H  N N 244 
ILE HG12 H  N N 245 
ILE HG13 H  N N 246 
ILE HG21 H  N N 247 
ILE HG22 H  N N 248 
ILE HG23 H  N N 249 
ILE HD11 H  N N 250 
ILE HD12 H  N N 251 
ILE HD13 H  N N 252 
ILE HXT  H  N N 253 
LEU N    N  N N 254 
LEU CA   C  N S 255 
LEU C    C  N N 256 
LEU O    O  N N 257 
LEU CB   C  N N 258 
LEU CG   C  N N 259 
LEU CD1  C  N N 260 
LEU CD2  C  N N 261 
LEU OXT  O  N N 262 
LEU H    H  N N 263 
LEU H2   H  N N 264 
LEU HA   H  N N 265 
LEU HB2  H  N N 266 
LEU HB3  H  N N 267 
LEU HG   H  N N 268 
LEU HD11 H  N N 269 
LEU HD12 H  N N 270 
LEU HD13 H  N N 271 
LEU HD21 H  N N 272 
LEU HD22 H  N N 273 
LEU HD23 H  N N 274 
LEU HXT  H  N N 275 
LYS N    N  N N 276 
LYS CA   C  N S 277 
LYS C    C  N N 278 
LYS O    O  N N 279 
LYS CB   C  N N 280 
LYS CG   C  N N 281 
LYS CD   C  N N 282 
LYS CE   C  N N 283 
LYS NZ   N  N N 284 
LYS OXT  O  N N 285 
LYS H    H  N N 286 
LYS H2   H  N N 287 
LYS HA   H  N N 288 
LYS HB2  H  N N 289 
LYS HB3  H  N N 290 
LYS HG2  H  N N 291 
LYS HG3  H  N N 292 
LYS HD2  H  N N 293 
LYS HD3  H  N N 294 
LYS HE2  H  N N 295 
LYS HE3  H  N N 296 
LYS HZ1  H  N N 297 
LYS HZ2  H  N N 298 
LYS HZ3  H  N N 299 
LYS HXT  H  N N 300 
MET N    N  N N 301 
MET CA   C  N S 302 
MET C    C  N N 303 
MET O    O  N N 304 
MET CB   C  N N 305 
MET CG   C  N N 306 
MET SD   S  N N 307 
MET CE   C  N N 308 
MET OXT  O  N N 309 
MET H    H  N N 310 
MET H2   H  N N 311 
MET HA   H  N N 312 
MET HB2  H  N N 313 
MET HB3  H  N N 314 
MET HG2  H  N N 315 
MET HG3  H  N N 316 
MET HE1  H  N N 317 
MET HE2  H  N N 318 
MET HE3  H  N N 319 
MET HXT  H  N N 320 
NO3 N    N  N N 321 
NO3 O1   O  N N 322 
NO3 O2   O  N N 323 
NO3 O3   O  N N 324 
PHE N    N  N N 325 
PHE CA   C  N S 326 
PHE C    C  N N 327 
PHE O    O  N N 328 
PHE CB   C  N N 329 
PHE CG   C  Y N 330 
PHE CD1  C  Y N 331 
PHE CD2  C  Y N 332 
PHE CE1  C  Y N 333 
PHE CE2  C  Y N 334 
PHE CZ   C  Y N 335 
PHE OXT  O  N N 336 
PHE H    H  N N 337 
PHE H2   H  N N 338 
PHE HA   H  N N 339 
PHE HB2  H  N N 340 
PHE HB3  H  N N 341 
PHE HD1  H  N N 342 
PHE HD2  H  N N 343 
PHE HE1  H  N N 344 
PHE HE2  H  N N 345 
PHE HZ   H  N N 346 
PHE HXT  H  N N 347 
PRO N    N  N N 348 
PRO CA   C  N S 349 
PRO C    C  N N 350 
PRO O    O  N N 351 
PRO CB   C  N N 352 
PRO CG   C  N N 353 
PRO CD   C  N N 354 
PRO OXT  O  N N 355 
PRO H    H  N N 356 
PRO HA   H  N N 357 
PRO HB2  H  N N 358 
PRO HB3  H  N N 359 
PRO HG2  H  N N 360 
PRO HG3  H  N N 361 
PRO HD2  H  N N 362 
PRO HD3  H  N N 363 
PRO HXT  H  N N 364 
SER N    N  N N 365 
SER CA   C  N S 366 
SER C    C  N N 367 
SER O    O  N N 368 
SER CB   C  N N 369 
SER OG   O  N N 370 
SER OXT  O  N N 371 
SER H    H  N N 372 
SER H2   H  N N 373 
SER HA   H  N N 374 
SER HB2  H  N N 375 
SER HB3  H  N N 376 
SER HG   H  N N 377 
SER HXT  H  N N 378 
THR N    N  N N 379 
THR CA   C  N S 380 
THR C    C  N N 381 
THR O    O  N N 382 
THR CB   C  N R 383 
THR OG1  O  N N 384 
THR CG2  C  N N 385 
THR OXT  O  N N 386 
THR H    H  N N 387 
THR H2   H  N N 388 
THR HA   H  N N 389 
THR HB   H  N N 390 
THR HG1  H  N N 391 
THR HG21 H  N N 392 
THR HG22 H  N N 393 
THR HG23 H  N N 394 
THR HXT  H  N N 395 
TRP N    N  N N 396 
TRP CA   C  N S 397 
TRP C    C  N N 398 
TRP O    O  N N 399 
TRP CB   C  N N 400 
TRP CG   C  Y N 401 
TRP CD1  C  Y N 402 
TRP CD2  C  Y N 403 
TRP NE1  N  Y N 404 
TRP CE2  C  Y N 405 
TRP CE3  C  Y N 406 
TRP CZ2  C  Y N 407 
TRP CZ3  C  Y N 408 
TRP CH2  C  Y N 409 
TRP OXT  O  N N 410 
TRP H    H  N N 411 
TRP H2   H  N N 412 
TRP HA   H  N N 413 
TRP HB2  H  N N 414 
TRP HB3  H  N N 415 
TRP HD1  H  N N 416 
TRP HE1  H  N N 417 
TRP HE3  H  N N 418 
TRP HZ2  H  N N 419 
TRP HZ3  H  N N 420 
TRP HH2  H  N N 421 
TRP HXT  H  N N 422 
TYR N    N  N N 423 
TYR CA   C  N S 424 
TYR C    C  N N 425 
TYR O    O  N N 426 
TYR CB   C  N N 427 
TYR CG   C  Y N 428 
TYR CD1  C  Y N 429 
TYR CD2  C  Y N 430 
TYR CE1  C  Y N 431 
TYR CE2  C  Y N 432 
TYR CZ   C  Y N 433 
TYR OH   O  N N 434 
TYR OXT  O  N N 435 
TYR H    H  N N 436 
TYR H2   H  N N 437 
TYR HA   H  N N 438 
TYR HB2  H  N N 439 
TYR HB3  H  N N 440 
TYR HD1  H  N N 441 
TYR HD2  H  N N 442 
TYR HE1  H  N N 443 
TYR HE2  H  N N 444 
TYR HH   H  N N 445 
TYR HXT  H  N N 446 
VAL N    N  N N 447 
VAL CA   C  N S 448 
VAL C    C  N N 449 
VAL O    O  N N 450 
VAL CB   C  N N 451 
VAL CG1  C  N N 452 
VAL CG2  C  N N 453 
VAL OXT  O  N N 454 
VAL H    H  N N 455 
VAL H2   H  N N 456 
VAL HA   H  N N 457 
VAL HB   H  N N 458 
VAL HG11 H  N N 459 
VAL HG12 H  N N 460 
VAL HG13 H  N N 461 
VAL HG21 H  N N 462 
VAL HG22 H  N N 463 
VAL HG23 H  N N 464 
VAL HXT  H  N N 465 
# 
loop_
_chem_comp_bond.comp_id 
_chem_comp_bond.atom_id_1 
_chem_comp_bond.atom_id_2 
_chem_comp_bond.value_order 
_chem_comp_bond.pdbx_aromatic_flag 
_chem_comp_bond.pdbx_stereo_config 
_chem_comp_bond.pdbx_ordinal 
ALA N   CA   sing N N 1   
ALA N   H    sing N N 2   
ALA N   H2   sing N N 3   
ALA CA  C    sing N N 4   
ALA CA  CB   sing N N 5   
ALA CA  HA   sing N N 6   
ALA C   O    doub N N 7   
ALA C   OXT  sing N N 8   
ALA CB  HB1  sing N N 9   
ALA CB  HB2  sing N N 10  
ALA CB  HB3  sing N N 11  
ALA OXT HXT  sing N N 12  
ARG N   CA   sing N N 13  
ARG N   H    sing N N 14  
ARG N   H2   sing N N 15  
ARG CA  C    sing N N 16  
ARG CA  CB   sing N N 17  
ARG CA  HA   sing N N 18  
ARG C   O    doub N N 19  
ARG C   OXT  sing N N 20  
ARG CB  CG   sing N N 21  
ARG CB  HB2  sing N N 22  
ARG CB  HB3  sing N N 23  
ARG CG  CD   sing N N 24  
ARG CG  HG2  sing N N 25  
ARG CG  HG3  sing N N 26  
ARG CD  NE   sing N N 27  
ARG CD  HD2  sing N N 28  
ARG CD  HD3  sing N N 29  
ARG NE  CZ   sing N N 30  
ARG NE  HE   sing N N 31  
ARG CZ  NH1  sing N N 32  
ARG CZ  NH2  doub N N 33  
ARG NH1 HH11 sing N N 34  
ARG NH1 HH12 sing N N 35  
ARG NH2 HH21 sing N N 36  
ARG NH2 HH22 sing N N 37  
ARG OXT HXT  sing N N 38  
ASN N   CA   sing N N 39  
ASN N   H    sing N N 40  
ASN N   H2   sing N N 41  
ASN CA  C    sing N N 42  
ASN CA  CB   sing N N 43  
ASN CA  HA   sing N N 44  
ASN C   O    doub N N 45  
ASN C   OXT  sing N N 46  
ASN CB  CG   sing N N 47  
ASN CB  HB2  sing N N 48  
ASN CB  HB3  sing N N 49  
ASN CG  OD1  doub N N 50  
ASN CG  ND2  sing N N 51  
ASN ND2 HD21 sing N N 52  
ASN ND2 HD22 sing N N 53  
ASN OXT HXT  sing N N 54  
ASP N   CA   sing N N 55  
ASP N   H    sing N N 56  
ASP N   H2   sing N N 57  
ASP CA  C    sing N N 58  
ASP CA  CB   sing N N 59  
ASP CA  HA   sing N N 60  
ASP C   O    doub N N 61  
ASP C   OXT  sing N N 62  
ASP CB  CG   sing N N 63  
ASP CB  HB2  sing N N 64  
ASP CB  HB3  sing N N 65  
ASP CG  OD1  doub N N 66  
ASP CG  OD2  sing N N 67  
ASP OD2 HD2  sing N N 68  
ASP OXT HXT  sing N N 69  
CYS N   CA   sing N N 70  
CYS N   H    sing N N 71  
CYS N   H2   sing N N 72  
CYS CA  C    sing N N 73  
CYS CA  CB   sing N N 74  
CYS CA  HA   sing N N 75  
CYS C   O    doub N N 76  
CYS C   OXT  sing N N 77  
CYS CB  SG   sing N N 78  
CYS CB  HB2  sing N N 79  
CYS CB  HB3  sing N N 80  
CYS SG  HG   sing N N 81  
CYS OXT HXT  sing N N 82  
EDO C1  O1   sing N N 83  
EDO C1  C2   sing N N 84  
EDO C1  H11  sing N N 85  
EDO C1  H12  sing N N 86  
EDO O1  HO1  sing N N 87  
EDO C2  O2   sing N N 88  
EDO C2  H21  sing N N 89  
EDO C2  H22  sing N N 90  
EDO O2  HO2  sing N N 91  
EFM CAX CAH  sing N N 92  
EFM CAY CAH  sing N N 93  
EFM CAH CAI  sing N N 94  
EFM CAH OAG  sing N N 95  
EFM OAZ CAI  doub N N 96  
EFM CAI NAJ  sing N N 97  
EFM OAG CAE  sing N N 98  
EFM CAE CAD  doub Y N 99  
EFM CAE CAF  sing Y N 100 
EFM CAD CAC  sing Y N 101 
EFM NAJ CAF  sing N N 102 
EFM CAF CAA  doub Y N 103 
EFM OAN SAM  doub N N 104 
EFM CAC NAL  sing N N 105 
EFM CAC CAB  doub Y N 106 
EFM NAL SAM  sing N N 107 
EFM CAA CAB  sing Y N 108 
EFM CAB OAK  sing N N 109 
EFM SAM OAO  doub N N 110 
EFM SAM CAP  sing N N 111 
EFM OAK CBA  sing N N 112 
EFM CAP CAU  doub Y N 113 
EFM CAP CAQ  sing Y N 114 
EFM CAU CAT  sing Y N 115 
EFM OAV CAQ  sing N N 116 
EFM OAV CBB  sing N N 117 
EFM CAQ CAR  doub Y N 118 
EFM CAT BR   sing N N 119 
EFM CAT CAS  doub Y N 120 
EFM CAR CAS  sing Y N 121 
EFM CBA H1   sing N N 122 
EFM CBA H2   sing N N 123 
EFM CBA H3   sing N N 124 
EFM CAA H4   sing N N 125 
EFM NAJ H5   sing N N 126 
EFM CAX H6   sing N N 127 
EFM CAX H7   sing N N 128 
EFM CAX H8   sing N N 129 
EFM CAY H9   sing N N 130 
EFM CAY H10  sing N N 131 
EFM CAY H11  sing N N 132 
EFM CAD H12  sing N N 133 
EFM NAL H13  sing N N 134 
EFM CAU H14  sing N N 135 
EFM CAS H15  sing N N 136 
EFM CAR H16  sing N N 137 
EFM CBB H17  sing N N 138 
EFM CBB H18  sing N N 139 
EFM CBB H19  sing N N 140 
GLN N   CA   sing N N 141 
GLN N   H    sing N N 142 
GLN N   H2   sing N N 143 
GLN CA  C    sing N N 144 
GLN CA  CB   sing N N 145 
GLN CA  HA   sing N N 146 
GLN C   O    doub N N 147 
GLN C   OXT  sing N N 148 
GLN CB  CG   sing N N 149 
GLN CB  HB2  sing N N 150 
GLN CB  HB3  sing N N 151 
GLN CG  CD   sing N N 152 
GLN CG  HG2  sing N N 153 
GLN CG  HG3  sing N N 154 
GLN CD  OE1  doub N N 155 
GLN CD  NE2  sing N N 156 
GLN NE2 HE21 sing N N 157 
GLN NE2 HE22 sing N N 158 
GLN OXT HXT  sing N N 159 
GLU N   CA   sing N N 160 
GLU N   H    sing N N 161 
GLU N   H2   sing N N 162 
GLU CA  C    sing N N 163 
GLU CA  CB   sing N N 164 
GLU CA  HA   sing N N 165 
GLU C   O    doub N N 166 
GLU C   OXT  sing N N 167 
GLU CB  CG   sing N N 168 
GLU CB  HB2  sing N N 169 
GLU CB  HB3  sing N N 170 
GLU CG  CD   sing N N 171 
GLU CG  HG2  sing N N 172 
GLU CG  HG3  sing N N 173 
GLU CD  OE1  doub N N 174 
GLU CD  OE2  sing N N 175 
GLU OE2 HE2  sing N N 176 
GLU OXT HXT  sing N N 177 
GLY N   CA   sing N N 178 
GLY N   H    sing N N 179 
GLY N   H2   sing N N 180 
GLY CA  C    sing N N 181 
GLY CA  HA2  sing N N 182 
GLY CA  HA3  sing N N 183 
GLY C   O    doub N N 184 
GLY C   OXT  sing N N 185 
GLY OXT HXT  sing N N 186 
GOL C1  O1   sing N N 187 
GOL C1  C2   sing N N 188 
GOL C1  H11  sing N N 189 
GOL C1  H12  sing N N 190 
GOL O1  HO1  sing N N 191 
GOL C2  O2   sing N N 192 
GOL C2  C3   sing N N 193 
GOL C2  H2   sing N N 194 
GOL O2  HO2  sing N N 195 
GOL C3  O3   sing N N 196 
GOL C3  H31  sing N N 197 
GOL C3  H32  sing N N 198 
GOL O3  HO3  sing N N 199 
HIS N   CA   sing N N 200 
HIS N   H    sing N N 201 
HIS N   H2   sing N N 202 
HIS CA  C    sing N N 203 
HIS CA  CB   sing N N 204 
HIS CA  HA   sing N N 205 
HIS C   O    doub N N 206 
HIS C   OXT  sing N N 207 
HIS CB  CG   sing N N 208 
HIS CB  HB2  sing N N 209 
HIS CB  HB3  sing N N 210 
HIS CG  ND1  sing Y N 211 
HIS CG  CD2  doub Y N 212 
HIS ND1 CE1  doub Y N 213 
HIS ND1 HD1  sing N N 214 
HIS CD2 NE2  sing Y N 215 
HIS CD2 HD2  sing N N 216 
HIS CE1 NE2  sing Y N 217 
HIS CE1 HE1  sing N N 218 
HIS NE2 HE2  sing N N 219 
HIS OXT HXT  sing N N 220 
HOH O   H1   sing N N 221 
HOH O   H2   sing N N 222 
ILE N   CA   sing N N 223 
ILE N   H    sing N N 224 
ILE N   H2   sing N N 225 
ILE CA  C    sing N N 226 
ILE CA  CB   sing N N 227 
ILE CA  HA   sing N N 228 
ILE C   O    doub N N 229 
ILE C   OXT  sing N N 230 
ILE CB  CG1  sing N N 231 
ILE CB  CG2  sing N N 232 
ILE CB  HB   sing N N 233 
ILE CG1 CD1  sing N N 234 
ILE CG1 HG12 sing N N 235 
ILE CG1 HG13 sing N N 236 
ILE CG2 HG21 sing N N 237 
ILE CG2 HG22 sing N N 238 
ILE CG2 HG23 sing N N 239 
ILE CD1 HD11 sing N N 240 
ILE CD1 HD12 sing N N 241 
ILE CD1 HD13 sing N N 242 
ILE OXT HXT  sing N N 243 
LEU N   CA   sing N N 244 
LEU N   H    sing N N 245 
LEU N   H2   sing N N 246 
LEU CA  C    sing N N 247 
LEU CA  CB   sing N N 248 
LEU CA  HA   sing N N 249 
LEU C   O    doub N N 250 
LEU C   OXT  sing N N 251 
LEU CB  CG   sing N N 252 
LEU CB  HB2  sing N N 253 
LEU CB  HB3  sing N N 254 
LEU CG  CD1  sing N N 255 
LEU CG  CD2  sing N N 256 
LEU CG  HG   sing N N 257 
LEU CD1 HD11 sing N N 258 
LEU CD1 HD12 sing N N 259 
LEU CD1 HD13 sing N N 260 
LEU CD2 HD21 sing N N 261 
LEU CD2 HD22 sing N N 262 
LEU CD2 HD23 sing N N 263 
LEU OXT HXT  sing N N 264 
LYS N   CA   sing N N 265 
LYS N   H    sing N N 266 
LYS N   H2   sing N N 267 
LYS CA  C    sing N N 268 
LYS CA  CB   sing N N 269 
LYS CA  HA   sing N N 270 
LYS C   O    doub N N 271 
LYS C   OXT  sing N N 272 
LYS CB  CG   sing N N 273 
LYS CB  HB2  sing N N 274 
LYS CB  HB3  sing N N 275 
LYS CG  CD   sing N N 276 
LYS CG  HG2  sing N N 277 
LYS CG  HG3  sing N N 278 
LYS CD  CE   sing N N 279 
LYS CD  HD2  sing N N 280 
LYS CD  HD3  sing N N 281 
LYS CE  NZ   sing N N 282 
LYS CE  HE2  sing N N 283 
LYS CE  HE3  sing N N 284 
LYS NZ  HZ1  sing N N 285 
LYS NZ  HZ2  sing N N 286 
LYS NZ  HZ3  sing N N 287 
LYS OXT HXT  sing N N 288 
MET N   CA   sing N N 289 
MET N   H    sing N N 290 
MET N   H2   sing N N 291 
MET CA  C    sing N N 292 
MET CA  CB   sing N N 293 
MET CA  HA   sing N N 294 
MET C   O    doub N N 295 
MET C   OXT  sing N N 296 
MET CB  CG   sing N N 297 
MET CB  HB2  sing N N 298 
MET CB  HB3  sing N N 299 
MET CG  SD   sing N N 300 
MET CG  HG2  sing N N 301 
MET CG  HG3  sing N N 302 
MET SD  CE   sing N N 303 
MET CE  HE1  sing N N 304 
MET CE  HE2  sing N N 305 
MET CE  HE3  sing N N 306 
MET OXT HXT  sing N N 307 
NO3 N   O1   doub N N 308 
NO3 N   O2   sing N N 309 
NO3 N   O3   sing N N 310 
PHE N   CA   sing N N 311 
PHE N   H    sing N N 312 
PHE N   H2   sing N N 313 
PHE CA  C    sing N N 314 
PHE CA  CB   sing N N 315 
PHE CA  HA   sing N N 316 
PHE C   O    doub N N 317 
PHE C   OXT  sing N N 318 
PHE CB  CG   sing N N 319 
PHE CB  HB2  sing N N 320 
PHE CB  HB3  sing N N 321 
PHE CG  CD1  doub Y N 322 
PHE CG  CD2  sing Y N 323 
PHE CD1 CE1  sing Y N 324 
PHE CD1 HD1  sing N N 325 
PHE CD2 CE2  doub Y N 326 
PHE CD2 HD2  sing N N 327 
PHE CE1 CZ   doub Y N 328 
PHE CE1 HE1  sing N N 329 
PHE CE2 CZ   sing Y N 330 
PHE CE2 HE2  sing N N 331 
PHE CZ  HZ   sing N N 332 
PHE OXT HXT  sing N N 333 
PRO N   CA   sing N N 334 
PRO N   CD   sing N N 335 
PRO N   H    sing N N 336 
PRO CA  C    sing N N 337 
PRO CA  CB   sing N N 338 
PRO CA  HA   sing N N 339 
PRO C   O    doub N N 340 
PRO C   OXT  sing N N 341 
PRO CB  CG   sing N N 342 
PRO CB  HB2  sing N N 343 
PRO CB  HB3  sing N N 344 
PRO CG  CD   sing N N 345 
PRO CG  HG2  sing N N 346 
PRO CG  HG3  sing N N 347 
PRO CD  HD2  sing N N 348 
PRO CD  HD3  sing N N 349 
PRO OXT HXT  sing N N 350 
SER N   CA   sing N N 351 
SER N   H    sing N N 352 
SER N   H2   sing N N 353 
SER CA  C    sing N N 354 
SER CA  CB   sing N N 355 
SER CA  HA   sing N N 356 
SER C   O    doub N N 357 
SER C   OXT  sing N N 358 
SER CB  OG   sing N N 359 
SER CB  HB2  sing N N 360 
SER CB  HB3  sing N N 361 
SER OG  HG   sing N N 362 
SER OXT HXT  sing N N 363 
THR N   CA   sing N N 364 
THR N   H    sing N N 365 
THR N   H2   sing N N 366 
THR CA  C    sing N N 367 
THR CA  CB   sing N N 368 
THR CA  HA   sing N N 369 
THR C   O    doub N N 370 
THR C   OXT  sing N N 371 
THR CB  OG1  sing N N 372 
THR CB  CG2  sing N N 373 
THR CB  HB   sing N N 374 
THR OG1 HG1  sing N N 375 
THR CG2 HG21 sing N N 376 
THR CG2 HG22 sing N N 377 
THR CG2 HG23 sing N N 378 
THR OXT HXT  sing N N 379 
TRP N   CA   sing N N 380 
TRP N   H    sing N N 381 
TRP N   H2   sing N N 382 
TRP CA  C    sing N N 383 
TRP CA  CB   sing N N 384 
TRP CA  HA   sing N N 385 
TRP C   O    doub N N 386 
TRP C   OXT  sing N N 387 
TRP CB  CG   sing N N 388 
TRP CB  HB2  sing N N 389 
TRP CB  HB3  sing N N 390 
TRP CG  CD1  doub Y N 391 
TRP CG  CD2  sing Y N 392 
TRP CD1 NE1  sing Y N 393 
TRP CD1 HD1  sing N N 394 
TRP CD2 CE2  doub Y N 395 
TRP CD2 CE3  sing Y N 396 
TRP NE1 CE2  sing Y N 397 
TRP NE1 HE1  sing N N 398 
TRP CE2 CZ2  sing Y N 399 
TRP CE3 CZ3  doub Y N 400 
TRP CE3 HE3  sing N N 401 
TRP CZ2 CH2  doub Y N 402 
TRP CZ2 HZ2  sing N N 403 
TRP CZ3 CH2  sing Y N 404 
TRP CZ3 HZ3  sing N N 405 
TRP CH2 HH2  sing N N 406 
TRP OXT HXT  sing N N 407 
TYR N   CA   sing N N 408 
TYR N   H    sing N N 409 
TYR N   H2   sing N N 410 
TYR CA  C    sing N N 411 
TYR CA  CB   sing N N 412 
TYR CA  HA   sing N N 413 
TYR C   O    doub N N 414 
TYR C   OXT  sing N N 415 
TYR CB  CG   sing N N 416 
TYR CB  HB2  sing N N 417 
TYR CB  HB3  sing N N 418 
TYR CG  CD1  doub Y N 419 
TYR CG  CD2  sing Y N 420 
TYR CD1 CE1  sing Y N 421 
TYR CD1 HD1  sing N N 422 
TYR CD2 CE2  doub Y N 423 
TYR CD2 HD2  sing N N 424 
TYR CE1 CZ   doub Y N 425 
TYR CE1 HE1  sing N N 426 
TYR CE2 CZ   sing Y N 427 
TYR CE2 HE2  sing N N 428 
TYR CZ  OH   sing N N 429 
TYR OH  HH   sing N N 430 
TYR OXT HXT  sing N N 431 
VAL N   CA   sing N N 432 
VAL N   H    sing N N 433 
VAL N   H2   sing N N 434 
VAL CA  C    sing N N 435 
VAL CA  CB   sing N N 436 
VAL CA  HA   sing N N 437 
VAL C   O    doub N N 438 
VAL C   OXT  sing N N 439 
VAL CB  CG1  sing N N 440 
VAL CB  CG2  sing N N 441 
VAL CB  HB   sing N N 442 
VAL CG1 HG11 sing N N 443 
VAL CG1 HG12 sing N N 444 
VAL CG1 HG13 sing N N 445 
VAL CG2 HG21 sing N N 446 
VAL CG2 HG22 sing N N 447 
VAL CG2 HG23 sing N N 448 
VAL OXT HXT  sing N N 449 
# 
_atom_sites.entry_id                    5Z1S 
_atom_sites.fract_transf_matrix[1][1]   0.01573692 
_atom_sites.fract_transf_matrix[1][2]   0.02232020 
_atom_sites.fract_transf_matrix[1][3]   0.00817009 
_atom_sites.fract_transf_matrix[2][1]   -0.01500775 
_atom_sites.fract_transf_matrix[2][2]   0.00545731 
_atom_sites.fract_transf_matrix[2][3]   0.01399831 
_atom_sites.fract_transf_matrix[3][1]   0.00566068 
_atom_sites.fract_transf_matrix[3][2]   -0.00724665 
_atom_sites.fract_transf_matrix[3][3]   0.00889402 
_atom_sites.fract_transf_vector[1]      0.340138 
_atom_sites.fract_transf_vector[2]      -0.011791 
_atom_sites.fract_transf_vector[3]      -0.105883 
# 
loop_
_atom_type.symbol 
BR 
C  
N  
O  
S  
# 
loop_
_atom_site.group_PDB 
_atom_site.id 
_atom_site.type_symbol 
_atom_site.label_atom_id 
_atom_site.label_alt_id 
_atom_site.label_comp_id 
_atom_site.label_asym_id 
_atom_site.label_entity_id 
_atom_site.label_seq_id 
_atom_site.pdbx_PDB_ins_code 
_atom_site.Cartn_x 
_atom_site.Cartn_y 
_atom_site.Cartn_z 
_atom_site.occupancy 
_atom_site.B_iso_or_equiv 
_atom_site.pdbx_formal_charge 
_atom_site.auth_seq_id 
_atom_site.auth_comp_id 
_atom_site.auth_asym_id 
_atom_site.auth_atom_id 
_atom_site.pdbx_PDB_model_num 
ATOM   1    N  N   . HIS A 1 6   ? -21.415 22.317  32.377  1.00 40.20 ? 33  HIS A N   1 
ATOM   2    C  CA  . HIS A 1 6   ? -21.693 22.138  30.919  1.00 38.27 ? 33  HIS A CA  1 
ATOM   3    C  C   . HIS A 1 6   ? -21.702 20.649  30.520  1.00 34.71 ? 33  HIS A C   1 
ATOM   4    O  O   . HIS A 1 6   ? -20.855 19.820  30.902  1.00 33.08 ? 33  HIS A O   1 
ATOM   5    C  CB  . HIS A 1 6   ? -20.788 22.994  30.020  1.00 36.64 ? 33  HIS A CB  1 
ATOM   6    C  CG  . HIS A 1 6   ? -21.245 23.069  28.589  1.00 41.67 ? 33  HIS A CG  1 
ATOM   7    N  N   . HIS A 1 7   ? -22.720 20.334  29.744  1.00 33.15 ? 34  HIS A N   1 
ATOM   8    C  CA  . HIS A 1 7   ? -23.113 18.968  29.453  1.00 28.82 ? 34  HIS A CA  1 
ATOM   9    C  C   . HIS A 1 7   ? -22.608 18.491  28.075  1.00 27.83 ? 34  HIS A C   1 
ATOM   10   O  O   . HIS A 1 7   ? -23.010 17.413  27.627  1.00 25.87 ? 34  HIS A O   1 
ATOM   11   C  CB  . HIS A 1 7   ? -24.649 18.871  29.470  1.00 29.72 ? 34  HIS A CB  1 
ATOM   12   C  CG  . HIS A 1 7   ? -25.261 19.353  30.748  1.00 34.34 ? 34  HIS A CG  1 
ATOM   13   N  ND1 . HIS A 1 7   ? -24.868 18.870  31.980  1.00 34.23 ? 34  HIS A ND1 1 
ATOM   14   C  CD2 . HIS A 1 7   ? -26.263 20.240  30.984  1.00 32.89 ? 34  HIS A CD2 1 
ATOM   15   C  CE1 . HIS A 1 7   ? -25.593 19.455  32.925  1.00 35.49 ? 34  HIS A CE1 1 
ATOM   16   N  NE2 . HIS A 1 7   ? -26.432 20.299  32.343  1.00 37.51 ? 34  HIS A NE2 1 
ATOM   17   N  N   . HIS A 1 8   ? -21.747 19.280  27.426  1.00 28.20 ? 35  HIS A N   1 
ATOM   18   C  CA  . HIS A 1 8   ? -21.053 18.860  26.201  1.00 28.06 ? 35  HIS A CA  1 
ATOM   19   C  C   . HIS A 1 8   ? -19.798 18.162  26.686  1.00 27.62 ? 35  HIS A C   1 
ATOM   20   O  O   . HIS A 1 8   ? -18.915 18.789  27.314  1.00 28.09 ? 35  HIS A O   1 
ATOM   21   C  CB  . HIS A 1 8   ? -20.655 20.039  25.291  1.00 29.06 ? 35  HIS A CB  1 
ATOM   22   C  CG  . HIS A 1 8   ? -20.323 19.630  23.875  1.00 30.52 ? 35  HIS A CG  1 
ATOM   23   N  ND1 . HIS A 1 8   ? -19.993 18.336  23.519  1.00 34.22 ? 35  HIS A ND1 1 
ATOM   24   C  CD2 . HIS A 1 8   ? -20.288 20.347  22.721  1.00 33.33 ? 35  HIS A CD2 1 
ATOM   25   C  CE1 . HIS A 1 8   ? -19.778 18.266  22.212  1.00 31.17 ? 35  HIS A CE1 1 
ATOM   26   N  NE2 . HIS A 1 8   ? -19.959 19.473  21.705  1.00 32.49 ? 35  HIS A NE2 1 
ATOM   27   N  N   . HIS A 1 9   ? -19.755 16.858  26.464  1.00 24.01 ? 36  HIS A N   1 
ATOM   28   C  CA  . HIS A 1 9   ? -18.629 16.008  26.935  1.00 26.04 ? 36  HIS A CA  1 
ATOM   29   C  C   . HIS A 1 9   ? -17.661 15.610  25.792  1.00 27.79 ? 36  HIS A C   1 
ATOM   30   O  O   . HIS A 1 9   ? -16.708 14.843  26.031  1.00 25.73 ? 36  HIS A O   1 
ATOM   31   C  CB  . HIS A 1 9   ? -19.173 14.769  27.699  1.00 26.15 ? 36  HIS A CB  1 
ATOM   32   C  CG  . HIS A 1 9   ? -19.831 15.111  29.021  1.00 27.06 ? 36  HIS A CG  1 
ATOM   33   N  ND1 . HIS A 1 9   ? -20.209 14.147  29.940  1.00 31.31 ? 36  HIS A ND1 1 
ATOM   34   C  CD2 . HIS A 1 9   ? -20.169 16.300  29.575  1.00 27.19 ? 36  HIS A CD2 1 
ATOM   35   C  CE1 . HIS A 1 9   ? -20.751 14.724  30.996  1.00 29.28 ? 36  HIS A CE1 1 
ATOM   36   N  NE2 . HIS A 1 9   ? -20.706 16.034  30.818  1.00 30.15 ? 36  HIS A NE2 1 
ATOM   37   N  N   . HIS A 1 10  ? -17.864 16.193  24.603  1.00 25.15 ? 37  HIS A N   1 
ATOM   38   C  CA  . HIS A 1 10  ? -17.049 15.937  23.394  1.00 24.47 ? 37  HIS A CA  1 
ATOM   39   C  C   . HIS A 1 10  ? -16.980 14.450  23.001  1.00 24.40 ? 37  HIS A C   1 
ATOM   40   O  O   . HIS A 1 10  ? -15.935 13.951  22.579  1.00 24.20 ? 37  HIS A O   1 
ATOM   41   C  CB  . HIS A 1 10  ? -15.638 16.500  23.568  1.00 27.68 ? 37  HIS A CB  1 
ATOM   42   C  CG  . HIS A 1 10  ? -15.629 17.857  24.174  1.00 32.16 ? 37  HIS A CG  1 
ATOM   43   N  ND1 . HIS A 1 10  ? -15.569 19.013  23.431  1.00 39.35 ? 37  HIS A ND1 1 
ATOM   44   C  CD2 . HIS A 1 10  ? -15.753 18.241  25.468  1.00 36.76 ? 37  HIS A CD2 1 
ATOM   45   C  CE1 . HIS A 1 10  ? -15.624 20.055  24.245  1.00 39.97 ? 37  HIS A CE1 1 
ATOM   46   N  NE2 . HIS A 1 10  ? -15.732 19.611  25.490  1.00 39.73 ? 37  HIS A NE2 1 
ATOM   47   N  N   . LEU A 1 11  ? -18.095 13.744  23.164  1.00 21.79 ? 38  LEU A N   1 
ATOM   48   C  CA  . LEU A 1 11  ? -18.227 12.371  22.687  1.00 19.75 ? 38  LEU A CA  1 
ATOM   49   C  C   . LEU A 1 11  ? -18.534 12.304  21.187  1.00 21.99 ? 38  LEU A C   1 
ATOM   50   O  O   . LEU A 1 11  ? -18.450 11.227  20.593  1.00 20.80 ? 38  LEU A O   1 
ATOM   51   C  CB  . LEU A 1 11  ? -19.337 11.673  23.515  1.00 19.90 ? 38  LEU A CB  1 
ATOM   52   C  CG  . LEU A 1 11  ? -19.032 11.560  25.014  1.00 20.15 ? 38  LEU A CG  1 
ATOM   53   C  CD1 . LEU A 1 11  ? -20.197 11.044  25.823  1.00 20.27 ? 38  LEU A CD1 1 
ATOM   54   C  CD2 . LEU A 1 11  ? -17.833 10.644  25.280  1.00 20.73 ? 38  LEU A CD2 1 
ATOM   55   N  N   . VAL A 1 12  ? -18.912 13.437  20.598  1.00 19.89 ? 39  VAL A N   1 
ATOM   56   C  CA  . VAL A 1 12  ? -19.028 13.611  19.148  1.00 21.36 ? 39  VAL A CA  1 
ATOM   57   C  C   . VAL A 1 12  ? -18.514 15.035  18.815  1.00 23.62 ? 39  VAL A C   1 
ATOM   58   O  O   . VAL A 1 12  ? -18.461 15.916  19.713  1.00 23.16 ? 39  VAL A O   1 
ATOM   59   C  CB  . VAL A 1 12  ? -20.495 13.388  18.639  1.00 21.87 ? 39  VAL A CB  1 
ATOM   60   C  CG1 . VAL A 1 12  ? -20.844 11.921  18.606  1.00 22.93 ? 39  VAL A CG1 1 
ATOM   61   C  CG2 . VAL A 1 12  ? -21.527 14.205  19.433  1.00 21.23 ? 39  VAL A CG2 1 
ATOM   62   N  N   . PRO A 1 13  ? -18.092 15.275  17.562  1.00 21.90 ? 40  PRO A N   1 
ATOM   63   C  CA  . PRO A 1 13  ? -17.977 14.295  16.470  1.00 20.97 ? 40  PRO A CA  1 
ATOM   64   C  C   . PRO A 1 13  ? -16.872 13.255  16.703  1.00 21.52 ? 40  PRO A C   1 
ATOM   65   O  O   . PRO A 1 13  ? -16.019 13.434  17.595  1.00 21.88 ? 40  PRO A O   1 
ATOM   66   C  CB  . PRO A 1 13  ? -17.638 15.183  15.264  1.00 20.24 ? 40  PRO A CB  1 
ATOM   67   C  CG  . PRO A 1 13  ? -16.821 16.226  15.895  1.00 23.24 ? 40  PRO A CG  1 
ATOM   68   C  CD  . PRO A 1 13  ? -17.585 16.584  17.151  1.00 24.43 ? 40  PRO A CD  1 
ATOM   69   N  N   . ARG A 1 14  ? -16.956 12.166  15.944  1.00 20.29 ? 41  ARG A N   1 
ATOM   70   C  CA  . ARG A 1 14  ? -16.022 11.027  16.017  1.00 21.47 ? 41  ARG A CA  1 
ATOM   71   C  C   . ARG A 1 14  ? -14.889 11.127  14.968  1.00 23.46 ? 41  ARG A C   1 
ATOM   72   O  O   . ARG A 1 14  ? -14.892 11.985  14.076  1.00 23.54 ? 41  ARG A O   1 
ATOM   73   C  CB  . ARG A 1 14  ? -16.783 9.698   15.843  1.00 23.89 ? 41  ARG A CB  1 
ATOM   74   C  CG  . ARG A 1 14  ? -18.094 9.560   16.603  1.00 24.90 ? 41  ARG A CG  1 
ATOM   75   C  CD  . ARG A 1 14  ? -17.828 9.399   18.088  1.00 23.79 ? 41  ARG A CD  1 
ATOM   76   N  NE  . ARG A 1 14  ? -17.018 8.215   18.442  1.00 21.57 ? 41  ARG A NE  1 
ATOM   77   C  CZ  . ARG A 1 14  ? -16.639 7.939   19.694  1.00 22.02 ? 41  ARG A CZ  1 
ATOM   78   N  NH1 . ARG A 1 14  ? -15.912 6.867   19.944  1.00 21.30 ? 41  ARG A NH1 1 
ATOM   79   N  NH2 . ARG A 1 14  ? -16.995 8.741   20.717  1.00 20.72 ? 41  ARG A NH2 1 
ATOM   80   N  N   . GLY A 1 15  ? -13.880 10.291  15.176  1.00 21.73 ? 42  GLY A N   1 
ATOM   81   C  CA  . GLY A 1 15  ? -12.819 9.958   14.209  1.00 23.01 ? 42  GLY A CA  1 
ATOM   82   C  C   . GLY A 1 15  ? -13.358 9.333   12.949  1.00 23.52 ? 42  GLY A C   1 
ATOM   83   O  O   . GLY A 1 15  ? -14.600 9.077   12.800  1.00 25.75 ? 42  GLY A O   1 
ATOM   84   N  N   . SER A 1 16  ? -12.441 9.083   12.017  1.00 20.40 ? 43  SER A N   1 
ATOM   85   C  CA  . SER A 1 16  ? -12.837 8.494   10.770  1.00 20.20 ? 43  SER A CA  1 
ATOM   86   C  C   . SER A 1 16  ? -11.476 8.163   10.111  1.00 17.01 ? 43  SER A C   1 
ATOM   87   O  O   . SER A 1 16  ? -10.411 8.595   10.531  1.00 19.18 ? 43  SER A O   1 
ATOM   88   C  CB  . SER A 1 16  ? -13.694 9.468   9.879   1.00 19.28 ? 43  SER A CB  1 
ATOM   89   O  OG  . SER A 1 16  ? -12.994 10.749  9.731   1.00 22.71 ? 43  SER A OG  1 
ATOM   90   N  N   . ASN A 1 17  ? -11.617 7.407   9.086   1.00 19.47 ? 44  ASN A N   1 
ATOM   91   C  CA  . ASN A 1 17  ? -10.534 7.142   8.184   1.00 16.63 ? 44  ASN A CA  1 
ATOM   92   C  C   . ASN A 1 17  ? -10.573 8.231   7.144   1.00 16.27 ? 44  ASN A C   1 
ATOM   93   O  O   . ASN A 1 17  ? -11.642 8.750   6.780   1.00 17.88 ? 44  ASN A O   1 
ATOM   94   C  CB  . ASN A 1 17  ? -10.783 5.795   7.538   1.00 17.34 ? 44  ASN A CB  1 
ATOM   95   C  CG  . ASN A 1 17  ? -10.627 4.651   8.519   1.00 16.43 ? 44  ASN A CG  1 
ATOM   96   O  OD1 . ASN A 1 17  ? -9.705  4.596   9.293   1.00 18.55 ? 44  ASN A OD1 1 
ATOM   97   N  ND2 . ASN A 1 17  ? -11.596 3.740   8.488   1.00 17.97 ? 44  ASN A ND2 1 
ATOM   98   N  N   . PRO A 1 18  ? -9.428  8.615   6.615   1.00 14.83 ? 45  PRO A N   1 
ATOM   99   C  CA  . PRO A 1 18  ? -9.429  9.542   5.506   1.00 14.36 ? 45  PRO A CA  1 
ATOM   100  C  C   . PRO A 1 18  ? -9.932  8.890   4.229   1.00 15.33 ? 45  PRO A C   1 
ATOM   101  O  O   . PRO A 1 18  ? -9.978  7.658   4.144   1.00 15.60 ? 45  PRO A O   1 
ATOM   102  C  CB  . PRO A 1 18  ? -7.923  9.855   5.345   1.00 14.99 ? 45  PRO A CB  1 
ATOM   103  C  CG  . PRO A 1 18  ? -7.290  8.524   5.701   1.00 16.22 ? 45  PRO A CG  1 
ATOM   104  C  CD  . PRO A 1 18  ? -8.144  7.931   6.780   1.00 15.42 ? 45  PRO A CD  1 
ATOM   105  N  N   . PRO A 1 19  ? -10.267 9.696   3.226   1.00 15.87 ? 46  PRO A N   1 
ATOM   106  C  CA  . PRO A 1 19  ? -10.545 9.112   1.938   1.00 17.48 ? 46  PRO A CA  1 
ATOM   107  C  C   . PRO A 1 19  ? -9.317  8.331   1.427   1.00 16.78 ? 46  PRO A C   1 
ATOM   108  O  O   . PRO A 1 19  ? -8.197  8.754   1.656   1.00 16.85 ? 46  PRO A O   1 
ATOM   109  C  CB  . PRO A 1 19  ? -10.864 10.278  1.057   1.00 19.74 ? 46  PRO A CB  1 
ATOM   110  C  CG  . PRO A 1 19  ? -10.332 11.497  1.733   1.00 20.01 ? 46  PRO A CG  1 
ATOM   111  C  CD  . PRO A 1 19  ? -10.186 11.160  3.204   1.00 16.74 ? 46  PRO A CD  1 
ATOM   112  N  N   . PRO A 1 20  ? -9.553  7.184   0.791   1.00 15.52 ? 47  PRO A N   1 
ATOM   113  C  CA  . PRO A 1 20  ? -8.452  6.382   0.309   1.00 15.64 ? 47  PRO A CA  1 
ATOM   114  C  C   . PRO A 1 20  ? -7.763  7.013   -0.880  1.00 15.17 ? 47  PRO A C   1 
ATOM   115  O  O   . PRO A 1 20  ? -8.308  7.930   -1.523  1.00 17.34 ? 47  PRO A O   1 
ATOM   116  C  CB  . PRO A 1 20  ? -9.160  5.067   -0.102  1.00 16.85 ? 47  PRO A CB  1 
ATOM   117  C  CG  . PRO A 1 20  ? -10.433 5.536   -0.597  1.00 18.71 ? 47  PRO A CG  1 
ATOM   118  C  CD  . PRO A 1 20  ? -10.820 6.668   0.303   1.00 18.13 ? 47  PRO A CD  1 
ATOM   119  N  N   . PRO A 1 21  ? -6.547  6.574   -1.182  1.00 14.45 ? 48  PRO A N   1 
ATOM   120  C  CA  . PRO A 1 21  ? -5.873  7.064   -2.394  1.00 14.68 ? 48  PRO A CA  1 
ATOM   121  C  C   . PRO A 1 21  ? -6.716  6.818   -3.654  1.00 14.22 ? 48  PRO A C   1 
ATOM   122  O  O   . PRO A 1 21  ? -7.396  5.781   -3.798  1.00 14.71 ? 48  PRO A O   1 
ATOM   123  C  CB  . PRO A 1 21  ? -4.575  6.261   -2.418  1.00 14.74 ? 48  PRO A CB  1 
ATOM   124  C  CG  . PRO A 1 21  ? -4.395  5.787   -1.033  1.00 15.88 ? 48  PRO A CG  1 
ATOM   125  C  CD  . PRO A 1 21  ? -5.718  5.568   -0.478  1.00 15.34 ? 48  PRO A CD  1 
ATOM   126  N  N   . GLU A 1 22  ? -6.576  7.726   -4.636  1.00 15.54 ? 49  GLU A N   1 
ATOM   127  C  CA  . GLU A 1 22  ? -7.264  7.521   -5.888  1.00 16.93 ? 49  GLU A CA  1 
ATOM   128  C  C   . GLU A 1 22  ? -6.770  6.290   -6.619  1.00 14.56 ? 49  GLU A C   1 
ATOM   129  O  O   . GLU A 1 22  ? -5.590  5.935   -6.532  1.00 13.85 ? 49  GLU A O   1 
ATOM   130  C  CB  . GLU A 1 22  ? -7.171  8.770   -6.804  1.00 20.51 ? 49  GLU A CB  1 
ATOM   131  C  CG  . GLU A 1 22  ? -5.827  8.973   -7.433  1.00 25.16 ? 49  GLU A CG  1 
ATOM   132  C  CD  . GLU A 1 22  ? -5.743  10.225  -8.330  1.00 29.73 ? 49  GLU A CD  1 
ATOM   133  O  OE1 . GLU A 1 22  ? -4.693  10.478  -9.012  1.00 28.81 ? 49  GLU A OE1 1 
ATOM   134  O  OE2 . GLU A 1 22  ? -6.714  10.994  -8.308  1.00 31.60 ? 49  GLU A OE2 1 
ATOM   135  N  N   . THR A 1 23  ? -7.687  5.617   -7.315  1.00 15.37 ? 50  THR A N   1 
ATOM   136  C  CA  . THR A 1 23  ? -7.316  4.552   -8.198  1.00 15.64 ? 50  THR A CA  1 
ATOM   137  C  C   . THR A 1 23  ? -7.666  4.790   -9.656  1.00 14.72 ? 50  THR A C   1 
ATOM   138  O  O   . THR A 1 23  ? -7.350  3.944   -10.481 1.00 17.06 ? 50  THR A O   1 
ATOM   139  C  CB  . THR A 1 23  ? -7.929  3.249   -7.754  1.00 15.49 ? 50  THR A CB  1 
ATOM   140  O  OG1 . THR A 1 23  ? -9.363  3.367   -7.740  1.00 18.12 ? 50  THR A OG1 1 
ATOM   141  C  CG2 . THR A 1 23  ? -7.393  2.925   -6.339  1.00 15.87 ? 50  THR A CG2 1 
ATOM   142  N  N   . SER A 1 24  ? -8.231  5.960   -9.911  1.00 15.38 ? 51  SER A N   1 
ATOM   143  C  CA  . SER A 1 24  ? -8.609  6.428   -11.232 1.00 18.10 ? 51  SER A CA  1 
ATOM   144  C  C   . SER A 1 24  ? -8.284  7.868   -11.258 1.00 16.34 ? 51  SER A C   1 
ATOM   145  O  O   . SER A 1 24  ? -8.373  8.583   -10.262 1.00 18.17 ? 51  SER A O   1 
ATOM   146  C  CB  . SER A 1 24  ? -10.130 6.260   -11.421 1.00 20.61 ? 51  SER A CB  1 
ATOM   147  O  OG  . SER A 1 24  ? -10.339 4.958   -11.860 1.00 29.48 ? 51  SER A OG  1 
ATOM   148  N  N   . ASN A 1 25  ? -7.999  8.351   -12.429 1.00 15.68 ? 52  ASN A N   1 
ATOM   149  C  CA  . ASN A 1 25  ? -7.811  9.801   -12.641 1.00 16.04 ? 52  ASN A CA  1 
ATOM   150  C  C   . ASN A 1 25  ? -7.730  9.974   -14.184 1.00 15.62 ? 52  ASN A C   1 
ATOM   151  O  O   . ASN A 1 25  ? -6.660  9.804   -14.763 1.00 15.08 ? 52  ASN A O   1 
ATOM   152  C  CB  . ASN A 1 25  ? -6.536  10.350  -11.966 1.00 16.60 ? 52  ASN A CB  1 
ATOM   153  C  CG  . ASN A 1 25  ? -6.312  11.845  -12.200 1.00 18.19 ? 52  ASN A CG  1 
ATOM   154  O  OD1 . ASN A 1 25  ? -6.867  12.442  -13.144 1.00 17.97 ? 52  ASN A OD1 1 
ATOM   155  N  ND2 . ASN A 1 25  ? -5.463  12.470  -11.325 1.00 20.04 ? 52  ASN A ND2 1 
ATOM   156  N  N   . PRO A 1 26  ? -8.825  10.387  -14.816 1.00 14.70 ? 53  PRO A N   1 
ATOM   157  C  CA  . PRO A 1 26  ? -8.761  10.485  -16.274 1.00 14.67 ? 53  PRO A CA  1 
ATOM   158  C  C   . PRO A 1 26  ? -7.694  11.388  -16.843 1.00 14.79 ? 53  PRO A C   1 
ATOM   159  O  O   . PRO A 1 26  ? -7.185  11.093  -17.949 1.00 15.45 ? 53  PRO A O   1 
ATOM   160  C  CB  . PRO A 1 26  ? -10.195 11.008  -16.620 1.00 15.48 ? 53  PRO A CB  1 
ATOM   161  C  CG  . PRO A 1 26  ? -11.044 10.548  -15.510 1.00 16.44 ? 53  PRO A CG  1 
ATOM   162  C  CD  . PRO A 1 26  ? -10.196 10.648  -14.290 1.00 15.21 ? 53  PRO A CD  1 
ATOM   163  N  N   . ASN A 1 27  ? -7.314  12.486  -16.165 1.00 14.00 ? 54  ASN A N   1 
ATOM   164  C  CA  . ASN A 1 27  ? -6.323  13.399  -16.657 1.00 13.64 ? 54  ASN A CA  1 
ATOM   165  C  C   . ASN A 1 27  ? -4.890  13.016  -16.321 1.00 15.44 ? 54  ASN A C   1 
ATOM   166  O  O   . ASN A 1 27  ? -3.948  13.712  -16.740 1.00 16.32 ? 54  ASN A O   1 
ATOM   167  C  CB  . ASN A 1 27  ? -6.630  14.785  -16.216 1.00 14.72 ? 54  ASN A CB  1 
ATOM   168  C  CG  . ASN A 1 27  ? -7.783  15.379  -16.972 1.00 14.19 ? 54  ASN A CG  1 
ATOM   169  O  OD1 . ASN A 1 27  ? -7.843  15.233  -18.187 1.00 17.14 ? 54  ASN A OD1 1 
ATOM   170  N  ND2 . ASN A 1 27  ? -8.568  16.177  -16.292 1.00 14.93 ? 54  ASN A ND2 1 
ATOM   171  N  N   . LYS A 1 28  ? -4.693  11.924  -15.585 1.00 14.91 ? 55  LYS A N   1 
ATOM   172  C  CA  . LYS A 1 28  ? -3.325  11.435  -15.361 1.00 15.32 ? 55  LYS A CA  1 
ATOM   173  C  C   . LYS A 1 28  ? -2.785  10.698  -16.589 1.00 15.30 ? 55  LYS A C   1 
ATOM   174  O  O   . LYS A 1 28  ? -3.516  9.861   -17.126 1.00 13.79 ? 55  LYS A O   1 
ATOM   175  C  CB  . LYS A 1 28  ? -3.272  10.548  -14.127 1.00 15.33 ? 55  LYS A CB  1 
ATOM   176  C  CG  . LYS A 1 28  ? -1.840  10.161  -13.790 1.00 15.26 ? 55  LYS A CG  1 
ATOM   177  C  CD  . LYS A 1 28  ? -1.767  9.106   -12.727 1.00 15.10 ? 55  LYS A CD  1 
ATOM   178  C  CE  . LYS A 1 28  ? -0.331  8.618   -12.449 1.00 14.15 ? 55  LYS A CE  1 
ATOM   179  N  NZ  . LYS A 1 28  ? 0.269   8.005   -13.643 1.00 15.04 ? 55  LYS A NZ  1 
ATOM   180  N  N   . PRO A 1 29  ? -1.521  10.975  -16.974 1.00 14.33 ? 56  PRO A N   1 
ATOM   181  C  CA  . PRO A 1 29  ? -0.904  10.237  -18.079 1.00 15.92 ? 56  PRO A CA  1 
ATOM   182  C  C   . PRO A 1 29  ? -0.700  8.779   -17.674 1.00 15.33 ? 56  PRO A C   1 
ATOM   183  O  O   . PRO A 1 29  ? -0.316  8.512   -16.517 1.00 16.80 ? 56  PRO A O   1 
ATOM   184  C  CB  . PRO A 1 29  ? 0.433   10.928  -18.270 1.00 17.17 ? 56  PRO A CB  1 
ATOM   185  C  CG  . PRO A 1 29  ? 0.395   12.228  -17.552 1.00 19.40 ? 56  PRO A CG  1 
ATOM   186  C  CD  . PRO A 1 29  ? -0.689  12.099  -16.513 1.00 16.71 ? 56  PRO A CD  1 
ATOM   187  N  N   . LYS A 1 30  ? -1.008  7.864   -18.618 1.00 14.51 ? 57  LYS A N   1 
ATOM   188  C  CA  . LYS A 1 30  ? -0.973  6.373   -18.391 1.00 16.03 ? 57  LYS A CA  1 
ATOM   189  C  C   . LYS A 1 30  ? -0.377  5.672   -19.551 1.00 16.78 ? 57  LYS A C   1 
ATOM   190  O  O   . LYS A 1 30  ? -0.498  6.141   -20.680 1.00 17.34 ? 57  LYS A O   1 
ATOM   191  C  CB  . LYS A 1 30  ? -2.394  5.774   -18.340 1.00 20.95 ? 57  LYS A CB  1 
ATOM   192  C  CG  . LYS A 1 30  ? -3.276  6.466   -17.418 1.00 24.83 ? 57  LYS A CG  1 
ATOM   193  C  CD  . LYS A 1 30  ? -4.666  5.879   -17.299 1.00 21.18 ? 57  LYS A CD  1 
ATOM   194  C  CE  . LYS A 1 30  ? -5.318  6.736   -16.276 1.00 22.52 ? 57  LYS A CE  1 
ATOM   195  N  NZ  . LYS A 1 30  ? -5.709  8.084   -16.776 1.00 21.18 ? 57  LYS A NZ  1 
ATOM   196  N  N   . ARG A 1 31  ? 0.249   4.520   -19.331 1.00 16.77 ? 58  ARG A N   1 
ATOM   197  C  CA  . ARG A 1 31  ? 0.776   3.675   -20.413 1.00 18.46 ? 58  ARG A CA  1 
ATOM   198  C  C   . ARG A 1 31  ? 0.693   2.258   -19.984 1.00 24.10 ? 58  ARG A C   1 
ATOM   199  O  O   . ARG A 1 31  ? 0.747   1.970   -18.790 1.00 24.73 ? 58  ARG A O   1 
ATOM   200  C  CB  . ARG A 1 31  ? 2.241   3.887   -20.659 1.00 20.80 ? 58  ARG A CB  1 
ATOM   201  C  CG  . ARG A 1 31  ? 2.515   5.217   -21.236 1.00 23.15 ? 58  ARG A CG  1 
ATOM   202  C  CD  . ARG A 1 31  ? 3.902   5.384   -21.750 1.00 24.21 ? 58  ARG A CD  1 
ATOM   203  N  NE  . ARG A 1 31  ? 4.891   5.113   -20.764 1.00 26.75 ? 58  ARG A NE  1 
ATOM   204  C  CZ  . ARG A 1 31  ? 6.195   5.283   -20.913 1.00 30.39 ? 58  ARG A CZ  1 
ATOM   205  N  NH1 . ARG A 1 31  ? 6.729   5.832   -22.005 1.00 29.90 ? 58  ARG A NH1 1 
ATOM   206  N  NH2 . ARG A 1 31  ? 6.985   4.960   -19.895 1.00 29.42 ? 58  ARG A NH2 1 
ATOM   207  N  N   . GLN A 1 32  ? 0.608   1.379   -20.959 1.00 22.82 ? 59  GLN A N   1 
ATOM   208  C  CA  . GLN A 1 32  ? 0.854   -0.027  -20.686 1.00 25.05 ? 59  GLN A CA  1 
ATOM   209  C  C   . GLN A 1 32  ? 2.280   -0.356  -21.121 1.00 27.15 ? 59  GLN A C   1 
ATOM   210  O  O   . GLN A 1 32  ? 2.741   0.065   -22.195 1.00 28.08 ? 59  GLN A O   1 
ATOM   211  C  CB  . GLN A 1 32  ? -0.195  -0.831  -21.406 1.00 31.26 ? 59  GLN A CB  1 
ATOM   212  C  CG  . GLN A 1 32  ? -1.585  -0.622  -20.831 1.00 34.43 ? 59  GLN A CG  1 
ATOM   213  C  CD  . GLN A 1 32  ? -2.671  -1.453  -21.533 1.00 44.33 ? 59  GLN A CD  1 
ATOM   214  O  OE1 . GLN A 1 32  ? -2.588  -2.681  -21.599 1.00 47.91 ? 59  GLN A OE1 1 
ATOM   215  N  NE2 . GLN A 1 32  ? -3.717  -0.778  -22.033 1.00 50.68 ? 59  GLN A NE2 1 
ATOM   216  N  N   . THR A 1 33  ? 3.063   -0.992  -20.269 1.00 21.87 ? 60  THR A N   1 
ATOM   217  C  CA  . THR A 1 33  ? 4.448   -1.366  -20.576 1.00 21.11 ? 60  THR A CA  1 
ATOM   218  C  C   . THR A 1 33  ? 4.667   -2.796  -20.118 1.00 23.71 ? 60  THR A C   1 
ATOM   219  O  O   . THR A 1 33  ? 3.898   -3.306  -19.293 1.00 23.59 ? 60  THR A O   1 
ATOM   220  C  CB  . THR A 1 33  ? 5.499   -0.498  -19.906 1.00 22.92 ? 60  THR A CB  1 
ATOM   221  O  OG1 . THR A 1 33  ? 5.541   -0.804  -18.493 1.00 21.16 ? 60  THR A OG1 1 
ATOM   222  C  CG2 . THR A 1 33  ? 5.240   0.998   -20.071 1.00 21.26 ? 60  THR A CG2 1 
ATOM   223  N  N   A ASN A 1 34  ? 5.750   -3.371  -20.634 0.50 24.27 ? 61  ASN A N   1 
ATOM   224  N  N   B ASN A 1 34  ? 5.670   -3.501  -20.635 0.50 26.10 ? 61  ASN A N   1 
ATOM   225  C  CA  A ASN A 1 34  ? 6.109   -4.737  -20.328 0.50 23.67 ? 61  ASN A CA  1 
ATOM   226  C  CA  B ASN A 1 34  ? 5.864   -4.902  -20.190 0.50 25.95 ? 61  ASN A CA  1 
ATOM   227  C  C   A ASN A 1 34  ? 6.267   -4.870  -18.831 0.50 22.10 ? 61  ASN A C   1 
ATOM   228  C  C   B ASN A 1 34  ? 6.400   -4.956  -18.745 0.50 23.13 ? 61  ASN A C   1 
ATOM   229  O  O   A ASN A 1 34  ? 5.661   -5.816  -18.224 0.50 22.61 ? 61  ASN A O   1 
ATOM   230  O  O   B ASN A 1 34  ? 6.264   -5.960  -18.041 0.50 20.72 ? 61  ASN A O   1 
ATOM   231  C  CB  A ASN A 1 34  ? 7.377   -5.147  -21.084 0.50 23.11 ? 61  ASN A CB  1 
ATOM   232  C  CB  B ASN A 1 34  ? 6.742   -5.711  -21.171 0.50 27.83 ? 61  ASN A CB  1 
ATOM   233  C  CG  A ASN A 1 34  ? 7.078   -5.666  -22.476 0.50 25.92 ? 61  ASN A CG  1 
ATOM   234  C  CG  B ASN A 1 34  ? 8.148   -5.206  -21.246 0.50 28.81 ? 61  ASN A CG  1 
ATOM   235  O  OD1 A ASN A 1 34  ? 5.951   -6.049  -22.783 0.50 29.92 ? 61  ASN A OD1 1 
ATOM   236  O  OD1 B ASN A 1 34  ? 9.105   -5.979  -21.179 0.50 30.74 ? 61  ASN A OD1 1 
ATOM   237  N  ND2 A ASN A 1 34  ? 8.103   -5.701  -23.320 0.50 26.99 ? 61  ASN A ND2 1 
ATOM   238  N  ND2 B ASN A 1 34  ? 8.294   -3.903  -21.392 0.50 29.57 ? 61  ASN A ND2 1 
ATOM   239  N  N   . GLN A 1 35  ? 6.981   -3.878  -18.269 1.00 22.31 ? 62  GLN A N   1 
ATOM   240  C  CA  . GLN A 1 35  ? 7.383   -3.814  -16.847 1.00 20.44 ? 62  GLN A CA  1 
ATOM   241  C  C   . GLN A 1 35  ? 6.120   -3.711  -15.959 1.00 20.64 ? 62  GLN A C   1 
ATOM   242  O  O   . GLN A 1 35  ? 5.989   -4.437  -14.959 1.00 19.73 ? 62  GLN A O   1 
ATOM   243  C  CB  . GLN A 1 35  ? 8.412   -2.731  -16.539 1.00 23.28 ? 62  GLN A CB  1 
ATOM   244  C  CG  . GLN A 1 35  ? 9.767   -2.909  -17.244 1.00 24.71 ? 62  GLN A CG  1 
ATOM   245  C  CD  . GLN A 1 35  ? 10.775  -1.832  -16.895 1.00 24.86 ? 62  GLN A CD  1 
ATOM   246  O  OE1 . GLN A 1 35  ? 10.413  -0.675  -16.571 1.00 24.77 ? 62  GLN A OE1 1 
ATOM   247  N  NE2 . GLN A 1 35  ? 12.058  -2.193  -16.914 1.00 23.09 ? 62  GLN A NE2 1 
ATOM   248  N  N   . LEU A 1 36  ? 5.144   -2.887  -16.359 1.00 18.24 ? 63  LEU A N   1 
ATOM   249  C  CA  . LEU A 1 36  ? 3.928   -2.769  -15.588 1.00 17.03 ? 63  LEU A CA  1 
ATOM   250  C  C   . LEU A 1 36  ? 3.053   -4.036  -15.646 1.00 18.65 ? 63  LEU A C   1 
ATOM   251  O  O   . LEU A 1 36  ? 2.474   -4.442  -14.624 1.00 18.14 ? 63  LEU A O   1 
ATOM   252  C  CB  . LEU A 1 36  ? 3.135   -1.511  -16.029 1.00 16.45 ? 63  LEU A CB  1 
ATOM   253  C  CG  . LEU A 1 36  ? 3.711   -0.208  -15.539 1.00 15.68 ? 63  LEU A CG  1 
ATOM   254  C  CD1 . LEU A 1 36  ? 3.093   0.921   -16.381 1.00 16.53 ? 63  LEU A CD1 1 
ATOM   255  C  CD2 . LEU A 1 36  ? 3.366   -0.040  -14.057 1.00 15.10 ? 63  LEU A CD2 1 
ATOM   256  N  N   . GLN A 1 37  ? 2.989   -4.719  -16.789 1.00 20.09 ? 64  GLN A N   1 
ATOM   257  C  CA  . GLN A 1 37  ? 2.313   -6.023  -16.884 1.00 21.87 ? 64  GLN A CA  1 
ATOM   258  C  C   . GLN A 1 37  ? 2.967   -7.033  -15.937 1.00 18.70 ? 64  GLN A C   1 
ATOM   259  O  O   . GLN A 1 37  ? 2.224   -7.753  -15.286 1.00 18.96 ? 64  GLN A O   1 
ATOM   260  C  CB  . GLN A 1 37  ? 2.412   -6.556  -18.331 1.00 25.21 ? 64  GLN A CB  1 
ATOM   261  C  CG  . GLN A 1 37  ? 1.476   -5.802  -19.240 1.00 32.75 ? 64  GLN A CG  1 
ATOM   262  C  CD  . GLN A 1 37  ? 1.590   -6.247  -20.685 1.00 40.77 ? 64  GLN A CD  1 
ATOM   263  O  OE1 . GLN A 1 37  ? 2.694   -6.471  -21.214 1.00 48.21 ? 64  GLN A OE1 1 
ATOM   264  N  NE2 . GLN A 1 37  ? 0.452   -6.355  -21.336 1.00 47.59 ? 64  GLN A NE2 1 
ATOM   265  N  N   . TYR A 1 38  ? 4.292   -7.039  -15.866 1.00 19.78 ? 65  TYR A N   1 
ATOM   266  C  CA  . TYR A 1 38  ? 5.022   -7.928  -14.943 1.00 20.71 ? 65  TYR A CA  1 
ATOM   267  C  C   . TYR A 1 38  ? 4.711   -7.565  -13.498 1.00 21.71 ? 65  TYR A C   1 
ATOM   268  O  O   . TYR A 1 38  ? 4.472   -8.449  -12.666 1.00 19.07 ? 65  TYR A O   1 
ATOM   269  C  CB  . TYR A 1 38  ? 6.489   -7.883  -15.201 1.00 21.24 ? 65  TYR A CB  1 
ATOM   270  C  CG  . TYR A 1 38  ? 7.391   -8.678  -14.254 1.00 20.98 ? 65  TYR A CG  1 
ATOM   271  C  CD1 . TYR A 1 38  ? 7.974   -8.079  -13.158 1.00 22.73 ? 65  TYR A CD1 1 
ATOM   272  C  CD2 . TYR A 1 38  ? 7.750   -10.015 -14.562 1.00 22.90 ? 65  TYR A CD2 1 
ATOM   273  C  CE1 . TYR A 1 38  ? 8.845   -8.761  -12.327 1.00 23.31 ? 65  TYR A CE1 1 
ATOM   274  C  CE2 . TYR A 1 38  ? 8.619   -10.730 -13.724 1.00 23.65 ? 65  TYR A CE2 1 
ATOM   275  C  CZ  . TYR A 1 38  ? 9.183   -10.097 -12.615 1.00 25.66 ? 65  TYR A CZ  1 
ATOM   276  O  OH  . TYR A 1 38  ? 10.083  -10.737 -11.754 1.00 25.93 ? 65  TYR A OH  1 
ATOM   277  N  N   . LEU A 1 39  ? 4.692   -6.267  -13.200 1.00 16.44 ? 66  LEU A N   1 
ATOM   278  C  CA  . LEU A 1 39  ? 4.346   -5.789  -11.852 1.00 15.95 ? 66  LEU A CA  1 
ATOM   279  C  C   . LEU A 1 39  ? 2.995   -6.319  -11.405 1.00 16.69 ? 66  LEU A C   1 
ATOM   280  O  O   . LEU A 1 39  ? 2.827   -6.619  -10.197 1.00 16.62 ? 66  LEU A O   1 
ATOM   281  C  CB  . LEU A 1 39  ? 4.494   -4.253  -11.769 1.00 15.66 ? 66  LEU A CB  1 
ATOM   282  C  CG  . LEU A 1 39  ? 5.948   -3.749  -11.581 1.00 17.52 ? 66  LEU A CG  1 
ATOM   283  C  CD1 . LEU A 1 39  ? 6.141   -2.279  -12.020 1.00 18.05 ? 66  LEU A CD1 1 
ATOM   284  C  CD2 . LEU A 1 39  ? 6.433   -3.949  -10.147 1.00 19.30 ? 66  LEU A CD2 1 
ATOM   285  N  N   . LEU A 1 40  ? 2.007   -6.437  -12.273 1.00 15.91 ? 67  LEU A N   1 
ATOM   286  C  CA  . LEU A 1 40  ? 0.723   -6.976  -11.917 1.00 18.15 ? 67  LEU A CA  1 
ATOM   287  C  C   . LEU A 1 40  ? 0.750   -8.508  -11.835 1.00 19.81 ? 67  LEU A C   1 
ATOM   288  O  O   . LEU A 1 40  ? 0.326   -9.083  -10.818 1.00 19.46 ? 67  LEU A O   1 
ATOM   289  C  CB  . LEU A 1 40  ? -0.392  -6.525  -12.900 1.00 18.57 ? 67  LEU A CB  1 
ATOM   290  C  CG  . LEU A 1 40  ? -1.797  -7.042  -12.611 1.00 19.13 ? 67  LEU A CG  1 
ATOM   291  C  CD1 . LEU A 1 40  ? -2.295  -6.816  -11.173 1.00 19.85 ? 67  LEU A CD1 1 
ATOM   292  C  CD2 . LEU A 1 40  ? -2.843  -6.456  -13.517 1.00 20.90 ? 67  LEU A CD2 1 
ATOM   293  N  N   . ARG A 1 41  ? 1.175   -9.137  -12.925 1.00 21.88 ? 68  ARG A N   1 
ATOM   294  C  CA  . ARG A 1 41  ? 1.011   -10.585 -13.132 1.00 24.24 ? 68  ARG A CA  1 
ATOM   295  C  C   . ARG A 1 41  ? 1.948   -11.353 -12.221 1.00 23.12 ? 68  ARG A C   1 
ATOM   296  O  O   . ARG A 1 41  ? 1.495   -12.380 -11.667 1.00 25.59 ? 68  ARG A O   1 
ATOM   297  C  CB  . ARG A 1 41  ? 1.196   -10.935 -14.618 1.00 26.37 ? 68  ARG A CB  1 
ATOM   298  C  CG  . ARG A 1 41  ? 1.025   -12.400 -14.981 1.00 29.01 ? 68  ARG A CG  1 
ATOM   299  C  CD  . ARG A 1 41  ? 1.628   -12.674 -16.383 1.00 27.41 ? 68  ARG A CD  1 
ATOM   300  N  NE  . ARG A 1 41  ? 3.104   -12.721 -16.365 1.00 30.33 ? 68  ARG A NE  1 
ATOM   301  C  CZ  . ARG A 1 41  ? 3.941   -11.815 -16.896 1.00 32.74 ? 68  ARG A CZ  1 
ATOM   302  N  NH1 . ARG A 1 41  ? 3.504   -10.711 -17.523 1.00 36.52 ? 68  ARG A NH1 1 
ATOM   303  N  NH2 . ARG A 1 41  ? 5.244   -11.983 -16.780 1.00 32.77 ? 68  ARG A NH2 1 
ATOM   304  N  N   . VAL A 1 42  ? 3.152   -10.838 -11.954 1.00 21.33 ? 69  VAL A N   1 
ATOM   305  C  CA  . VAL A 1 42  ? 4.100   -11.501 -11.082 1.00 21.93 ? 69  VAL A CA  1 
ATOM   306  C  C   . VAL A 1 42  ? 4.313   -10.841 -9.712  1.00 23.02 ? 69  VAL A C   1 
ATOM   307  O  O   . VAL A 1 42  ? 4.298   -11.531 -8.667  1.00 21.87 ? 69  VAL A O   1 
ATOM   308  C  CB  . VAL A 1 42  ? 5.446   -11.614 -11.805 1.00 22.71 ? 69  VAL A CB  1 
ATOM   309  C  CG1 . VAL A 1 42  ? 6.506   -12.256 -10.929 1.00 26.22 ? 69  VAL A CG1 1 
ATOM   310  C  CG2 . VAL A 1 42  ? 5.241   -12.412 -13.101 1.00 24.03 ? 69  VAL A CG2 1 
ATOM   311  N  N   . VAL A 1 43  ? 4.586   -9.542  -9.645  1.00 19.47 ? 70  VAL A N   1 
ATOM   312  C  CA  . VAL A 1 43  ? 4.968   -8.947  -8.378  1.00 19.23 ? 70  VAL A CA  1 
ATOM   313  C  C   . VAL A 1 43  ? 3.760   -8.849  -7.436  1.00 19.31 ? 70  VAL A C   1 
ATOM   314  O  O   . VAL A 1 43  ? 3.727   -9.456  -6.320  1.00 19.15 ? 70  VAL A O   1 
ATOM   315  C  CB  . VAL A 1 43  ? 5.676   -7.600  -8.558  1.00 18.75 ? 70  VAL A CB  1 
ATOM   316  C  CG1 . VAL A 1 43  ? 6.064   -6.976  -7.218  1.00 19.38 ? 70  VAL A CG1 1 
ATOM   317  C  CG2 . VAL A 1 43  ? 6.912   -7.750  -9.436  1.00 20.75 ? 70  VAL A CG2 1 
ATOM   318  N  N   . LEU A 1 44  ? 2.742   -8.116  -7.852  1.00 18.37 ? 71  LEU A N   1 
ATOM   319  C  CA  . LEU A 1 44  ? 1.605   -7.896  -7.021  1.00 18.39 ? 71  LEU A CA  1 
ATOM   320  C  C   . LEU A 1 44  ? 0.951   -9.268  -6.736  1.00 21.44 ? 71  LEU A C   1 
ATOM   321  O  O   . LEU A 1 44  ? 0.664   -9.544  -5.568  1.00 20.82 ? 71  LEU A O   1 
ATOM   322  C  CB  . LEU A 1 44  ? 0.607   -6.926  -7.683  1.00 18.82 ? 71  LEU A CB  1 
ATOM   323  C  CG  . LEU A 1 44  ? -0.729  -6.595  -6.978  1.00 21.00 ? 71  LEU A CG  1 
ATOM   324  C  CD1 . LEU A 1 44  ? -1.751  -7.711  -6.949  1.00 22.72 ? 71  LEU A CD1 1 
ATOM   325  C  CD2 . LEU A 1 44  ? -0.429  -6.040  -5.575  1.00 20.89 ? 71  LEU A CD2 1 
ATOM   326  N  N   . LYS A 1 45  ? 0.681   -10.103 -7.751  1.00 21.31 ? 72  LYS A N   1 
ATOM   327  C  CA  . LYS A 1 45  ? -0.069  -11.350 -7.515  1.00 24.10 ? 72  LYS A CA  1 
ATOM   328  C  C   . LYS A 1 45  ? 0.660   -12.350 -6.671  1.00 24.31 ? 72  LYS A C   1 
ATOM   329  O  O   . LYS A 1 45  ? -0.007  -13.081 -5.924  1.00 29.06 ? 72  LYS A O   1 
ATOM   330  C  CB  . LYS A 1 45  ? -0.592  -11.947 -8.802  1.00 26.55 ? 72  LYS A CB  1 
ATOM   331  C  CG  . LYS A 1 45  ? -1.782  -11.123 -9.238  1.00 30.49 ? 72  LYS A CG  1 
ATOM   332  C  CD  . LYS A 1 45  ? -2.388  -11.527 -10.549 1.00 35.78 ? 72  LYS A CD  1 
ATOM   333  C  CE  . LYS A 1 45  ? -3.605  -10.656 -10.796 1.00 43.26 ? 72  LYS A CE  1 
ATOM   334  N  NZ  . LYS A 1 45  ? -4.347  -11.189 -11.960 1.00 46.62 ? 72  LYS A NZ  1 
ATOM   335  N  N   . THR A 1 46  ? 1.971   -12.285 -6.593  1.00 22.65 ? 73  THR A N   1 
ATOM   336  C  CA  . THR A 1 46  ? 2.664   -13.196 -5.670  1.00 26.01 ? 73  THR A CA  1 
ATOM   337  C  C   . THR A 1 46  ? 2.633   -12.682 -4.248  1.00 25.44 ? 73  THR A C   1 
ATOM   338  O  O   . THR A 1 46  ? 2.512   -13.491 -3.309  1.00 25.21 ? 73  THR A O   1 
ATOM   339  C  CB  . THR A 1 46  ? 4.088   -13.549 -6.088  1.00 30.60 ? 73  THR A CB  1 
ATOM   340  O  OG1 . THR A 1 46  ? 4.981   -12.455 -5.903  1.00 40.27 ? 73  THR A OG1 1 
ATOM   341  C  CG2 . THR A 1 46  ? 4.107   -14.008 -7.510  1.00 25.58 ? 73  THR A CG2 1 
ATOM   342  N  N   . LEU A 1 47  ? 2.835   -11.383 -4.052  1.00 19.79 ? 74  LEU A N   1 
ATOM   343  C  CA  . LEU A 1 47  ? 2.712   -10.804 -2.718  1.00 20.48 ? 74  LEU A CA  1 
ATOM   344  C  C   . LEU A 1 47  ? 1.298   -10.944 -2.191  1.00 19.83 ? 74  LEU A C   1 
ATOM   345  O  O   . LEU A 1 47  ? 1.124   -11.185 -1.002  1.00 17.95 ? 74  LEU A O   1 
ATOM   346  C  CB  . LEU A 1 47  ? 3.134   -9.318  -2.680  1.00 21.36 ? 74  LEU A CB  1 
ATOM   347  C  CG  . LEU A 1 47  ? 4.606   -9.042  -2.994  1.00 27.68 ? 74  LEU A CG  1 
ATOM   348  C  CD1 . LEU A 1 47  ? 4.818   -7.539  -2.931  1.00 28.95 ? 74  LEU A CD1 1 
ATOM   349  C  CD2 . LEU A 1 47  ? 5.544   -9.700  -2.036  1.00 29.77 ? 74  LEU A CD2 1 
ATOM   350  N  N   . TRP A 1 48  ? 0.288   -10.765 -3.022  1.00 18.30 ? 75  TRP A N   1 
ATOM   351  C  CA  . TRP A 1 48  ? -1.125  -10.748 -2.625  1.00 19.40 ? 75  TRP A CA  1 
ATOM   352  C  C   . TRP A 1 48  ? -1.601  -12.078 -2.021  1.00 20.69 ? 75  TRP A C   1 
ATOM   353  O  O   . TRP A 1 48  ? -2.361  -12.065 -1.053  1.00 22.90 ? 75  TRP A O   1 
ATOM   354  C  CB  . TRP A 1 48  ? -2.002  -10.372 -3.830  1.00 20.18 ? 75  TRP A CB  1 
ATOM   355  C  CG  . TRP A 1 48  ? -3.407  -10.162 -3.550  1.00 20.76 ? 75  TRP A CG  1 
ATOM   356  C  CD1 . TRP A 1 48  ? -4.409  -11.079 -3.646  1.00 21.66 ? 75  TRP A CD1 1 
ATOM   357  C  CD2 . TRP A 1 48  ? -4.028  -8.936  -3.176  1.00 17.39 ? 75  TRP A CD2 1 
ATOM   358  N  NE1 . TRP A 1 48  ? -5.586  -10.533 -3.284  1.00 22.68 ? 75  TRP A NE1 1 
ATOM   359  C  CE2 . TRP A 1 48  ? -5.394  -9.202  -2.987  1.00 19.88 ? 75  TRP A CE2 1 
ATOM   360  C  CE3 . TRP A 1 48  ? -3.562  -7.662  -2.918  1.00 17.18 ? 75  TRP A CE3 1 
ATOM   361  C  CZ2 . TRP A 1 48  ? -6.298  -8.227  -2.610  1.00 19.17 ? 75  TRP A CZ2 1 
ATOM   362  C  CZ3 . TRP A 1 48  ? -4.468  -6.705  -2.531  1.00 15.07 ? 75  TRP A CZ3 1 
ATOM   363  C  CH2 . TRP A 1 48  ? -5.807  -6.990  -2.361  1.00 16.57 ? 75  TRP A CH2 1 
ATOM   364  N  N   . LYS A 1 49  ? -1.096  -13.155 -2.584  1.00 21.93 ? 76  LYS A N   1 
ATOM   365  C  CA  . LYS A 1 49  ? -1.429  -14.515 -2.159  1.00 21.93 ? 76  LYS A CA  1 
ATOM   366  C  C   . LYS A 1 49  ? -0.643  -14.943 -0.906  1.00 21.22 ? 76  LYS A C   1 
ATOM   367  O  O   . LYS A 1 49  ? -0.895  -16.025 -0.371  1.00 21.62 ? 76  LYS A O   1 
ATOM   368  C  CB  . LYS A 1 49  ? -1.131  -15.510 -3.286  1.00 28.03 ? 76  LYS A CB  1 
ATOM   369  C  CG  . LYS A 1 49  ? -1.936  -15.344 -4.560  1.00 33.58 ? 76  LYS A CG  1 
ATOM   370  C  CD  . LYS A 1 49  ? -1.314  -16.218 -5.677  1.00 39.70 ? 76  LYS A CD  1 
ATOM   371  C  CE  . LYS A 1 49  ? -1.773  -15.833 -7.070  1.00 43.23 ? 76  LYS A CE  1 
ATOM   372  N  NZ  . LYS A 1 49  ? -3.238  -16.023 -7.216  1.00 50.54 ? 76  LYS A NZ  1 
ATOM   373  N  N   . HIS A 1 50  ? 0.332   -14.165 -0.452  1.00 15.97 ? 77  HIS A N   1 
ATOM   374  C  CA  . HIS A 1 50  ? 1.209   -14.568 0.665   1.00 15.70 ? 77  HIS A CA  1 
ATOM   375  C  C   . HIS A 1 50  ? 0.461   -14.451 1.998   1.00 15.39 ? 77  HIS A C   1 
ATOM   376  O  O   . HIS A 1 50  ? -0.396  -13.573 2.174   1.00 16.00 ? 77  HIS A O   1 
ATOM   377  C  CB  . HIS A 1 50  ? 2.403   -13.668 0.716   1.00 14.60 ? 77  HIS A CB  1 
ATOM   378  C  CG  . HIS A 1 50  ? 3.518   -14.154 1.567   1.00 14.47 ? 77  HIS A CG  1 
ATOM   379  N  ND1 . HIS A 1 50  ? 3.550   -14.029 2.947   1.00 15.04 ? 77  HIS A ND1 1 
ATOM   380  C  CD2 . HIS A 1 50  ? 4.652   -14.800 1.243   1.00 15.19 ? 77  HIS A CD2 1 
ATOM   381  C  CE1 . HIS A 1 50  ? 4.659   -14.557 3.421   1.00 15.57 ? 77  HIS A CE1 1 
ATOM   382  N  NE2 . HIS A 1 50  ? 5.349   -15.036 2.396   1.00 16.42 ? 77  HIS A NE2 1 
ATOM   383  N  N   . GLN A 1 51  ? 0.674   -15.428 2.889   1.00 15.58 ? 78  GLN A N   1 
ATOM   384  C  CA  . GLN A 1 51  ? 0.005   -15.404 4.187   1.00 15.02 ? 78  GLN A CA  1 
ATOM   385  C  C   . GLN A 1 51  ? 0.305   -14.181 5.078   1.00 14.75 ? 78  GLN A C   1 
ATOM   386  O  O   . GLN A 1 51  ? -0.397  -13.981 6.083   1.00 14.55 ? 78  GLN A O   1 
ATOM   387  C  CB  . GLN A 1 51  ? 0.340   -16.690 4.986   1.00 16.74 ? 78  GLN A CB  1 
ATOM   388  C  CG  . GLN A 1 51  ? 1.794   -16.741 5.377   1.00 17.01 ? 78  GLN A CG  1 
ATOM   389  C  CD  . GLN A 1 51  ? 2.127   -17.745 6.464   1.00 20.61 ? 78  GLN A CD  1 
ATOM   390  O  OE1 . GLN A 1 51  ? 1.243   -18.194 7.218   1.00 23.02 ? 78  GLN A OE1 1 
ATOM   391  N  NE2 . GLN A 1 51  ? 3.368   -18.104 6.556   1.00 17.42 ? 78  GLN A NE2 1 
ATOM   392  N  N   . PHE A 1 52  ? 1.253   -13.329 4.686   1.00 13.01 ? 79  PHE A N   1 
ATOM   393  C  CA  . PHE A 1 52  ? 1.557   -12.106 5.406   1.00 14.43 ? 79  PHE A CA  1 
ATOM   394  C  C   . PHE A 1 52  ? 0.925   -10.909 4.727   1.00 14.84 ? 79  PHE A C   1 
ATOM   395  O  O   . PHE A 1 52  ? 1.115   -9.787  5.219   1.00 14.55 ? 79  PHE A O   1 
ATOM   396  C  CB  . PHE A 1 52  ? 3.046   -11.868 5.616   1.00 14.98 ? 79  PHE A CB  1 
ATOM   397  C  CG  . PHE A 1 52  ? 3.752   -12.863 6.507   1.00 13.99 ? 79  PHE A CG  1 
ATOM   398  C  CD1 . PHE A 1 52  ? 3.111   -13.698 7.382   1.00 14.97 ? 79  PHE A CD1 1 
ATOM   399  C  CD2 . PHE A 1 52  ? 5.139   -12.857 6.497   1.00 16.09 ? 79  PHE A CD2 1 
ATOM   400  C  CE1 . PHE A 1 52  ? 3.837   -14.601 8.171   1.00 16.67 ? 79  PHE A CE1 1 
ATOM   401  C  CE2 . PHE A 1 52  ? 5.867   -13.688 7.273   1.00 16.29 ? 79  PHE A CE2 1 
ATOM   402  C  CZ  . PHE A 1 52  ? 5.232   -14.601 8.084   1.00 15.82 ? 79  PHE A CZ  1 
ATOM   403  N  N   . ALA A 1 53  ? 0.161   -11.093 3.674   1.00 15.85 ? 80  ALA A N   1 
ATOM   404  C  CA  . ALA A 1 53  ? -0.348  -9.946  2.902   1.00 14.54 ? 80  ALA A CA  1 
ATOM   405  C  C   . ALA A 1 53  ? -1.462  -9.208  3.568   1.00 15.03 ? 80  ALA A C   1 
ATOM   406  O  O   . ALA A 1 53  ? -1.661  -8.004  3.318   1.00 14.66 ? 80  ALA A O   1 
ATOM   407  C  CB  . ALA A 1 53  ? -0.817  -10.425 1.536   1.00 15.16 ? 80  ALA A CB  1 
ATOM   408  N  N   . TRP A 1 54  ? -2.264  -9.882  4.400   1.00 13.55 ? 81  TRP A N   1 
ATOM   409  C  CA  . TRP A 1 54  ? -3.539  -9.342  4.804   1.00 13.60 ? 81  TRP A CA  1 
ATOM   410  C  C   . TRP A 1 54  ? -3.561  -7.943  5.450   1.00 12.27 ? 81  TRP A C   1 
ATOM   411  O  O   . TRP A 1 54  ? -4.511  -7.213  5.215   1.00 13.20 ? 81  TRP A O   1 
ATOM   412  C  CB  . TRP A 1 54  ? -4.328  -10.394 5.660   1.00 13.81 ? 81  TRP A CB  1 
ATOM   413  C  CG  . TRP A 1 54  ? -3.616  -10.874 6.875   1.00 15.01 ? 81  TRP A CG  1 
ATOM   414  C  CD1 . TRP A 1 54  ? -2.784  -11.960 6.991   1.00 14.28 ? 81  TRP A CD1 1 
ATOM   415  C  CD2 . TRP A 1 54  ? -3.646  -10.283 8.192   1.00 12.39 ? 81  TRP A CD2 1 
ATOM   416  N  NE1 . TRP A 1 54  ? -2.277  -12.069 8.286   1.00 13.80 ? 81  TRP A NE1 1 
ATOM   417  C  CE2 . TRP A 1 54  ? -2.815  -11.060 9.025   1.00 13.29 ? 81  TRP A CE2 1 
ATOM   418  C  CE3 . TRP A 1 54  ? -4.308  -9.173  8.773   1.00 13.38 ? 81  TRP A CE3 1 
ATOM   419  C  CZ2 . TRP A 1 54  ? -2.620  -10.755 10.389  1.00 13.67 ? 81  TRP A CZ2 1 
ATOM   420  C  CZ3 . TRP A 1 54  ? -4.096  -8.935  10.119  1.00 13.51 ? 81  TRP A CZ3 1 
ATOM   421  C  CH2 . TRP A 1 54  ? -3.271  -9.710  10.884  1.00 13.01 ? 81  TRP A CH2 1 
ATOM   422  N  N   . PRO A 1 55  ? -2.547  -7.543  6.271   1.00 11.81 ? 82  PRO A N   1 
ATOM   423  C  CA  . PRO A 1 55  ? -2.589  -6.191  6.827   1.00 11.92 ? 82  PRO A CA  1 
ATOM   424  C  C   . PRO A 1 55  ? -2.427  -5.140  5.729   1.00 12.19 ? 82  PRO A C   1 
ATOM   425  O  O   . PRO A 1 55  ? -2.711  -3.964  5.986   1.00 13.11 ? 82  PRO A O   1 
ATOM   426  C  CB  . PRO A 1 55  ? -1.385  -6.140  7.769   1.00 12.86 ? 82  PRO A CB  1 
ATOM   427  C  CG  . PRO A 1 55  ? -1.084  -7.585  8.120   1.00 12.45 ? 82  PRO A CG  1 
ATOM   428  C  CD  . PRO A 1 55  ? -1.392  -8.272  6.791   1.00 12.07 ? 82  PRO A CD  1 
ATOM   429  N  N   . PHE A 1 56  ? -1.915  -5.568  4.591   1.00 12.06 ? 83  PHE A N   1 
ATOM   430  C  CA  . PHE A 1 56  ? -1.510  -4.661  3.503   1.00 12.50 ? 83  PHE A CA  1 
ATOM   431  C  C   . PHE A 1 56  ? -2.462  -4.726  2.327   1.00 13.86 ? 83  PHE A C   1 
ATOM   432  O  O   . PHE A 1 56  ? -2.178  -4.047  1.285   1.00 13.83 ? 83  PHE A O   1 
ATOM   433  C  CB  . PHE A 1 56  ? -0.057  -5.003  3.101   1.00 13.80 ? 83  PHE A CB  1 
ATOM   434  C  CG  . PHE A 1 56  ? 0.879   -5.008  4.230   1.00 14.25 ? 83  PHE A CG  1 
ATOM   435  C  CD1 . PHE A 1 56  ? 1.336   -3.834  4.828   1.00 14.58 ? 83  PHE A CD1 1 
ATOM   436  C  CD2 . PHE A 1 56  ? 1.258   -6.193  4.797   1.00 12.97 ? 83  PHE A CD2 1 
ATOM   437  C  CE1 . PHE A 1 56  ? 2.187   -3.863  5.881   1.00 14.39 ? 83  PHE A CE1 1 
ATOM   438  C  CE2 . PHE A 1 56  ? 2.102   -6.252  5.883   1.00 14.17 ? 83  PHE A CE2 1 
ATOM   439  C  CZ  . PHE A 1 56  ? 2.594   -5.079  6.447   1.00 13.85 ? 83  PHE A CZ  1 
ATOM   440  N  N   . GLN A 1 57  ? -3.554  -5.473  2.389   1.00 14.02 ? 84  GLN A N   1 
ATOM   441  C  CA  . GLN A 1 57  ? -4.465  -5.662  1.255   1.00 14.63 ? 84  GLN A CA  1 
ATOM   442  C  C   . GLN A 1 57  ? -5.533  -4.585  1.051   1.00 14.90 ? 84  GLN A C   1 
ATOM   443  O  O   . GLN A 1 57  ? -6.334  -4.685  0.140   1.00 14.95 ? 84  GLN A O   1 
ATOM   444  C  CB  . GLN A 1 57  ? -5.157  -7.033  1.324   1.00 15.15 ? 84  GLN A CB  1 
ATOM   445  C  CG  . GLN A 1 57  ? -4.194  -8.126  0.990   1.00 15.79 ? 84  GLN A CG  1 
ATOM   446  C  CD  . GLN A 1 57  ? -4.821  -9.487  1.181   1.00 18.39 ? 84  GLN A CD  1 
ATOM   447  O  OE1 . GLN A 1 57  ? -5.594  -9.666  2.096   1.00 18.66 ? 84  GLN A OE1 1 
ATOM   448  N  NE2 . GLN A 1 57  ? -4.491  -10.432 0.319   1.00 19.42 ? 84  GLN A NE2 1 
ATOM   449  N  N   . GLN A 1 58  ? -5.537  -3.591  1.922   1.00 13.53 ? 85  GLN A N   1 
ATOM   450  C  CA  . GLN A 1 58  ? -6.563  -2.547  1.867   1.00 14.44 ? 85  GLN A CA  1 
ATOM   451  C  C   . GLN A 1 58  ? -6.032  -1.336  2.572   1.00 13.29 ? 85  GLN A C   1 
ATOM   452  O  O   . GLN A 1 58  ? -5.105  -1.423  3.391   1.00 13.86 ? 85  GLN A O   1 
ATOM   453  C  CB  . GLN A 1 58  ? -7.846  -3.015  2.511   1.00 14.64 ? 85  GLN A CB  1 
ATOM   454  C  CG  . GLN A 1 58  ? -7.738  -3.348  4.003   1.00 16.34 ? 85  GLN A CG  1 
ATOM   455  C  CD  . GLN A 1 58  ? -7.053  -4.690  4.251   1.00 14.81 ? 85  GLN A CD  1 
ATOM   456  O  OE1 . GLN A 1 58  ? -7.423  -5.698  3.582   1.00 18.59 ? 85  GLN A OE1 1 
ATOM   457  N  NE2 . GLN A 1 58  ? -6.099  -4.729  5.192   1.00 16.94 ? 85  GLN A NE2 1 
ATOM   458  N  N   . PRO A 1 59  ? -6.601  -0.158  2.270   1.00 13.46 ? 86  PRO A N   1 
ATOM   459  C  CA  . PRO A 1 59  ? -6.242  1.039   3.060   1.00 13.88 ? 86  PRO A CA  1 
ATOM   460  C  C   . PRO A 1 59  ? -6.387  0.770   4.546   1.00 15.46 ? 86  PRO A C   1 
ATOM   461  O  O   . PRO A 1 59  ? -7.335  0.109   4.969   1.00 16.16 ? 86  PRO A O   1 
ATOM   462  C  CB  . PRO A 1 59  ? -7.204  2.117   2.547   1.00 15.12 ? 86  PRO A CB  1 
ATOM   463  C  CG  . PRO A 1 59  ? -7.547  1.682   1.125   1.00 14.53 ? 86  PRO A CG  1 
ATOM   464  C  CD  . PRO A 1 59  ? -7.507  0.156   1.158   1.00 15.10 ? 86  PRO A CD  1 
ATOM   465  N  N   . VAL A 1 60  ? -5.471  1.281   5.353   1.00 13.18 ? 87  VAL A N   1 
ATOM   466  C  CA  . VAL A 1 60  ? -5.489  0.997   6.778   1.00 13.11 ? 87  VAL A CA  1 
ATOM   467  C  C   . VAL A 1 60  ? -6.788  1.513   7.385   1.00 14.01 ? 87  VAL A C   1 
ATOM   468  O  O   . VAL A 1 60  ? -7.166  2.691   7.263   1.00 14.48 ? 87  VAL A O   1 
ATOM   469  C  CB  . VAL A 1 60  ? -4.272  1.623   7.465   1.00 12.70 ? 87  VAL A CB  1 
ATOM   470  C  CG1 . VAL A 1 60  ? -4.419  1.550   9.007   1.00 13.33 ? 87  VAL A CG1 1 
ATOM   471  C  CG2 . VAL A 1 60  ? -3.021  0.910   6.998   1.00 13.47 ? 87  VAL A CG2 1 
ATOM   472  N  N   . ASP A 1 61  ? -7.536  0.606   7.998   1.00 15.40 ? 88  ASP A N   1 
ATOM   473  C  CA  . ASP A 1 61  ? -8.769  0.951   8.709   1.00 17.17 ? 88  ASP A CA  1 
ATOM   474  C  C   . ASP A 1 61  ? -8.399  1.223   10.149  1.00 17.61 ? 88  ASP A C   1 
ATOM   475  O  O   . ASP A 1 61  ? -8.482  0.359   11.048  1.00 18.34 ? 88  ASP A O   1 
ATOM   476  C  CB  . ASP A 1 61  ? -9.804  -0.160  8.522   1.00 19.22 ? 88  ASP A CB  1 
ATOM   477  C  CG  . ASP A 1 61  ? -11.179 0.224   9.103   1.00 22.47 ? 88  ASP A CG  1 
ATOM   478  O  OD1 . ASP A 1 61  ? -11.261 1.135   9.948   1.00 20.73 ? 88  ASP A OD1 1 
ATOM   479  O  OD2 . ASP A 1 61  ? -12.168 -0.442  8.730   1.00 27.48 ? 88  ASP A OD2 1 
ATOM   480  N  N   . ALA A 1 62  ? -7.985  2.451   10.394  1.00 16.17 ? 89  ALA A N   1 
ATOM   481  C  CA  . ALA A 1 62  ? -7.549  2.866   11.731  1.00 17.14 ? 89  ALA A CA  1 
ATOM   482  C  C   . ALA A 1 62  ? -8.640  2.840   12.789  1.00 17.51 ? 89  ALA A C   1 
ATOM   483  O  O   . ALA A 1 62  ? -8.334  2.645   13.970  1.00 19.03 ? 89  ALA A O   1 
ATOM   484  C  CB  . ALA A 1 62  ? -6.897  4.259   11.707  1.00 18.26 ? 89  ALA A CB  1 
ATOM   485  N  N   . VAL A 1 63  ? -9.873  3.056   12.342  1.00 18.05 ? 90  VAL A N   1 
ATOM   486  C  CA  . VAL A 1 63  ? -11.075 2.953   13.211  1.00 20.25 ? 90  VAL A CA  1 
ATOM   487  C  C   . VAL A 1 63  ? -11.265 1.498   13.674  1.00 21.47 ? 90  VAL A C   1 
ATOM   488  O  O   . VAL A 1 63  ? -11.208 1.223   14.878  1.00 24.08 ? 90  VAL A O   1 
ATOM   489  C  CB  . VAL A 1 63  ? -12.314 3.483   12.535  1.00 22.31 ? 90  VAL A CB  1 
ATOM   490  C  CG1 . VAL A 1 63  ? -13.561 3.229   13.401  1.00 23.02 ? 90  VAL A CG1 1 
ATOM   491  C  CG2 . VAL A 1 63  ? -12.163 4.985   12.248  1.00 21.67 ? 90  VAL A CG2 1 
ATOM   492  N  N   . LYS A 1 64  ? -11.424 0.562   12.752  1.00 21.49 ? 91  LYS A N   1 
ATOM   493  C  CA  . LYS A 1 64  ? -11.522 -0.864  13.150  1.00 22.03 ? 91  LYS A CA  1 
ATOM   494  C  C   . LYS A 1 64  ? -10.383 -1.372  13.974  1.00 21.30 ? 91  LYS A C   1 
ATOM   495  O  O   . LYS A 1 64  ? -10.525 -2.130  14.955  1.00 22.85 ? 91  LYS A O   1 
ATOM   496  C  CB  . LYS A 1 64  ? -11.595 -1.727  11.894  1.00 23.53 ? 91  LYS A CB  1 
ATOM   497  C  CG  . LYS A 1 64  ? -11.587 -3.216  12.217  1.00 25.03 ? 91  LYS A CG  1 
ATOM   498  C  CD  . LYS A 1 64  ? -11.618 -4.020  10.956  1.00 25.87 ? 91  LYS A CD  1 
ATOM   499  C  CE  . LYS A 1 64  ? -11.445 -5.486  11.299  1.00 24.73 ? 91  LYS A CE  1 
ATOM   500  N  NZ  . LYS A 1 64  ? -11.567 -6.314  10.079  1.00 25.27 ? 91  LYS A NZ  1 
ATOM   501  N  N   . LEU A 1 65  ? -9.171  -1.052  13.564  1.00 20.13 ? 92  LEU A N   1 
ATOM   502  C  CA  . LEU A 1 65  ? -8.000  -1.584  14.213  1.00 18.89 ? 92  LEU A CA  1 
ATOM   503  C  C   . LEU A 1 65  ? -7.620  -0.891  15.512  1.00 18.70 ? 92  LEU A C   1 
ATOM   504  O  O   . LEU A 1 65  ? -6.608  -1.202  16.124  1.00 20.29 ? 92  LEU A O   1 
ATOM   505  C  CB  . LEU A 1 65  ? -6.791  -1.599  13.262  1.00 18.37 ? 92  LEU A CB  1 
ATOM   506  C  CG  . LEU A 1 65  ? -7.082  -2.367  11.990  1.00 20.39 ? 92  LEU A CG  1 
ATOM   507  C  CD1 . LEU A 1 65  ? -5.963  -2.186  10.968  1.00 19.33 ? 92  LEU A CD1 1 
ATOM   508  C  CD2 . LEU A 1 65  ? -7.352  -3.838  12.209  1.00 19.50 ? 92  LEU A CD2 1 
ATOM   509  N  N   . ASN A 1 66  ? -8.375  0.170   15.829  1.00 19.78 ? 93  ASN A N   1 
ATOM   510  C  CA  . ASN A 1 66  ? -8.082  0.912   17.037  1.00 20.97 ? 93  ASN A CA  1 
ATOM   511  C  C   . ASN A 1 66  ? -6.693  1.445   17.020  1.00 20.00 ? 93  ASN A C   1 
ATOM   512  O  O   . ASN A 1 66  ? -5.944  1.292   17.933  1.00 19.19 ? 93  ASN A O   1 
ATOM   513  C  CB  . ASN A 1 66  ? -8.287  -0.042  18.244  1.00 25.84 ? 93  ASN A CB  1 
ATOM   514  C  CG  . ASN A 1 66  ? -8.706  0.652   19.451  1.00 30.92 ? 93  ASN A CG  1 
ATOM   515  O  OD1 . ASN A 1 66  ? -9.056  1.827   19.441  1.00 33.19 ? 93  ASN A OD1 1 
ATOM   516  N  ND2 . ASN A 1 66  ? -8.730  -0.103  20.537  1.00 35.38 ? 93  ASN A ND2 1 
ATOM   517  N  N   . LEU A 1 67  ? -6.310  2.054   15.867  1.00 17.68 ? 94  LEU A N   1 
ATOM   518  C  CA  . LEU A 1 67  ? -5.008  2.707   15.711  1.00 17.83 ? 94  LEU A CA  1 
ATOM   519  C  C   . LEU A 1 67  ? -5.247  4.219   15.478  1.00 17.65 ? 94  LEU A C   1 
ATOM   520  O  O   . LEU A 1 67  ? -5.057  4.758   14.357  1.00 16.73 ? 94  LEU A O   1 
ATOM   521  C  CB  . LEU A 1 67  ? -4.267  2.161   14.496  1.00 17.97 ? 94  LEU A CB  1 
ATOM   522  C  CG  . LEU A 1 67  ? -4.057  0.616   14.527  1.00 18.36 ? 94  LEU A CG  1 
ATOM   523  C  CD1 . LEU A 1 67  ? -3.350  0.254   13.253  1.00 18.44 ? 94  LEU A CD1 1 
ATOM   524  C  CD2 . LEU A 1 67  ? -3.199  0.215   15.713  1.00 18.99 ? 94  LEU A CD2 1 
ATOM   525  N  N   . PRO A 1 68  ? -5.685  4.944   16.521  1.00 16.40 ? 95  PRO A N   1 
ATOM   526  C  CA  . PRO A 1 68  ? -6.126  6.337   16.262  1.00 15.57 ? 95  PRO A CA  1 
ATOM   527  C  C   . PRO A 1 68  ? -5.025  7.277   15.909  1.00 15.40 ? 95  PRO A C   1 
ATOM   528  O  O   . PRO A 1 68  ? -5.314  8.367   15.363  1.00 16.08 ? 95  PRO A O   1 
ATOM   529  C  CB  . PRO A 1 68  ? -6.775  6.751   17.618  1.00 16.33 ? 95  PRO A CB  1 
ATOM   530  C  CG  . PRO A 1 68  ? -6.167  5.827   18.621  1.00 16.91 ? 95  PRO A CG  1 
ATOM   531  C  CD  . PRO A 1 68  ? -6.156  4.505   17.870  1.00 16.95 ? 95  PRO A CD  1 
ATOM   532  N  N   . ASP A 1 69  ? -3.771  6.908   16.172  1.00 14.27 ? 96  ASP A N   1 
ATOM   533  C  CA  . ASP A 1 69  ? -2.620  7.681   15.779  1.00 15.28 ? 96  ASP A CA  1 
ATOM   534  C  C   . ASP A 1 69  ? -2.140  7.440   14.357  1.00 14.45 ? 96  ASP A C   1 
ATOM   535  O  O   . ASP A 1 69  ? -1.214  8.115   13.914  1.00 15.72 ? 96  ASP A O   1 
ATOM   536  C  CB  . ASP A 1 69  ? -1.432  7.510   16.753  1.00 15.79 ? 96  ASP A CB  1 
ATOM   537  C  CG  . ASP A 1 69  ? -1.000  6.073   16.939  1.00 15.64 ? 96  ASP A CG  1 
ATOM   538  O  OD1 . ASP A 1 69  ? -1.670  5.181   16.400  1.00 17.61 ? 96  ASP A OD1 1 
ATOM   539  O  OD2 . ASP A 1 69  ? -0.050  5.810   17.679  1.00 19.28 ? 96  ASP A OD2 1 
ATOM   540  N  N   . TYR A 1 70  ? -2.746  6.461   13.645  1.00 14.12 ? 97  TYR A N   1 
ATOM   541  C  CA  . TYR A 1 70  ? -2.076  6.009   12.417  1.00 13.37 ? 97  TYR A CA  1 
ATOM   542  C  C   . TYR A 1 70  ? -1.954  7.138   11.352  1.00 12.91 ? 97  TYR A C   1 
ATOM   543  O  O   . TYR A 1 70  ? -0.895  7.379   10.856  1.00 13.23 ? 97  TYR A O   1 
ATOM   544  C  CB  . TYR A 1 70  ? -2.840  4.813   11.784  1.00 12.36 ? 97  TYR A CB  1 
ATOM   545  C  CG  . TYR A 1 70  ? -2.077  4.269   10.598  1.00 12.31 ? 97  TYR A CG  1 
ATOM   546  C  CD1 . TYR A 1 70  ? -0.974  3.493   10.773  1.00 12.44 ? 97  TYR A CD1 1 
ATOM   547  C  CD2 . TYR A 1 70  ? -2.421  4.632   9.301   1.00 12.73 ? 97  TYR A CD2 1 
ATOM   548  C  CE1 . TYR A 1 70  ? -0.223  3.004   9.680   1.00 13.25 ? 97  TYR A CE1 1 
ATOM   549  C  CE2 . TYR A 1 70  ? -1.676  4.187   8.193   1.00 13.28 ? 97  TYR A CE2 1 
ATOM   550  C  CZ  . TYR A 1 70  ? -0.578  3.384   8.391   1.00 13.48 ? 97  TYR A CZ  1 
ATOM   551  O  OH  . TYR A 1 70  ? 0.189   2.970   7.331   1.00 13.42 ? 97  TYR A OH  1 
ATOM   552  N  N   . TYR A 1 71  ? -3.050  7.828   11.105  1.00 12.51 ? 98  TYR A N   1 
ATOM   553  C  CA  . TYR A 1 71  ? -3.085  8.906   10.089  1.00 13.18 ? 98  TYR A CA  1 
ATOM   554  C  C   . TYR A 1 71  ? -2.562  10.240  10.635  1.00 13.85 ? 98  TYR A C   1 
ATOM   555  O  O   . TYR A 1 71  ? -2.454  11.242  9.865   1.00 14.24 ? 98  TYR A O   1 
ATOM   556  C  CB  . TYR A 1 71  ? -4.459  9.002   9.440   1.00 12.51 ? 98  TYR A CB  1 
ATOM   557  C  CG  . TYR A 1 71  ? -4.771  7.768   8.601   1.00 11.76 ? 98  TYR A CG  1 
ATOM   558  C  CD1 . TYR A 1 71  ? -4.090  7.552   7.418   1.00 11.82 ? 98  TYR A CD1 1 
ATOM   559  C  CD2 . TYR A 1 71  ? -5.714  6.828   8.997   1.00 11.78 ? 98  TYR A CD2 1 
ATOM   560  C  CE1 . TYR A 1 71  ? -4.373  6.458   6.634   1.00 12.29 ? 98  TYR A CE1 1 
ATOM   561  C  CE2 . TYR A 1 71  ? -6.047  5.718   8.183   1.00 12.01 ? 98  TYR A CE2 1 
ATOM   562  C  CZ  . TYR A 1 71  ? -5.372  5.556   6.993   1.00 12.30 ? 98  TYR A CZ  1 
ATOM   563  O  OH  . TYR A 1 71  ? -5.645  4.516   6.118   1.00 13.09 ? 98  TYR A OH  1 
ATOM   564  N  N   . LYS A 1 72  ? -2.235  10.278  11.928  1.00 13.95 ? 99  LYS A N   1 
ATOM   565  C  CA  . LYS A 1 72  ? -1.455  11.412  12.482  1.00 14.81 ? 99  LYS A CA  1 
ATOM   566  C  C   . LYS A 1 72  ? -0.021  11.269  12.078  1.00 14.58 ? 99  LYS A C   1 
ATOM   567  O  O   . LYS A 1 72  ? 0.691   12.238  11.883  1.00 15.29 ? 99  LYS A O   1 
ATOM   568  C  CB  . LYS A 1 72  ? -1.529  11.438  14.007  1.00 15.27 ? 99  LYS A CB  1 
ATOM   569  C  CG  . LYS A 1 72  ? -2.875  11.500  14.634  1.00 18.54 ? 99  LYS A CG  1 
ATOM   570  C  CD  . LYS A 1 72  ? -3.750  12.536  14.119  1.00 18.64 ? 99  LYS A CD  1 
ATOM   571  C  CE  . LYS A 1 72  ? -5.084  12.575  14.914  1.00 18.94 ? 99  LYS A CE  1 
ATOM   572  N  NZ  . LYS A 1 72  ? -6.064  13.280  14.053  1.00 19.84 ? 99  LYS A NZ  1 
ATOM   573  N  N   . ILE A 1 73  ? 0.476   10.021  12.002  1.00 14.28 ? 100 ILE A N   1 
ATOM   574  C  CA  . ILE A 1 73  ? 1.874   9.744   11.709  1.00 14.71 ? 100 ILE A CA  1 
ATOM   575  C  C   . ILE A 1 73  ? 2.135   9.520   10.221  1.00 14.31 ? 100 ILE A C   1 
ATOM   576  O  O   . ILE A 1 73  ? 3.130   9.945   9.647   1.00 14.97 ? 100 ILE A O   1 
ATOM   577  C  CB  . ILE A 1 73  ? 2.315   8.517   12.545  1.00 15.29 ? 100 ILE A CB  1 
ATOM   578  C  CG1 . ILE A 1 73  ? 2.280   8.871   14.045  1.00 16.76 ? 100 ILE A CG1 1 
ATOM   579  C  CG2 . ILE A 1 73  ? 3.650   7.948   12.171  1.00 16.02 ? 100 ILE A CG2 1 
ATOM   580  C  CD1 . ILE A 1 73  ? 2.188   7.632   14.920  1.00 19.64 ? 100 ILE A CD1 1 
ATOM   581  N  N   . ILE A 1 74  ? 1.218   8.797   9.596   1.00 12.98 ? 101 ILE A N   1 
ATOM   582  C  CA  . ILE A 1 74  ? 1.329   8.436   8.167   1.00 13.23 ? 101 ILE A CA  1 
ATOM   583  C  C   . ILE A 1 74  ? 0.466   9.291   7.295   1.00 13.32 ? 101 ILE A C   1 
ATOM   584  O  O   . ILE A 1 74  ? -0.775  9.156   7.347   1.00 13.84 ? 101 ILE A O   1 
ATOM   585  C  CB  . ILE A 1 74  ? 0.969   6.956   7.974   1.00 13.27 ? 101 ILE A CB  1 
ATOM   586  C  CG1 . ILE A 1 74  ? 1.894   6.033   8.808   1.00 14.12 ? 101 ILE A CG1 1 
ATOM   587  C  CG2 . ILE A 1 74  ? 1.013   6.567   6.522   1.00 13.60 ? 101 ILE A CG2 1 
ATOM   588  C  CD1 . ILE A 1 74  ? 3.350   6.173   8.521   1.00 14.90 ? 101 ILE A CD1 1 
ATOM   589  N  N   . LYS A 1 75  ? 1.126   10.214  6.586   1.00 13.44 ? 102 LYS A N   1 
ATOM   590  C  CA  . LYS A 1 75  ? 0.470   11.232  5.755   1.00 14.30 ? 102 LYS A CA  1 
ATOM   591  C  C   . LYS A 1 75  ? 0.448   10.856  4.266   1.00 14.27 ? 102 LYS A C   1 
ATOM   592  O  O   . LYS A 1 75  ? -0.265  11.488  3.482   1.00 15.07 ? 102 LYS A O   1 
ATOM   593  C  CB  . LYS A 1 75  ? 1.102   12.621  5.905   1.00 15.30 ? 102 LYS A CB  1 
ATOM   594  C  CG  . LYS A 1 75  ? 1.218   13.202  7.291   1.00 18.40 ? 102 LYS A CG  1 
ATOM   595  C  CD  . LYS A 1 75  ? -0.148  13.184  7.964   1.00 18.61 ? 102 LYS A CD  1 
ATOM   596  C  CE  . LYS A 1 75  ? -0.284  14.060  9.196   1.00 19.21 ? 102 LYS A CE  1 
ATOM   597  N  NZ  . LYS A 1 75  ? -1.604  13.838  9.771   1.00 17.76 ? 102 LYS A NZ  1 
ATOM   598  N  N   . THR A 1 76  ? 1.184   9.815   3.871   1.00 13.41 ? 103 THR A N   1 
ATOM   599  C  CA  . THR A 1 76  ? 1.127   9.296   2.514   1.00 14.85 ? 103 THR A CA  1 
ATOM   600  C  C   . THR A 1 76  ? 0.795   7.794   2.574   1.00 14.23 ? 103 THR A C   1 
ATOM   601  O  O   . THR A 1 76  ? 1.633   6.900   2.349   1.00 14.48 ? 103 THR A O   1 
ATOM   602  C  CB  . THR A 1 76  ? 2.462   9.568   1.761   1.00 18.19 ? 103 THR A CB  1 
ATOM   603  O  OG1 . THR A 1 76  ? 2.763   10.973  1.848   1.00 20.98 ? 103 THR A OG1 1 
ATOM   604  C  CG2 . THR A 1 76  ? 2.378   9.243   0.306   1.00 20.55 ? 103 THR A CG2 1 
ATOM   605  N  N   . PRO A 1 77  ? -0.422  7.437   2.973   1.00 13.63 ? 104 PRO A N   1 
ATOM   606  C  CA  . PRO A 1 77  ? -0.801  6.039   3.030   1.00 13.65 ? 104 PRO A CA  1 
ATOM   607  C  C   . PRO A 1 77  ? -0.771  5.356   1.674   1.00 13.29 ? 104 PRO A C   1 
ATOM   608  O  O   . PRO A 1 77  ? -0.992  5.954   0.642   1.00 12.64 ? 104 PRO A O   1 
ATOM   609  C  CB  . PRO A 1 77  ? -2.223  6.051   3.584   1.00 15.32 ? 104 PRO A CB  1 
ATOM   610  C  CG  . PRO A 1 77  ? -2.652  7.470   3.497   1.00 14.79 ? 104 PRO A CG  1 
ATOM   611  C  CD  . PRO A 1 77  ? -1.539  8.356   3.170   1.00 14.00 ? 104 PRO A CD  1 
ATOM   612  N  N   . MET A 1 78  ? -0.454  4.063   1.712   1.00 11.81 ? 105 MET A N   1 
ATOM   613  C  CA  . MET A 1 78  ? -0.455  3.252   0.529   1.00 11.70 ? 105 MET A CA  1 
ATOM   614  C  C   . MET A 1 78  ? -0.583  1.804   0.913   1.00 12.35 ? 105 MET A C   1 
ATOM   615  O  O   . MET A 1 78  ? -0.057  1.363   1.968   1.00 12.90 ? 105 MET A O   1 
ATOM   616  C  CB  . MET A 1 78  ? 0.820   3.432   -0.321  1.00 12.09 ? 105 MET A CB  1 
ATOM   617  C  CG  . MET A 1 78  ? 0.796   2.782   -1.713  1.00 12.14 ? 105 MET A CG  1 
ATOM   618  S  SD  . MET A 1 78  ? -0.688  3.117   -2.705  1.00 13.76 ? 105 MET A SD  1 
ATOM   619  C  CE  . MET A 1 78  ? -0.758  4.908   -2.850  1.00 13.62 ? 105 MET A CE  1 
ATOM   620  N  N   . ASP A 1 79  ? -1.246  1.050   0.063   1.00 12.07 ? 106 ASP A N   1 
ATOM   621  C  CA  . ASP A 1 79  ? -1.516  -0.360  0.344   1.00 11.97 ? 106 ASP A CA  1 
ATOM   622  C  C   . ASP A 1 79  ? -1.606  -1.131  -0.938  1.00 11.56 ? 106 ASP A C   1 
ATOM   623  O  O   . ASP A 1 79  ? -1.793  -0.561  -2.023  1.00 11.86 ? 106 ASP A O   1 
ATOM   624  C  CB  . ASP A 1 79  ? -2.826  -0.485  1.127   1.00 13.18 ? 106 ASP A CB  1 
ATOM   625  C  CG  . ASP A 1 79  ? -4.014  -0.005  0.285   1.00 12.54 ? 106 ASP A CG  1 
ATOM   626  O  OD1 . ASP A 1 79  ? -4.250  1.225   0.144   1.00 14.14 ? 106 ASP A OD1 1 
ATOM   627  O  OD2 . ASP A 1 79  ? -4.642  -0.881  -0.314  1.00 13.81 ? 106 ASP A OD2 1 
ATOM   628  N  N   . MET A 1 80  ? -1.568  -2.461  -0.826  1.00 12.09 ? 107 MET A N   1 
ATOM   629  C  CA  . MET A 1 80  ? -1.626  -3.299  -2.038  1.00 13.60 ? 107 MET A CA  1 
ATOM   630  C  C   . MET A 1 80  ? -2.967  -3.350  -2.701  1.00 13.16 ? 107 MET A C   1 
ATOM   631  O  O   . MET A 1 80  ? -3.020  -3.632  -3.894  1.00 13.40 ? 107 MET A O   1 
ATOM   632  C  CB  . MET A 1 80  ? -1.142  -4.741  -1.791  1.00 14.57 ? 107 MET A CB  1 
ATOM   633  C  CG  . MET A 1 80  ? 0.296   -4.813  -1.383  1.00 14.89 ? 107 MET A CG  1 
ATOM   634  S  SD  . MET A 1 80  ? 1.040   -6.446  -1.657  1.00 17.25 ? 107 MET A SD  1 
ATOM   635  C  CE  . MET A 1 80  ? 0.257   -7.344  -0.359  1.00 17.52 ? 107 MET A CE  1 
ATOM   636  N  N   . GLY A 1 81  ? -4.056  -3.125  -1.982  1.00 12.99 ? 108 GLY A N   1 
ATOM   637  C  CA  . GLY A 1 81  ? -5.404  -3.033  -2.599  1.00 14.10 ? 108 GLY A CA  1 
ATOM   638  C  C   . GLY A 1 81  ? -5.440  -1.888  -3.603  1.00 12.48 ? 108 GLY A C   1 
ATOM   639  O  O   . GLY A 1 81  ? -5.872  -2.016  -4.741  1.00 15.16 ? 108 GLY A O   1 
ATOM   640  N  N   . THR A 1 82  ? -5.001  -0.716  -3.134  1.00 13.24 ? 109 THR A N   1 
ATOM   641  C  CA  . THR A 1 82  ? -4.840  0.462   -3.997  1.00 12.77 ? 109 THR A CA  1 
ATOM   642  C  C   . THR A 1 82  ? -3.900  0.161   -5.170  1.00 12.74 ? 109 THR A C   1 
ATOM   643  O  O   . THR A 1 82  ? -4.251  0.511   -6.312  1.00 12.34 ? 109 THR A O   1 
ATOM   644  C  CB  . THR A 1 82  ? -4.311  1.630   -3.164  1.00 13.15 ? 109 THR A CB  1 
ATOM   645  O  OG1 . THR A 1 82  ? -5.310  1.870   -2.178  1.00 13.06 ? 109 THR A OG1 1 
ATOM   646  C  CG2 . THR A 1 82  ? -4.053  2.889   -4.037  1.00 14.33 ? 109 THR A CG2 1 
ATOM   647  N  N   . ILE A 1 83  ? -2.734  -0.456  -4.936  1.00 12.06 ? 110 ILE A N   1 
ATOM   648  C  CA  . ILE A 1 83  ? -1.812  -0.748  -6.027  1.00 12.57 ? 110 ILE A CA  1 
ATOM   649  C  C   . ILE A 1 83  ? -2.443  -1.704  -7.035  1.00 12.71 ? 110 ILE A C   1 
ATOM   650  O  O   . ILE A 1 83  ? -2.317  -1.521  -8.234  1.00 11.70 ? 110 ILE A O   1 
ATOM   651  C  CB  . ILE A 1 83  ? -0.472  -1.303  -5.471  1.00 12.02 ? 110 ILE A CB  1 
ATOM   652  C  CG1 . ILE A 1 83  ? 0.285   -0.222  -4.626  1.00 13.59 ? 110 ILE A CG1 1 
ATOM   653  C  CG2 . ILE A 1 83  ? 0.408   -1.761  -6.608  1.00 13.50 ? 110 ILE A CG2 1 
ATOM   654  C  CD1 . ILE A 1 83  ? 1.396   -0.803  -3.757  1.00 13.56 ? 110 ILE A CD1 1 
ATOM   655  N  N   . LYS A 1 84  ? -3.080  -2.753  -6.536  1.00 13.52 ? 111 LYS A N   1 
ATOM   656  C  CA  . LYS A 1 84  ? -3.774  -3.705  -7.395  1.00 14.40 ? 111 LYS A CA  1 
ATOM   657  C  C   . LYS A 1 84  ? -4.789  -3.010  -8.283  1.00 14.06 ? 111 LYS A C   1 
ATOM   658  O  O   . LYS A 1 84  ? -4.825  -3.252  -9.521  1.00 14.34 ? 111 LYS A O   1 
ATOM   659  C  CB  . LYS A 1 84  ? -4.452  -4.794  -6.549  1.00 16.33 ? 111 LYS A CB  1 
ATOM   660  C  CG  . LYS A 1 84  ? -5.182  -5.876  -7.343  1.00 18.71 ? 111 LYS A CG  1 
ATOM   661  C  CD  . LYS A 1 84  ? -5.758  -6.894  -6.376  1.00 22.60 ? 111 LYS A CD  1 
ATOM   662  C  CE  . LYS A 1 84  ? -6.199  -8.139  -7.103  1.00 27.58 ? 111 LYS A CE  1 
ATOM   663  N  NZ  . LYS A 1 84  ? -7.555  -7.835  -7.618  1.00 28.64 ? 111 LYS A NZ  1 
ATOM   664  N  N   . LYS A 1 85  ? -5.609  -2.149  -7.680  1.00 13.46 ? 112 LYS A N   1 
ATOM   665  C  CA  . LYS A 1 85  ? -6.628  -1.483  -8.450  1.00 16.20 ? 112 LYS A CA  1 
ATOM   666  C  C   . LYS A 1 85  ? -5.973  -0.541  -9.480  1.00 15.73 ? 112 LYS A C   1 
ATOM   667  O  O   . LYS A 1 85  ? -6.427  -0.421  -10.655 1.00 14.90 ? 112 LYS A O   1 
ATOM   668  C  CB  . LYS A 1 85  ? -7.645  -0.782  -7.559  1.00 19.40 ? 112 LYS A CB  1 
ATOM   669  C  CG  . LYS A 1 85  ? -8.970  -0.476  -8.255  1.00 27.88 ? 112 LYS A CG  1 
ATOM   670  C  CD  . LYS A 1 85  ? -9.782  -1.766  -8.594  1.00 32.31 ? 112 LYS A CD  1 
ATOM   671  C  CE  . LYS A 1 85  ? -10.382 -1.757  -10.016 1.00 37.97 ? 112 LYS A CE  1 
ATOM   672  N  NZ  . LYS A 1 85  ? -10.265 -3.058  -10.776 1.00 39.95 ? 112 LYS A NZ  1 
ATOM   673  N  N   . ARG A 1 86  ? -4.899  0.107   -9.076  1.00 13.40 ? 113 ARG A N   1 
ATOM   674  C  CA  . ARG A 1 86  ? -4.191  1.039   -9.990  1.00 13.03 ? 113 ARG A CA  1 
ATOM   675  C  C   . ARG A 1 86  ? -3.640  0.252   -11.197 1.00 12.33 ? 113 ARG A C   1 
ATOM   676  O  O   . ARG A 1 86  ? -3.778  0.654   -12.370 1.00 13.72 ? 113 ARG A O   1 
ATOM   677  C  CB  . ARG A 1 86  ? -3.062  1.804   -9.277  1.00 12.80 ? 113 ARG A CB  1 
ATOM   678  C  CG  . ARG A 1 86  ? -3.558  2.931   -8.405  1.00 12.39 ? 113 ARG A CG  1 
ATOM   679  C  CD  . ARG A 1 86  ? -2.441  3.588   -7.644  1.00 12.66 ? 113 ARG A CD  1 
ATOM   680  N  NE  . ARG A 1 86  ? -3.009  4.739   -6.919  1.00 11.97 ? 113 ARG A NE  1 
ATOM   681  C  CZ  . ARG A 1 86  ? -2.272  5.707   -6.379  1.00 12.89 ? 113 ARG A CZ  1 
ATOM   682  N  NH1 . ARG A 1 86  ? -0.937  5.719   -6.350  1.00 12.93 ? 113 ARG A NH1 1 
ATOM   683  N  NH2 . ARG A 1 86  ? -2.939  6.707   -5.795  1.00 14.36 ? 113 ARG A NH2 1 
ATOM   684  N  N   . LEU A 1 87  ? -3.014  -0.869  -10.946 1.00 12.29 ? 114 LEU A N   1 
ATOM   685  C  CA  . LEU A 1 87  ? -2.537  -1.764  -12.019 1.00 13.91 ? 114 LEU A CA  1 
ATOM   686  C  C   . LEU A 1 87  ? -3.643  -2.231  -12.889 1.00 13.77 ? 114 LEU A C   1 
ATOM   687  O  O   . LEU A 1 87  ? -3.483  -2.177  -14.134 1.00 14.43 ? 114 LEU A O   1 
ATOM   688  C  CB  . LEU A 1 87  ? -1.738  -2.992  -11.496 1.00 14.18 ? 114 LEU A CB  1 
ATOM   689  C  CG  . LEU A 1 87  ? -0.396  -2.576  -10.923 1.00 15.99 ? 114 LEU A CG  1 
ATOM   690  C  CD1 . LEU A 1 87  ? 0.108   -3.678  -10.012 1.00 16.26 ? 114 LEU A CD1 1 
ATOM   691  C  CD2 . LEU A 1 87  ? 0.664   -2.172  -11.979 1.00 15.83 ? 114 LEU A CD2 1 
ATOM   692  N  N   . GLU A 1 88  ? -4.752  -2.677  -12.310 1.00 14.99 ? 115 GLU A N   1 
ATOM   693  C  CA  . GLU A 1 88  ? -5.941  -3.155  -13.099 1.00 16.95 ? 115 GLU A CA  1 
ATOM   694  C  C   . GLU A 1 88  ? -6.513  -2.054  -13.965 1.00 19.08 ? 115 GLU A C   1 
ATOM   695  O  O   . GLU A 1 88  ? -6.999  -2.302  -15.079 1.00 21.59 ? 115 GLU A O   1 
ATOM   696  C  CB  . GLU A 1 88  ? -6.984  -3.798  -12.204 1.00 19.54 ? 115 GLU A CB  1 
ATOM   697  C  CG  . GLU A 1 88  ? -6.526  -5.084  -11.623 1.00 21.90 ? 115 GLU A CG  1 
ATOM   698  C  CD  . GLU A 1 88  ? -7.389  -5.540  -10.457 1.00 23.12 ? 115 GLU A CD  1 
ATOM   699  O  OE1 . GLU A 1 88  ? -8.265  -4.803  -9.971  1.00 26.38 ? 115 GLU A OE1 1 
ATOM   700  O  OE2 . GLU A 1 88  ? -7.099  -6.642  -9.994  1.00 28.38 ? 115 GLU A OE2 1 
ATOM   701  N  N   . ASN A 1 89  ? -6.384  -0.829  -13.499 1.00 16.16 ? 116 ASN A N   1 
ATOM   702  C  CA  . ASN A 1 89  ? -6.955  0.359   -14.163 1.00 17.65 ? 116 ASN A CA  1 
ATOM   703  C  C   . ASN A 1 89  ? -5.941  1.015   -15.041 1.00 16.90 ? 116 ASN A C   1 
ATOM   704  O  O   . ASN A 1 89  ? -6.243  2.045   -15.606 1.00 21.01 ? 116 ASN A O   1 
ATOM   705  C  CB  . ASN A 1 89  ? -7.427  1.373   -13.136 1.00 19.07 ? 116 ASN A CB  1 
ATOM   706  C  CG  . ASN A 1 89  ? -8.674  0.966   -12.449 1.00 22.07 ? 116 ASN A CG  1 
ATOM   707  O  OD1 . ASN A 1 89  ? -9.329  -0.009  -12.840 1.00 25.04 ? 116 ASN A OD1 1 
ATOM   708  N  ND2 . ASN A 1 89  ? -9.044  1.715   -11.438 1.00 22.01 ? 116 ASN A ND2 1 
ATOM   709  N  N   . ASN A 1 90  ? -4.766  0.446   -15.228 1.00 17.72 ? 117 ASN A N   1 
ATOM   710  C  CA  . ASN A 1 90  ? -3.727  1.023   -16.076 1.00 17.85 ? 117 ASN A CA  1 
ATOM   711  C  C   . ASN A 1 90  ? -3.363  2.467   -15.682 1.00 17.77 ? 117 ASN A C   1 
ATOM   712  O  O   . ASN A 1 90  ? -3.016  3.295   -16.532 1.00 19.93 ? 117 ASN A O   1 
ATOM   713  C  CB  . ASN A 1 90  ? -4.131  0.887   -17.569 1.00 20.64 ? 117 ASN A CB  1 
ATOM   714  C  CG  . ASN A 1 90  ? -4.213  -0.602  -18.007 1.00 23.13 ? 117 ASN A CG  1 
ATOM   715  O  OD1 . ASN A 1 90  ? -3.311  -1.391  -17.767 1.00 26.60 ? 117 ASN A OD1 1 
ATOM   716  N  ND2 . ASN A 1 90  ? -5.289  -0.963  -18.645 1.00 30.89 ? 117 ASN A ND2 1 
ATOM   717  N  N   . TYR A 1 91  ? -3.388  2.743   -14.381 1.00 13.94 ? 118 TYR A N   1 
ATOM   718  C  CA  . TYR A 1 91  ? -3.216  4.072   -13.818 1.00 14.18 ? 118 TYR A CA  1 
ATOM   719  C  C   . TYR A 1 91  ? -1.827  4.639   -13.987 1.00 14.01 ? 118 TYR A C   1 
ATOM   720  O  O   . TYR A 1 91  ? -1.656  5.886   -13.933 1.00 13.33 ? 118 TYR A O   1 
ATOM   721  C  CB  . TYR A 1 91  ? -3.545  3.965   -12.308 1.00 13.38 ? 118 TYR A CB  1 
ATOM   722  C  CG  . TYR A 1 91  ? -3.400  5.202   -11.439 1.00 12.62 ? 118 TYR A CG  1 
ATOM   723  C  CD1 . TYR A 1 91  ? -4.421  6.124   -11.358 1.00 14.23 ? 118 TYR A CD1 1 
ATOM   724  C  CD2 . TYR A 1 91  ? -2.230  5.487   -10.704 1.00 13.48 ? 118 TYR A CD2 1 
ATOM   725  C  CE1 . TYR A 1 91  ? -4.328  7.219   -10.517 1.00 14.09 ? 118 TYR A CE1 1 
ATOM   726  C  CE2 . TYR A 1 91  ? -2.147  6.595   -9.924  1.00 12.80 ? 118 TYR A CE2 1 
ATOM   727  C  CZ  . TYR A 1 91  ? -3.185  7.434   -9.807  1.00 15.13 ? 118 TYR A CZ  1 
ATOM   728  O  OH  . TYR A 1 91  ? -3.037  8.557   -9.019  1.00 18.68 ? 118 TYR A OH  1 
ATOM   729  N  N   . TYR A 1 92  ? -0.809  3.776   -14.064 1.00 12.20 ? 119 TYR A N   1 
ATOM   730  C  CA  . TYR A 1 92  ? 0.558   4.252   -14.037 1.00 12.56 ? 119 TYR A CA  1 
ATOM   731  C  C   . TYR A 1 92  ? 1.109   4.634   -15.430 1.00 12.36 ? 119 TYR A C   1 
ATOM   732  O  O   . TYR A 1 92  ? 0.731   4.043   -16.433 1.00 13.32 ? 119 TYR A O   1 
ATOM   733  C  CB  . TYR A 1 92  ? 1.433   3.141   -13.475 1.00 12.08 ? 119 TYR A CB  1 
ATOM   734  C  CG  . TYR A 1 92  ? 1.136   2.772   -12.016 1.00 11.59 ? 119 TYR A CG  1 
ATOM   735  C  CD1 . TYR A 1 92  ? 1.374   3.702   -10.981 1.00 11.95 ? 119 TYR A CD1 1 
ATOM   736  C  CD2 . TYR A 1 92  ? 0.552   1.539   -11.680 1.00 12.45 ? 119 TYR A CD2 1 
ATOM   737  C  CE1 . TYR A 1 92  ? 1.140   3.368   -9.652  1.00 11.72 ? 119 TYR A CE1 1 
ATOM   738  C  CE2 . TYR A 1 92  ? 0.324   1.222   -10.357 1.00 13.42 ? 119 TYR A CE2 1 
ATOM   739  C  CZ  . TYR A 1 92  ? 0.595   2.133   -9.370  1.00 12.68 ? 119 TYR A CZ  1 
ATOM   740  O  OH  . TYR A 1 92  ? 0.423   1.738   -8.049  1.00 12.92 ? 119 TYR A OH  1 
ATOM   741  N  N   . TRP A 1 93  ? 2.074   5.516   -15.436 1.00 13.21 ? 120 TRP A N   1 
ATOM   742  C  CA  . TRP A 1 93  ? 2.813   5.849   -16.665 1.00 13.39 ? 120 TRP A CA  1 
ATOM   743  C  C   . TRP A 1 93  ? 4.034   4.964   -16.852 1.00 13.66 ? 120 TRP A C   1 
ATOM   744  O  O   . TRP A 1 93  ? 4.443   4.656   -17.999 1.00 13.71 ? 120 TRP A O   1 
ATOM   745  C  CB  . TRP A 1 93  ? 3.268   7.302   -16.563 1.00 13.03 ? 120 TRP A CB  1 
ATOM   746  C  CG  . TRP A 1 93  ? 4.128   7.757   -17.692 1.00 13.31 ? 120 TRP A CG  1 
ATOM   747  C  CD1 . TRP A 1 93  ? 5.485   7.854   -17.711 1.00 13.65 ? 120 TRP A CD1 1 
ATOM   748  C  CD2 . TRP A 1 93  ? 3.674   8.187   -18.970 1.00 12.71 ? 120 TRP A CD2 1 
ATOM   749  N  NE1 . TRP A 1 93  ? 5.892   8.353   -18.916 1.00 14.87 ? 120 TRP A NE1 1 
ATOM   750  C  CE2 . TRP A 1 93  ? 4.798   8.571   -19.706 1.00 13.10 ? 120 TRP A CE2 1 
ATOM   751  C  CE3 . TRP A 1 93  ? 2.416   8.326   -19.545 1.00 12.46 ? 120 TRP A CE3 1 
ATOM   752  C  CZ2 . TRP A 1 93  ? 4.697   9.035   -21.030 1.00 15.03 ? 120 TRP A CZ2 1 
ATOM   753  C  CZ3 . TRP A 1 93  ? 2.352   8.828   -20.890 1.00 14.56 ? 120 TRP A CZ3 1 
ATOM   754  C  CH2 . TRP A 1 93  ? 3.481   9.169   -21.556 1.00 14.51 ? 120 TRP A CH2 1 
ATOM   755  N  N   . ASN A 1 94  ? 4.638   4.512   -15.743 1.00 13.28 ? 121 ASN A N   1 
ATOM   756  C  CA  . ASN A 1 94  ? 5.809   3.639   -15.857 1.00 13.72 ? 121 ASN A CA  1 
ATOM   757  C  C   . ASN A 1 94  ? 5.931   2.780   -14.639 1.00 13.75 ? 121 ASN A C   1 
ATOM   758  O  O   . ASN A 1 94  ? 5.188   2.926   -13.660 1.00 13.31 ? 121 ASN A O   1 
ATOM   759  C  CB  . ASN A 1 94  ? 7.092   4.465   -16.038 1.00 14.61 ? 121 ASN A CB  1 
ATOM   760  C  CG  . ASN A 1 94  ? 7.389   5.474   -14.927 1.00 16.78 ? 121 ASN A CG  1 
ATOM   761  O  OD1 . ASN A 1 94  ? 6.987   5.349   -13.800 1.00 16.28 ? 121 ASN A OD1 1 
ATOM   762  N  ND2 . ASN A 1 94  ? 8.178   6.486   -15.261 1.00 20.36 ? 121 ASN A ND2 1 
ATOM   763  N  N   . ALA A 1 95  ? 6.961   1.957   -14.642 1.00 14.49 ? 122 ALA A N   1 
ATOM   764  C  CA  . ALA A 1 95  ? 7.164   1.013   -13.536 1.00 15.66 ? 122 ALA A CA  1 
ATOM   765  C  C   . ALA A 1 95  ? 7.549   1.727   -12.296 1.00 14.23 ? 122 ALA A C   1 
ATOM   766  O  O   . ALA A 1 95  ? 7.139   1.317   -11.179 1.00 13.74 ? 122 ALA A O   1 
ATOM   767  C  CB  . ALA A 1 95  ? 8.210   -0.030  -13.950 1.00 15.18 ? 122 ALA A CB  1 
ATOM   768  N  N   . GLN A 1 96  ? 8.322   2.786   -12.393 1.00 14.28 ? 123 GLN A N   1 
ATOM   769  C  CA  . GLN A 1 96  ? 8.778   3.565   -11.250 1.00 14.60 ? 123 GLN A CA  1 
ATOM   770  C  C   . GLN A 1 96  ? 7.639   4.049   -10.422 1.00 14.45 ? 123 GLN A C   1 
ATOM   771  O  O   . GLN A 1 96  ? 7.715   4.014   -9.184  1.00 13.74 ? 123 GLN A O   1 
ATOM   772  C  CB  . GLN A 1 96  ? 9.653   4.786   -11.670 1.00 16.99 ? 123 GLN A CB  1 
ATOM   773  C  CG  . GLN A 1 96  ? 10.402  5.533   -10.532 1.00 18.72 ? 123 GLN A CG  1 
ATOM   774  C  CD  . GLN A 1 96  ? 9.600   6.489   -9.577  1.00 22.88 ? 123 GLN A CD  1 
ATOM   775  O  OE1 . GLN A 1 96  ? 8.679   7.210   -9.973  1.00 26.78 ? 123 GLN A OE1 1 
ATOM   776  N  NE2 . GLN A 1 96  ? 9.979   6.480   -8.263  1.00 23.66 ? 123 GLN A NE2 1 
ATOM   777  N  N   . GLU A 1 97  ? 6.576   4.553   -11.038 1.00 13.94 ? 124 GLU A N   1 
ATOM   778  C  CA  . GLU A 1 97  ? 5.452   5.034   -10.237 1.00 14.35 ? 124 GLU A CA  1 
ATOM   779  C  C   . GLU A 1 97  ? 4.858   3.928   -9.391  1.00 12.80 ? 124 GLU A C   1 
ATOM   780  O  O   . GLU A 1 97  ? 4.495   4.184   -8.215  1.00 13.50 ? 124 GLU A O   1 
ATOM   781  C  CB  . GLU A 1 97  ? 4.330   5.644   -11.059 1.00 14.27 ? 124 GLU A CB  1 
ATOM   782  C  CG  . GLU A 1 97  ? 4.751   6.877   -11.861 1.00 15.03 ? 124 GLU A CG  1 
ATOM   783  C  CD  . GLU A 1 97  ? 3.646   7.518   -12.637 1.00 15.49 ? 124 GLU A CD  1 
ATOM   784  O  OE1 . GLU A 1 97  ? 2.710   6.791   -12.996 1.00 13.32 ? 124 GLU A OE1 1 
ATOM   785  O  OE2 . GLU A 1 97  ? 3.767   8.741   -12.935 1.00 17.27 ? 124 GLU A OE2 1 
ATOM   786  N  N   . CYS A 1 98  ? 4.732   2.740   -9.950  1.00 12.17 ? 125 CYS A N   1 
ATOM   787  C  CA  . CYS A 1 98  ? 4.176   1.631   -9.178  1.00 11.30 ? 125 CYS A CA  1 
ATOM   788  C  C   . CYS A 1 98  ? 5.132   1.118   -8.088  1.00 11.19 ? 125 CYS A C   1 
ATOM   789  O  O   . CYS A 1 98  ? 4.759   0.975   -6.931  1.00 12.71 ? 125 CYS A O   1 
ATOM   790  C  CB  . CYS A 1 98  ? 3.848   0.482   -10.145 1.00 12.48 ? 125 CYS A CB  1 
ATOM   791  S  SG  . CYS A 1 98  ? 3.262   -1.055  -9.354  1.00 14.30 ? 125 CYS A SG  1 
ATOM   792  N  N   . ILE A 1 99  ? 6.384   0.953   -8.419  1.00 11.91 ? 126 ILE A N   1 
ATOM   793  C  CA  . ILE A 1 99  ? 7.419   0.600   -7.427  1.00 12.85 ? 126 ILE A CA  1 
ATOM   794  C  C   . ILE A 1 99  ? 7.477   1.593   -6.292  1.00 13.61 ? 126 ILE A C   1 
ATOM   795  O  O   . ILE A 1 99  ? 7.594   1.203   -5.131  1.00 13.23 ? 126 ILE A O   1 
ATOM   796  C  CB  . ILE A 1 99  ? 8.807   0.452   -8.144  1.00 13.42 ? 126 ILE A CB  1 
ATOM   797  C  CG1 . ILE A 1 99  ? 8.757   -0.812  -8.984  1.00 14.23 ? 126 ILE A CG1 1 
ATOM   798  C  CG2 . ILE A 1 99  ? 9.964   0.445   -7.152  1.00 15.22 ? 126 ILE A CG2 1 
ATOM   799  C  CD1 . ILE A 1 99  ? 9.869   -0.912  -10.015 1.00 15.01 ? 126 ILE A CD1 1 
ATOM   800  N  N   . GLN A 1 100 ? 7.361   2.899   -6.570  1.00 12.61 ? 127 GLN A N   1 
ATOM   801  C  CA  . GLN A 1 100 ? 7.350   3.883   -5.530  1.00 14.32 ? 127 GLN A CA  1 
ATOM   802  C  C   . GLN A 1 100 ? 6.169   3.678   -4.562  1.00 14.01 ? 127 GLN A C   1 
ATOM   803  O  O   . GLN A 1 100 ? 6.278   3.927   -3.344  1.00 13.86 ? 127 GLN A O   1 
ATOM   804  C  CB  . GLN A 1 100 ? 7.247   5.235   -6.176  1.00 18.29 ? 127 GLN A CB  1 
ATOM   805  C  CG  . GLN A 1 100 ? 7.306   6.422   -5.247  1.00 24.95 ? 127 GLN A CG  1 
ATOM   806  C  CD  . GLN A 1 100 ? 7.769   7.626   -6.095  1.00 34.41 ? 127 GLN A CD  1 
ATOM   807  O  OE1 . GLN A 1 100 ? 8.811   8.218   -5.832  1.00 43.04 ? 127 GLN A OE1 1 
ATOM   808  N  NE2 . GLN A 1 100 ? 7.045   7.880   -7.213  1.00 43.56 ? 127 GLN A NE2 1 
ATOM   809  N  N   . ASP A 1 101 ? 5.012   3.273   -5.111  1.00 11.78 ? 128 ASP A N   1 
ATOM   810  C  CA  . ASP A 1 101 ? 3.908   2.964   -4.244  1.00 12.44 ? 128 ASP A CA  1 
ATOM   811  C  C   . ASP A 1 101 ? 4.220   1.824   -3.290  1.00 12.42 ? 128 ASP A C   1 
ATOM   812  O  O   . ASP A 1 101 ? 3.913   1.885   -2.101  1.00 11.53 ? 128 ASP A O   1 
ATOM   813  C  CB  . ASP A 1 101 ? 2.586   2.671   -5.007  1.00 12.38 ? 128 ASP A CB  1 
ATOM   814  C  CG  . ASP A 1 101 ? 1.914   3.907   -5.577  1.00 13.78 ? 128 ASP A CG  1 
ATOM   815  O  OD1 . ASP A 1 101 ? 2.195   5.072   -5.109  1.00 14.60 ? 128 ASP A OD1 1 
ATOM   816  O  OD2 . ASP A 1 101 ? 1.042   3.720   -6.465  1.00 14.22 ? 128 ASP A OD2 1 
ATOM   817  N  N   . PHE A 1 102 ? 4.837   0.769   -3.788  1.00 11.56 ? 129 PHE A N   1 
ATOM   818  C  CA  . PHE A 1 102 ? 5.255   -0.328  -2.896  1.00 12.19 ? 129 PHE A CA  1 
ATOM   819  C  C   . PHE A 1 102 ? 6.243   0.149   -1.869  1.00 11.63 ? 129 PHE A C   1 
ATOM   820  O  O   . PHE A 1 102 ? 6.083   -0.158  -0.676  1.00 11.93 ? 129 PHE A O   1 
ATOM   821  C  CB  . PHE A 1 102 ? 5.924   -1.452  -3.721  1.00 12.88 ? 129 PHE A CB  1 
ATOM   822  C  CG  . PHE A 1 102 ? 4.963   -2.417  -4.325  1.00 13.75 ? 129 PHE A CG  1 
ATOM   823  C  CD1 . PHE A 1 102 ? 4.361   -3.471  -3.597  1.00 13.86 ? 129 PHE A CD1 1 
ATOM   824  C  CD2 . PHE A 1 102 ? 4.685   -2.357  -5.677  1.00 14.21 ? 129 PHE A CD2 1 
ATOM   825  C  CE1 . PHE A 1 102 ? 3.524   -4.397  -4.195  1.00 14.52 ? 129 PHE A CE1 1 
ATOM   826  C  CE2 . PHE A 1 102 ? 3.826   -3.277  -6.257  1.00 14.36 ? 129 PHE A CE2 1 
ATOM   827  C  CZ  . PHE A 1 102 ? 3.273   -4.326  -5.548  1.00 14.87 ? 129 PHE A CZ  1 
ATOM   828  N  N   . ASN A 1 103 ? 7.200   0.991   -2.286  1.00 12.49 ? 130 ASN A N   1 
ATOM   829  C  CA  . ASN A 1 103 ? 8.208   1.514   -1.357  1.00 14.13 ? 130 ASN A CA  1 
ATOM   830  C  C   . ASN A 1 103 ? 7.553   2.375   -0.259  1.00 13.10 ? 130 ASN A C   1 
ATOM   831  O  O   . ASN A 1 103 ? 7.932   2.260   0.908   1.00 14.20 ? 130 ASN A O   1 
ATOM   832  C  CB  . ASN A 1 103 ? 9.273   2.378   -2.039  1.00 15.99 ? 130 ASN A CB  1 
ATOM   833  C  CG  . ASN A 1 103 ? 10.112  1.633   -3.033  1.00 19.30 ? 130 ASN A CG  1 
ATOM   834  O  OD1 . ASN A 1 103 ? 10.265  0.438   -2.945  1.00 20.38 ? 130 ASN A OD1 1 
ATOM   835  N  ND2 . ASN A 1 103 ? 10.704  2.378   -3.946  1.00 20.57 ? 130 ASN A ND2 1 
ATOM   836  N  N   . THR A 1 104 ? 6.548   3.182   -0.616  1.00 11.72 ? 131 THR A N   1 
ATOM   837  C  CA  . THR A 1 104 ? 5.800   3.980   0.369   1.00 12.57 ? 131 THR A CA  1 
ATOM   838  C  C   . THR A 1 104 ? 5.095   3.080   1.378   1.00 12.91 ? 131 THR A C   1 
ATOM   839  O  O   . THR A 1 104 ? 5.160   3.309   2.584   1.00 13.48 ? 131 THR A O   1 
ATOM   840  C  CB  . THR A 1 104 ? 4.814   4.840   -0.361  1.00 12.87 ? 131 THR A CB  1 
ATOM   841  O  OG1 . THR A 1 104 ? 5.464   5.726   -1.284  1.00 13.93 ? 131 THR A OG1 1 
ATOM   842  C  CG2 . THR A 1 104 ? 3.958   5.673   0.559   1.00 13.59 ? 131 THR A CG2 1 
ATOM   843  N  N   . MET A 1 105 ? 4.480   2.029   0.886   1.00 11.65 ? 132 MET A N   1 
ATOM   844  C  CA  . MET A 1 105 ? 3.792   1.108   1.781   1.00 12.12 ? 132 MET A CA  1 
ATOM   845  C  C   . MET A 1 105 ? 4.746   0.512   2.783   1.00 11.94 ? 132 MET A C   1 
ATOM   846  O  O   . MET A 1 105 ? 4.476   0.497   3.970   1.00 12.64 ? 132 MET A O   1 
ATOM   847  C  CB  . MET A 1 105 ? 3.084   0.014   0.923   1.00 12.18 ? 132 MET A CB  1 
ATOM   848  C  CG  . MET A 1 105 ? 2.430   -1.089  1.757   1.00 12.57 ? 132 MET A CG  1 
ATOM   849  S  SD  . MET A 1 105 ? 1.764   -2.401  0.752   1.00 14.03 ? 132 MET A SD  1 
ATOM   850  C  CE  . MET A 1 105 ? 3.237   -3.302  0.434   1.00 17.14 ? 132 MET A CE  1 
ATOM   851  N  N   . PHE A 1 106 ? 5.875   0.004   2.334   1.00 12.38 ? 133 PHE A N   1 
ATOM   852  C  CA  . PHE A 1 106 ? 6.814   -0.632  3.260   1.00 12.64 ? 133 PHE A CA  1 
ATOM   853  C  C   . PHE A 1 106 ? 7.394   0.440   4.223   1.00 12.68 ? 133 PHE A C   1 
ATOM   854  O  O   . PHE A 1 106 ? 7.477   0.189   5.420   1.00 14.00 ? 133 PHE A O   1 
ATOM   855  C  CB  . PHE A 1 106 ? 7.943   -1.321  2.456   1.00 13.69 ? 133 PHE A CB  1 
ATOM   856  C  CG  . PHE A 1 106 ? 7.527   -2.555  1.726   1.00 15.00 ? 133 PHE A CG  1 
ATOM   857  C  CD1 . PHE A 1 106 ? 6.936   -3.621  2.360   1.00 17.81 ? 133 PHE A CD1 1 
ATOM   858  C  CD2 . PHE A 1 106 ? 7.707   -2.655  0.362   1.00 16.42 ? 133 PHE A CD2 1 
ATOM   859  C  CE1 . PHE A 1 106 ? 6.526   -4.747  1.650   1.00 19.59 ? 133 PHE A CE1 1 
ATOM   860  C  CE2 . PHE A 1 106 ? 7.340   -3.771  -0.344  1.00 17.08 ? 133 PHE A CE2 1 
ATOM   861  C  CZ  . PHE A 1 106 ? 6.754   -4.850  0.288   1.00 17.41 ? 133 PHE A CZ  1 
ATOM   862  N  N   . THR A 1 107 ? 7.821   1.588   3.708   1.00 12.91 ? 134 THR A N   1 
ATOM   863  C  CA  . THR A 1 107 ? 8.354   2.655   4.542   1.00 15.63 ? 134 THR A CA  1 
ATOM   864  C  C   . THR A 1 107 ? 7.334   3.079   5.604   1.00 14.53 ? 134 THR A C   1 
ATOM   865  O  O   . THR A 1 107 ? 7.668   3.226   6.799   1.00 15.38 ? 134 THR A O   1 
ATOM   866  C  CB  . THR A 1 107 ? 8.790   3.874   3.699   1.00 18.01 ? 134 THR A CB  1 
ATOM   867  O  OG1 . THR A 1 107 ? 9.952   3.485   2.941   1.00 22.17 ? 134 THR A OG1 1 
ATOM   868  C  CG2 . THR A 1 107 ? 9.079   5.117   4.591   1.00 18.83 ? 134 THR A CG2 1 
ATOM   869  N  N   . ASN A 1 108 ? 6.051   3.212   5.240   1.00 13.47 ? 135 ASN A N   1 
ATOM   870  C  CA  . ASN A 1 108 ? 5.070   3.543   6.245   1.00 14.05 ? 135 ASN A CA  1 
ATOM   871  C  C   . ASN A 1 108 ? 5.086   2.543   7.404   1.00 13.46 ? 135 ASN A C   1 
ATOM   872  O  O   . ASN A 1 108 ? 4.954   2.901   8.606   1.00 13.83 ? 135 ASN A O   1 
ATOM   873  C  CB  . ASN A 1 108 ? 3.653   3.582   5.678   1.00 13.58 ? 135 ASN A CB  1 
ATOM   874  C  CG  . ASN A 1 108 ? 3.438   4.720   4.703   1.00 12.93 ? 135 ASN A CG  1 
ATOM   875  O  OD1 . ASN A 1 108 ? 4.198   5.700   4.697   1.00 14.15 ? 135 ASN A OD1 1 
ATOM   876  N  ND2 . ASN A 1 108 ? 2.402   4.562   3.829   1.00 13.47 ? 135 ASN A ND2 1 
ATOM   877  N  N   . CYS A 1 109 ? 5.205   1.253   7.065   1.00 12.78 ? 136 CYS A N   1 
ATOM   878  C  CA  . CYS A 1 109 ? 5.160   0.194   8.069   1.00 13.39 ? 136 CYS A CA  1 
ATOM   879  C  C   . CYS A 1 109 ? 6.383   0.337   9.029   1.00 13.13 ? 136 CYS A C   1 
ATOM   880  O  O   . CYS A 1 109 ? 6.270   0.232   10.244  1.00 13.97 ? 136 CYS A O   1 
ATOM   881  C  CB  . CYS A 1 109 ? 5.174   -1.158  7.362   1.00 14.01 ? 136 CYS A CB  1 
ATOM   882  S  SG  . CYS A 1 109 ? 5.050   -2.475  8.533   1.00 17.50 ? 136 CYS A SG  1 
ATOM   883  N  N   . TYR A 1 110 ? 7.524   0.628   8.439   1.00 14.37 ? 137 TYR A N   1 
ATOM   884  C  CA  . TYR A 1 110 ? 8.731   0.759   9.262   1.00 14.69 ? 137 TYR A CA  1 
ATOM   885  C  C   . TYR A 1 110 ? 8.730   2.022   10.086  1.00 17.61 ? 137 TYR A C   1 
ATOM   886  O  O   . TYR A 1 110 ? 9.268   1.990   11.218  1.00 18.04 ? 137 TYR A O   1 
ATOM   887  C  CB  . TYR A 1 110 ? 10.010  0.627   8.441   1.00 15.17 ? 137 TYR A CB  1 
ATOM   888  C  CG  . TYR A 1 110 ? 10.066  -0.626  7.597   1.00 14.92 ? 137 TYR A CG  1 
ATOM   889  C  CD1 . TYR A 1 110 ? 9.672   -1.862  8.103   1.00 16.24 ? 137 TYR A CD1 1 
ATOM   890  C  CD2 . TYR A 1 110 ? 10.482  -0.564  6.273   1.00 15.17 ? 137 TYR A CD2 1 
ATOM   891  C  CE1 . TYR A 1 110 ? 9.672   -2.983  7.294   1.00 17.25 ? 137 TYR A CE1 1 
ATOM   892  C  CE2 . TYR A 1 110 ? 10.534  -1.682  5.479   1.00 16.43 ? 137 TYR A CE2 1 
ATOM   893  C  CZ  . TYR A 1 110 ? 10.115  -2.905  6.004   1.00 17.00 ? 137 TYR A CZ  1 
ATOM   894  O  OH  . TYR A 1 110 ? 10.119  -4.025  5.221   1.00 20.75 ? 137 TYR A OH  1 
ATOM   895  N  N   . ILE A 1 111 ? 8.087   3.096   9.614   1.00 15.55 ? 138 ILE A N   1 
ATOM   896  C  CA  . ILE A 1 111 ? 7.914   4.282   10.445  1.00 16.25 ? 138 ILE A CA  1 
ATOM   897  C  C   . ILE A 1 111 ? 6.989   4.028   11.636  1.00 17.06 ? 138 ILE A C   1 
ATOM   898  O  O   . ILE A 1 111 ? 7.232   4.451   12.777  1.00 16.38 ? 138 ILE A O   1 
ATOM   899  C  CB  . ILE A 1 111 ? 7.415   5.453   9.582   1.00 19.20 ? 138 ILE A CB  1 
ATOM   900  C  CG1 . ILE A 1 111 ? 8.499   5.952   8.661   1.00 20.25 ? 138 ILE A CG1 1 
ATOM   901  C  CG2 . ILE A 1 111 ? 6.978   6.614   10.468  1.00 18.60 ? 138 ILE A CG2 1 
ATOM   902  C  CD1 . ILE A 1 111 ? 8.003   6.889   7.560   1.00 21.98 ? 138 ILE A CD1 1 
ATOM   903  N  N   . TYR A 1 112 ? 5.810   3.436   11.371  1.00 16.00 ? 139 TYR A N   1 
ATOM   904  C  CA  . TYR A 1 112 ? 4.766   3.392   12.310  1.00 15.73 ? 139 TYR A CA  1 
ATOM   905  C  C   . TYR A 1 112 ? 5.021   2.405   13.437  1.00 15.96 ? 139 TYR A C   1 
ATOM   906  O  O   . TYR A 1 112 ? 4.579   2.657   14.614  1.00 17.19 ? 139 TYR A O   1 
ATOM   907  C  CB  . TYR A 1 112 ? 3.405   3.132   11.630  1.00 14.62 ? 139 TYR A CB  1 
ATOM   908  C  CG  . TYR A 1 112 ? 2.265   3.071   12.571  1.00 13.75 ? 139 TYR A CG  1 
ATOM   909  C  CD1 . TYR A 1 112 ? 1.791   4.239   13.200  1.00 12.99 ? 139 TYR A CD1 1 
ATOM   910  C  CD2 . TYR A 1 112 ? 1.683   1.867   12.954  1.00 14.79 ? 139 TYR A CD2 1 
ATOM   911  C  CE1 . TYR A 1 112 ? 0.800   4.167   14.131  1.00 15.26 ? 139 TYR A CE1 1 
ATOM   912  C  CE2 . TYR A 1 112 ? 0.670   1.790   13.873  1.00 15.19 ? 139 TYR A CE2 1 
ATOM   913  C  CZ  . TYR A 1 112 ? 0.211   2.974   14.458  1.00 14.64 ? 139 TYR A CZ  1 
ATOM   914  O  OH  . TYR A 1 112 ? -0.754  2.877   15.445  1.00 17.67 ? 139 TYR A OH  1 
ATOM   915  N  N   . ASN A 1 113 ? 5.719   1.317   13.152  1.00 15.23 ? 140 ASN A N   1 
ATOM   916  C  CA  . ASN A 1 113 ? 5.784   0.210   14.105  1.00 16.82 ? 140 ASN A CA  1 
ATOM   917  C  C   . ASN A 1 113 ? 7.197   0.108   14.641  1.00 22.14 ? 140 ASN A C   1 
ATOM   918  O  O   . ASN A 1 113 ? 8.056   0.882   14.238  1.00 22.90 ? 140 ASN A O   1 
ATOM   919  C  CB  . ASN A 1 113 ? 5.391   -1.107  13.390  1.00 16.00 ? 140 ASN A CB  1 
ATOM   920  C  CG  . ASN A 1 113 ? 3.979   -1.051  12.748  1.00 15.43 ? 140 ASN A CG  1 
ATOM   921  O  OD1 . ASN A 1 113 ? 2.935   -1.285  13.387  1.00 15.33 ? 140 ASN A OD1 1 
ATOM   922  N  ND2 . ASN A 1 113 ? 3.966   -0.697  11.465  1.00 13.95 ? 140 ASN A ND2 1 
ATOM   923  N  N   . LYS A 1 114 ? 7.427   -0.813  15.564  1.00 25.84 ? 141 LYS A N   1 
ATOM   924  C  CA  . LYS A 1 114 ? 8.772   -0.968  16.160  1.00 31.56 ? 141 LYS A CA  1 
ATOM   925  C  C   . LYS A 1 114 ? 9.494   -2.164  15.541  1.00 29.64 ? 141 LYS A C   1 
ATOM   926  O  O   . LYS A 1 114 ? 8.859   -3.165  15.281  1.00 25.40 ? 141 LYS A O   1 
ATOM   927  C  CB  . LYS A 1 114 ? 8.634   -1.139  17.670  1.00 35.88 ? 141 LYS A CB  1 
ATOM   928  C  CG  . LYS A 1 114 ? 8.039   0.105   18.345  1.00 40.88 ? 141 LYS A CG  1 
ATOM   929  C  CD  . LYS A 1 114 ? 8.667   0.372   19.726  1.00 43.52 ? 141 LYS A CD  1 
ATOM   930  C  CE  . LYS A 1 114 ? 8.223   1.691   20.368  1.00 43.95 ? 141 LYS A CE  1 
ATOM   931  N  NZ  . LYS A 1 114 ? 9.064   2.903   20.063  1.00 44.69 ? 141 LYS A NZ  1 
ATOM   932  N  N   . PRO A 1 115 ? 10.846  -2.101  15.370  1.00 27.92 ? 142 PRO A N   1 
ATOM   933  C  CA  . PRO A 1 115 ? 11.528  -3.312  14.898  1.00 29.96 ? 142 PRO A CA  1 
ATOM   934  C  C   . PRO A 1 115 ? 11.215  -4.547  15.778  1.00 28.56 ? 142 PRO A C   1 
ATOM   935  O  O   . PRO A 1 115 ? 11.047  -4.414  16.965  1.00 30.01 ? 142 PRO A O   1 
ATOM   936  C  CB  . PRO A 1 115 ? 13.024  -2.929  14.927  1.00 31.93 ? 142 PRO A CB  1 
ATOM   937  C  CG  . PRO A 1 115 ? 13.052  -1.422  15.000  1.00 30.91 ? 142 PRO A CG  1 
ATOM   938  C  CD  . PRO A 1 115 ? 11.748  -0.935  15.533  1.00 30.64 ? 142 PRO A CD  1 
ATOM   939  N  N   . GLY A 1 116 ? 11.060  -5.708  15.165  1.00 27.41 ? 143 GLY A N   1 
ATOM   940  C  CA  . GLY A 1 116 ? 10.651  -6.932  15.844  1.00 26.76 ? 143 GLY A CA  1 
ATOM   941  C  C   . GLY A 1 116 ? 9.169   -7.149  16.011  1.00 25.18 ? 143 GLY A C   1 
ATOM   942  O  O   . GLY A 1 116 ? 8.759   -8.267  16.320  1.00 26.62 ? 143 GLY A O   1 
ATOM   943  N  N   . ASP A 1 117 ? 8.353   -6.096  15.852  1.00 22.45 ? 144 ASP A N   1 
ATOM   944  C  CA  . ASP A 1 117 ? 6.893   -6.276  15.887  1.00 20.46 ? 144 ASP A CA  1 
ATOM   945  C  C   . ASP A 1 117 ? 6.462   -7.305  14.810  1.00 17.93 ? 144 ASP A C   1 
ATOM   946  O  O   . ASP A 1 117 ? 7.045   -7.362  13.738  1.00 17.54 ? 144 ASP A O   1 
ATOM   947  C  CB  . ASP A 1 117 ? 6.140   -4.958  15.562  1.00 23.81 ? 144 ASP A CB  1 
ATOM   948  C  CG  . ASP A 1 117 ? 6.086   -3.971  16.731  1.00 27.26 ? 144 ASP A CG  1 
ATOM   949  O  OD1 . ASP A 1 117 ? 6.444   -4.396  17.859  1.00 25.70 ? 144 ASP A OD1 1 
ATOM   950  O  OD2 . ASP A 1 117 ? 5.634   -2.788  16.533  1.00 27.23 ? 144 ASP A OD2 1 
ATOM   951  N  N   . ASP A 1 118 ? 5.373   -8.007  15.071  1.00 16.97 ? 145 ASP A N   1 
ATOM   952  C  CA  . ASP A 1 118 ? 4.842   -8.961  14.096  1.00 16.43 ? 145 ASP A CA  1 
ATOM   953  C  C   . ASP A 1 118 ? 4.617   -8.299  12.734  1.00 14.84 ? 145 ASP A C   1 
ATOM   954  O  O   . ASP A 1 118 ? 4.943   -8.871  11.663  1.00 15.36 ? 145 ASP A O   1 
ATOM   955  C  CB  . ASP A 1 118 ? 3.520   -9.577  14.550  1.00 17.93 ? 145 ASP A CB  1 
ATOM   956  C  CG  . ASP A 1 118 ? 3.698   -10.795 15.464  1.00 21.00 ? 145 ASP A CG  1 
ATOM   957  O  OD1 . ASP A 1 118 ? 4.809   -11.378 15.509  1.00 21.01 ? 145 ASP A OD1 1 
ATOM   958  O  OD2 . ASP A 1 118 ? 2.675   -11.168 16.106  1.00 22.74 ? 145 ASP A OD2 1 
ATOM   959  N  N   . ILE A 1 119 ? 3.986   -7.129  12.729  1.00 14.49 ? 146 ILE A N   1 
ATOM   960  C  CA  . ILE A 1 119 ? 3.753   -6.444  11.474  1.00 14.08 ? 146 ILE A CA  1 
ATOM   961  C  C   . ILE A 1 119 ? 5.038   -6.162  10.722  1.00 14.08 ? 146 ILE A C   1 
ATOM   962  O  O   . ILE A 1 119 ? 5.040   -6.189  9.500   1.00 13.74 ? 146 ILE A O   1 
ATOM   963  C  CB  . ILE A 1 119 ? 2.937   -5.154  11.745  1.00 15.99 ? 146 ILE A CB  1 
ATOM   964  C  CG1 . ILE A 1 119 ? 1.510   -5.523  12.052  1.00 21.74 ? 146 ILE A CG1 1 
ATOM   965  C  CG2 . ILE A 1 119 ? 2.937   -4.186  10.552  1.00 19.23 ? 146 ILE A CG2 1 
ATOM   966  C  CD1 . ILE A 1 119 ? 0.719   -5.860  10.753  1.00 22.93 ? 146 ILE A CD1 1 
ATOM   967  N  N   . VAL A 1 120 ? 6.095   -5.780  11.413  1.00 13.78 ? 147 VAL A N   1 
ATOM   968  C  CA  . VAL A 1 120 ? 7.360   -5.506  10.817  1.00 15.55 ? 147 VAL A CA  1 
ATOM   969  C  C   . VAL A 1 120 ? 7.992   -6.774  10.233  1.00 15.55 ? 147 VAL A C   1 
ATOM   970  O  O   . VAL A 1 120 ? 8.528   -6.748  9.106   1.00 14.72 ? 147 VAL A O   1 
ATOM   971  C  CB  . VAL A 1 120 ? 8.316   -4.753  11.771  1.00 16.64 ? 147 VAL A CB  1 
ATOM   972  C  CG1 . VAL A 1 120 ? 9.680   -4.534  11.105  1.00 19.07 ? 147 VAL A CG1 1 
ATOM   973  C  CG2 . VAL A 1 120 ? 7.697   -3.396  12.103  1.00 17.46 ? 147 VAL A CG2 1 
ATOM   974  N  N   . LEU A 1 121 ? 7.900   -7.898  10.953  1.00 14.62 ? 148 LEU A N   1 
ATOM   975  C  CA  . LEU A 1 121 ? 8.365   -9.185  10.421  1.00 16.56 ? 148 LEU A CA  1 
ATOM   976  C  C   . LEU A 1 121 ? 7.643   -9.516  9.134   1.00 15.44 ? 148 LEU A C   1 
ATOM   977  O  O   . LEU A 1 121 ? 8.261   -9.939  8.161   1.00 14.65 ? 148 LEU A O   1 
ATOM   978  C  CB  . LEU A 1 121 ? 8.185   -10.339 11.417  1.00 17.69 ? 148 LEU A CB  1 
ATOM   979  C  CG  . LEU A 1 121 ? 8.993   -10.236 12.745  1.00 21.09 ? 148 LEU A CG  1 
ATOM   980  C  CD1 . LEU A 1 121 ? 8.589   -11.360 13.692  1.00 21.85 ? 148 LEU A CD1 1 
ATOM   981  C  CD2 . LEU A 1 121 ? 10.492  -10.178 12.533  1.00 23.55 ? 148 LEU A CD2 1 
ATOM   982  N  N   . MET A 1 122 ? 6.349   -9.244  9.083   1.00 13.73 ? 149 MET A N   1 
ATOM   983  C  CA  . MET A 1 122 ? 5.568   -9.450  7.861   1.00 14.15 ? 149 MET A CA  1 
ATOM   984  C  C   . MET A 1 122 ? 6.040   -8.563  6.701   1.00 14.61 ? 149 MET A C   1 
ATOM   985  O  O   . MET A 1 122 ? 6.290   -9.049  5.612   1.00 14.24 ? 149 MET A O   1 
ATOM   986  C  CB  . MET A 1 122 ? 4.097   -9.190  8.152   1.00 13.85 ? 149 MET A CB  1 
ATOM   987  C  CG  . MET A 1 122 ? 3.537   -10.221 9.131   1.00 13.28 ? 149 MET A CG  1 
ATOM   988  S  SD  . MET A 1 122 ? 1.939   -9.694  9.828   1.00 15.73 ? 149 MET A SD  1 
ATOM   989  C  CE  . MET A 1 122 ? 0.880   -10.601 8.750   1.00 15.05 ? 149 MET A CE  1 
ATOM   990  N  N   . ALA A 1 123 ? 6.218   -7.262  6.984   1.00 14.05 ? 150 ALA A N   1 
ATOM   991  C  CA  . ALA A 1 123 ? 6.672   -6.360  5.930   1.00 15.42 ? 150 ALA A CA  1 
ATOM   992  C  C   . ALA A 1 123 ? 8.049   -6.735  5.435   1.00 15.07 ? 150 ALA A C   1 
ATOM   993  O  O   . ALA A 1 123 ? 8.266   -6.722  4.241   1.00 15.41 ? 150 ALA A O   1 
ATOM   994  C  CB  . ALA A 1 123 ? 6.691   -4.935  6.456   1.00 16.13 ? 150 ALA A CB  1 
ATOM   995  N  N   . GLU A 1 124 ? 8.950   -7.074  6.343   1.00 15.24 ? 151 GLU A N   1 
ATOM   996  C  CA  . GLU A 1 124 ? 10.325  -7.506  5.975   1.00 16.36 ? 151 GLU A CA  1 
ATOM   997  C  C   . GLU A 1 124 ? 10.265  -8.678  5.023   1.00 16.33 ? 151 GLU A C   1 
ATOM   998  O  O   . GLU A 1 124 ? 10.990  -8.701  4.015   1.00 16.30 ? 151 GLU A O   1 
ATOM   999  C  CB  . GLU A 1 124 ? 11.264  -7.825  7.163   1.00 17.82 ? 151 GLU A CB  1 
ATOM   1000 C  CG  . GLU A 1 124 ? 11.583  -6.670  8.068   1.00 22.64 ? 151 GLU A CG  1 
ATOM   1001 C  CD  . GLU A 1 124 ? 12.486  -7.027  9.263   1.00 24.75 ? 151 GLU A CD  1 
ATOM   1002 O  OE1 . GLU A 1 124 ? 12.943  -8.175  9.444   1.00 33.92 ? 151 GLU A OE1 1 
ATOM   1003 O  OE2 . GLU A 1 124 ? 12.795  -6.109  10.047  1.00 32.33 ? 151 GLU A OE2 1 
ATOM   1004 N  N   . ALA A 1 125 ? 9.406   -9.652  5.283   1.00 15.37 ? 152 ALA A N   1 
ATOM   1005 C  CA  . ALA A 1 125 ? 9.333   -10.822 4.430   1.00 15.66 ? 152 ALA A CA  1 
ATOM   1006 C  C   . ALA A 1 125 ? 8.745   -10.495 3.087   1.00 15.28 ? 152 ALA A C   1 
ATOM   1007 O  O   . ALA A 1 125 ? 9.250   -10.953 2.074   1.00 16.70 ? 152 ALA A O   1 
ATOM   1008 C  CB  . ALA A 1 125 ? 8.563   -11.940 5.129   1.00 16.39 ? 152 ALA A CB  1 
ATOM   1009 N  N   . LEU A 1 126 ? 7.693   -9.676  3.075   1.00 14.85 ? 153 LEU A N   1 
ATOM   1010 C  CA  . LEU A 1 126 ? 7.114   -9.255  1.830   1.00 14.28 ? 153 LEU A CA  1 
ATOM   1011 C  C   . LEU A 1 126 ? 8.096   -8.418  1.023   1.00 15.36 ? 153 LEU A C   1 
ATOM   1012 O  O   . LEU A 1 126 ? 8.099   -8.577  -0.219  1.00 15.56 ? 153 LEU A O   1 
ATOM   1013 C  CB  . LEU A 1 126 ? 5.821   -8.475  2.081   1.00 14.74 ? 153 LEU A CB  1 
ATOM   1014 C  CG  . LEU A 1 126 ? 4.634   -9.294  2.591   1.00 14.77 ? 153 LEU A CG  1 
ATOM   1015 C  CD1 . LEU A 1 126 ? 3.499   -8.342  2.943   1.00 16.76 ? 153 LEU A CD1 1 
ATOM   1016 C  CD2 . LEU A 1 126 ? 4.097   -10.391 1.667   1.00 16.48 ? 153 LEU A CD2 1 
ATOM   1017 N  N   . GLU A 1 127 ? 8.838   -7.540  1.703   1.00 16.51 ? 154 GLU A N   1 
ATOM   1018 C  CA  . GLU A 1 127 ? 9.831   -6.676  1.028   1.00 17.07 ? 154 GLU A CA  1 
ATOM   1019 C  C   . GLU A 1 127 ? 10.956  -7.519  0.407   1.00 17.13 ? 154 GLU A C   1 
ATOM   1020 O  O   . GLU A 1 127 ? 11.368  -7.247  -0.709  1.00 17.34 ? 154 GLU A O   1 
ATOM   1021 C  CB  . GLU A 1 127 ? 10.387  -5.641  1.955   1.00 18.55 ? 154 GLU A CB  1 
ATOM   1022 C  CG  . GLU A 1 127 ? 11.228  -4.626  1.188   1.00 22.43 ? 154 GLU A CG  1 
ATOM   1023 C  CD  . GLU A 1 127 ? 11.840  -3.608  2.095   1.00 26.84 ? 154 GLU A CD  1 
ATOM   1024 O  OE1 . GLU A 1 127 ? 11.946  -3.777  3.325   1.00 29.30 ? 154 GLU A OE1 1 
ATOM   1025 O  OE2 . GLU A 1 127 ? 12.323  -2.626  1.504   1.00 36.27 ? 154 GLU A OE2 1 
ATOM   1026 N  N   . LYS A 1 128 ? 11.427  -8.540  1.114   1.00 16.70 ? 155 LYS A N   1 
ATOM   1027 C  CA  . LYS A 1 128 ? 12.404  -9.477  0.543   1.00 18.03 ? 155 LYS A CA  1 
ATOM   1028 C  C   . LYS A 1 128 ? 11.880  -10.117 -0.739  1.00 17.72 ? 155 LYS A C   1 
ATOM   1029 O  O   . LYS A 1 128 ? 12.587  -10.182 -1.778  1.00 17.03 ? 155 LYS A O   1 
ATOM   1030 C  CB  . LYS A 1 128 ? 12.746  -10.532 1.592   1.00 19.96 ? 155 LYS A CB  1 
ATOM   1031 C  CG  . LYS A 1 128 ? 13.723  -11.600 1.098   1.00 25.31 ? 155 LYS A CG  1 
ATOM   1032 C  CD  . LYS A 1 128 ? 13.949  -12.688 2.143   1.00 31.27 ? 155 LYS A CD  1 
ATOM   1033 C  CE  . LYS A 1 128 ? 14.395  -14.011 1.538   1.00 37.45 ? 155 LYS A CE  1 
ATOM   1034 N  NZ  . LYS A 1 128 ? 14.559  -15.046 2.593   1.00 42.01 ? 155 LYS A NZ  1 
ATOM   1035 N  N   . LEU A 1 129 ? 10.655  -10.585 -0.749  1.00 16.88 ? 156 LEU A N   1 
ATOM   1036 C  CA  . LEU A 1 129 ? 10.094  -11.179 -1.920  1.00 17.68 ? 156 LEU A CA  1 
ATOM   1037 C  C   . LEU A 1 129 ? 9.934   -10.156 -3.082  1.00 19.94 ? 156 LEU A C   1 
ATOM   1038 O  O   . LEU A 1 129 ? 10.185  -10.456 -4.228  1.00 20.02 ? 156 LEU A O   1 
ATOM   1039 C  CB  . LEU A 1 129 ? 8.754   -11.807 -1.591  1.00 20.87 ? 156 LEU A CB  1 
ATOM   1040 C  CG  . LEU A 1 129 ? 8.725   -13.107 -0.865  1.00 26.45 ? 156 LEU A CG  1 
ATOM   1041 C  CD1 . LEU A 1 129 ? 7.256   -13.535 -0.866  1.00 30.28 ? 156 LEU A CD1 1 
ATOM   1042 C  CD2 . LEU A 1 129 ? 9.600   -14.083 -1.618  1.00 29.30 ? 156 LEU A CD2 1 
ATOM   1043 N  N   . PHE A 1 130 ? 9.363   -8.995  -2.695  1.00 15.41 ? 157 PHE A N   1 
ATOM   1044 C  CA  . PHE A 1 130 ? 9.307   -7.869  -3.642  1.00 16.80 ? 157 PHE A CA  1 
ATOM   1045 C  C   . PHE A 1 130 ? 10.667  -7.611  -4.297  1.00 15.77 ? 157 PHE A C   1 
ATOM   1046 O  O   . PHE A 1 130 ? 10.702  -7.534  -5.543  1.00 18.84 ? 157 PHE A O   1 
ATOM   1047 C  CB  . PHE A 1 130 ? 8.778   -6.647  -2.888  1.00 16.13 ? 157 PHE A CB  1 
ATOM   1048 C  CG  . PHE A 1 130 ? 8.728   -5.396  -3.728  1.00 15.40 ? 157 PHE A CG  1 
ATOM   1049 C  CD1 . PHE A 1 130 ? 7.793   -5.265  -4.712  1.00 15.16 ? 157 PHE A CD1 1 
ATOM   1050 C  CD2 . PHE A 1 130 ? 9.661   -4.420  -3.474  1.00 16.08 ? 157 PHE A CD2 1 
ATOM   1051 C  CE1 . PHE A 1 130 ? 7.726   -4.098  -5.497  1.00 15.78 ? 157 PHE A CE1 1 
ATOM   1052 C  CE2 . PHE A 1 130 ? 9.592   -3.232  -4.212  1.00 17.49 ? 157 PHE A CE2 1 
ATOM   1053 C  CZ  . PHE A 1 130 ? 8.646   -3.119  -5.196  1.00 14.91 ? 157 PHE A CZ  1 
ATOM   1054 N  N   . LEU A 1 131 ? 11.734  -7.464  -3.539  1.00 17.19 ? 158 LEU A N   1 
ATOM   1055 C  CA  . LEU A 1 131 ? 13.064  -7.151  -4.107  1.00 18.19 ? 158 LEU A CA  1 
ATOM   1056 C  C   . LEU A 1 131 ? 13.569  -8.285  -4.993  1.00 22.17 ? 158 LEU A C   1 
ATOM   1057 O  O   . LEU A 1 131 ? 14.142  -8.032  -6.082  1.00 21.85 ? 158 LEU A O   1 
ATOM   1058 C  CB  . LEU A 1 131 ? 14.085  -6.689  -3.078  1.00 20.67 ? 158 LEU A CB  1 
ATOM   1059 C  CG  . LEU A 1 131 ? 13.761  -5.399  -2.335  1.00 21.93 ? 158 LEU A CG  1 
ATOM   1060 C  CD1 . LEU A 1 131 ? 14.726  -5.214  -1.187  1.00 26.40 ? 158 LEU A CD1 1 
ATOM   1061 C  CD2 . LEU A 1 131 ? 13.726  -4.220  -3.298  1.00 24.27 ? 158 LEU A CD2 1 
ATOM   1062 N  N   . GLN A 1 132 ? 13.272  -9.529  -4.646  1.00 21.53 ? 159 GLN A N   1 
ATOM   1063 C  CA  . GLN A 1 132 ? 13.631  -10.647 -5.522  1.00 21.77 ? 159 GLN A CA  1 
ATOM   1064 C  C   . GLN A 1 132 ? 12.923  -10.609 -6.862  1.00 22.22 ? 159 GLN A C   1 
ATOM   1065 O  O   . GLN A 1 132 ? 13.553  -10.793 -7.939  1.00 22.22 ? 159 GLN A O   1 
ATOM   1066 C  CB  . GLN A 1 132 ? 13.250  -11.969 -4.867  1.00 25.88 ? 159 GLN A CB  1 
ATOM   1067 C  CG  . GLN A 1 132 ? 14.171  -12.457 -3.809  1.00 34.18 ? 159 GLN A CG  1 
ATOM   1068 C  CD  . GLN A 1 132 ? 13.675  -13.784 -3.253  1.00 38.10 ? 159 GLN A CD  1 
ATOM   1069 O  OE1 . GLN A 1 132 ? 12.960  -14.568 -3.943  1.00 38.21 ? 159 GLN A OE1 1 
ATOM   1070 N  NE2 . GLN A 1 132 ? 14.020  -14.042 -2.004  1.00 41.42 ? 159 GLN A NE2 1 
ATOM   1071 N  N   . LYS A 1 133 ? 11.640  -10.307 -6.841  1.00 19.26 ? 160 LYS A N   1 
ATOM   1072 C  CA  . LYS A 1 133 ? 10.846  -10.228 -8.028  1.00 20.33 ? 160 LYS A CA  1 
ATOM   1073 C  C   . LYS A 1 133 ? 11.244  -9.008  -8.875  1.00 21.54 ? 160 LYS A C   1 
ATOM   1074 O  O   . LYS A 1 133 ? 11.261  -9.106  -10.119 1.00 22.22 ? 160 LYS A O   1 
ATOM   1075 C  CB  . LYS A 1 133 ? 9.345   -10.243 -7.729  1.00 23.58 ? 160 LYS A CB  1 
ATOM   1076 C  CG  . LYS A 1 133 ? 8.868   -11.531 -7.042  1.00 24.82 ? 160 LYS A CG  1 
ATOM   1077 C  CD  . LYS A 1 133 ? 9.037   -12.736 -7.965  1.00 27.98 ? 160 LYS A CD  1 
ATOM   1078 C  CE  . LYS A 1 133 ? 8.837   -14.053 -7.235  1.00 37.23 ? 160 LYS A CE  1 
ATOM   1079 N  NZ  . LYS A 1 133 ? 8.956   -15.151 -8.259  1.00 36.50 ? 160 LYS A NZ  1 
ATOM   1080 N  N   . ILE A 1 134 ? 11.600  -7.909  -8.206  1.00 19.93 ? 161 ILE A N   1 
ATOM   1081 C  CA  . ILE A 1 134 ? 12.051  -6.675  -8.888  1.00 23.06 ? 161 ILE A CA  1 
ATOM   1082 C  C   . ILE A 1 134 ? 13.315  -6.925  -9.680  1.00 21.53 ? 161 ILE A C   1 
ATOM   1083 O  O   . ILE A 1 134 ? 13.463  -6.364  -10.797 1.00 19.62 ? 161 ILE A O   1 
ATOM   1084 C  CB  . ILE A 1 134 ? 12.264  -5.473  -7.886  1.00 25.20 ? 161 ILE A CB  1 
ATOM   1085 C  CG1 . ILE A 1 134 ? 10.939  -4.876  -7.425  1.00 26.90 ? 161 ILE A CG1 1 
ATOM   1086 C  CG2 . ILE A 1 134 ? 13.197  -4.380  -8.446  1.00 26.94 ? 161 ILE A CG2 1 
ATOM   1087 C  CD1 . ILE A 1 134 ? 10.038  -4.384  -8.520  1.00 28.09 ? 161 ILE A CD1 1 
ATOM   1088 N  N   A ASN A 1 135 ? 14.218  -7.742  -9.132  0.50 19.28 ? 162 ASN A N   1 
ATOM   1089 N  N   B ASN A 1 135 ? 14.264  -7.702  -9.159  0.50 22.35 ? 162 ASN A N   1 
ATOM   1090 C  CA  A ASN A 1 135 ? 15.467  -8.034  -9.781  0.50 18.96 ? 162 ASN A CA  1 
ATOM   1091 C  CA  B ASN A 1 135 ? 15.484  -7.894  -9.910  0.50 24.19 ? 162 ASN A CA  1 
ATOM   1092 C  C   A ASN A 1 135 ? 15.257  -8.765  -11.111 0.50 20.00 ? 162 ASN A C   1 
ATOM   1093 C  C   B ASN A 1 135 ? 15.322  -8.898  -11.046 0.50 23.31 ? 162 ASN A C   1 
ATOM   1094 O  O   A ASN A 1 135 ? 16.111  -8.686  -11.979 0.50 18.56 ? 162 ASN A O   1 
ATOM   1095 O  O   B ASN A 1 135 ? 16.325  -9.226  -11.669 0.50 23.07 ? 162 ASN A O   1 
ATOM   1096 C  CB  A ASN A 1 135 ? 16.482  -8.735  -8.843  0.50 18.18 ? 162 ASN A CB  1 
ATOM   1097 C  CB  B ASN A 1 135 ? 16.704  -8.216  -9.034  0.50 27.01 ? 162 ASN A CB  1 
ATOM   1098 C  CG  A ASN A 1 135 ? 17.400  -7.709  -8.105  0.50 17.25 ? 162 ASN A CG  1 
ATOM   1099 C  CG  B ASN A 1 135 ? 16.862  -9.678  -8.762  0.50 26.83 ? 162 ASN A CG  1 
ATOM   1100 O  OD1 A ASN A 1 135 ? 17.645  -6.611  -8.607  0.50 17.57 ? 162 ASN A OD1 1 
ATOM   1101 O  OD1 B ASN A 1 135 ? 16.561  -10.144 -7.664  0.50 33.31 ? 162 ASN A OD1 1 
ATOM   1102 N  ND2 A ASN A 1 135 ? 17.860  -8.049  -6.900  0.50 17.56 ? 162 ASN A ND2 1 
ATOM   1103 N  ND2 B ASN A 1 135 ? 17.371  -10.410 -9.728  0.50 26.97 ? 162 ASN A ND2 1 
ATOM   1104 N  N   . GLU A 1 136 ? 14.101  -9.390  -11.306 1.00 20.80 ? 163 GLU A N   1 
ATOM   1105 C  CA  . GLU A 1 136 ? 13.822  -10.111 -12.560 1.00 23.00 ? 163 GLU A CA  1 
ATOM   1106 C  C   . GLU A 1 136 ? 12.850  -9.317  -13.464 1.00 23.32 ? 163 GLU A C   1 
ATOM   1107 O  O   . GLU A 1 136 ? 12.249  -9.834  -14.385 1.00 22.42 ? 163 GLU A O   1 
ATOM   1108 C  CB  . GLU A 1 136 ? 13.391  -11.562 -12.276 1.00 29.90 ? 163 GLU A CB  1 
ATOM   1109 C  CG  . GLU A 1 136 ? 14.429  -12.466 -11.542 1.00 32.39 ? 163 GLU A CG  1 
ATOM   1110 C  CD  . GLU A 1 136 ? 15.914  -12.443 -11.977 1.00 40.42 ? 163 GLU A CD  1 
ATOM   1111 O  OE1 . GLU A 1 136 ? 16.234  -12.429 -13.197 1.00 42.19 ? 163 GLU A OE1 1 
ATOM   1112 O  OE2 . GLU A 1 136 ? 16.778  -12.510 -11.043 1.00 45.78 ? 163 GLU A OE2 1 
ATOM   1113 N  N   . LEU A 1 137 ? 12.730  -8.022  -13.204 1.00 21.28 ? 164 LEU A N   1 
ATOM   1114 C  CA  . LEU A 1 137 ? 11.933  -7.175  -14.057 1.00 23.04 ? 164 LEU A CA  1 
ATOM   1115 C  C   . LEU A 1 137 ? 12.504  -7.229  -15.497 1.00 21.48 ? 164 LEU A C   1 
ATOM   1116 O  O   . LEU A 1 137 ? 13.675  -7.244  -15.682 1.00 23.55 ? 164 LEU A O   1 
ATOM   1117 C  CB  . LEU A 1 137 ? 11.949  -5.730  -13.516 1.00 25.83 ? 164 LEU A CB  1 
ATOM   1118 C  CG  . LEU A 1 137 ? 10.864  -4.746  -13.967 1.00 28.37 ? 164 LEU A CG  1 
ATOM   1119 C  CD1 . LEU A 1 137 ? 9.527   -4.964  -13.309 1.00 28.91 ? 164 LEU A CD1 1 
ATOM   1120 C  CD2 . LEU A 1 137 ? 11.354  -3.308  -13.768 1.00 29.89 ? 164 LEU A CD2 1 
ATOM   1121 N  N   . PRO A 1 138 ? 11.638  -7.279  -16.473 1.00 22.79 ? 165 PRO A N   1 
ATOM   1122 C  CA  . PRO A 1 138 ? 12.147  -7.260  -17.879 1.00 21.47 ? 165 PRO A CA  1 
ATOM   1123 C  C   . PRO A 1 138 ? 12.940  -5.973  -18.255 1.00 28.71 ? 165 PRO A C   1 
ATOM   1124 O  O   . PRO A 1 138 ? 12.694  -4.894  -17.649 1.00 30.23 ? 165 PRO A O   1 
ATOM   1125 C  CB  . PRO A 1 138 ? 10.902  -7.480  -18.696 1.00 26.37 ? 165 PRO A CB  1 
ATOM   1126 C  CG  . PRO A 1 138 ? 9.741   -7.491  -17.782 1.00 25.48 ? 165 PRO A CG  1 
ATOM   1127 C  CD  . PRO A 1 138 ? 10.205  -7.522  -16.387 1.00 22.25 ? 165 PRO A CD  1 
HETATM 1128 C  CBA . EFM B 2 .   ? -0.895  -2.920  16.553  1.00 20.06 ? 201 EFM A CBA 1 
HETATM 1129 O  OAK . EFM B 2 .   ? -1.932  -3.299  15.654  1.00 17.41 ? 201 EFM A OAK 1 
HETATM 1130 C  CAB . EFM B 2 .   ? -1.658  -3.135  14.276  1.00 14.92 ? 201 EFM A CAB 1 
HETATM 1131 C  CAA . EFM B 2 .   ? -0.529  -2.428  13.783  1.00 14.53 ? 201 EFM A CAA 1 
HETATM 1132 C  CAF . EFM B 2 .   ? -0.411  -2.358  12.389  1.00 13.63 ? 201 EFM A CAF 1 
HETATM 1133 N  NAJ . EFM B 2 .   ? 0.678   -1.650  11.792  1.00 12.99 ? 201 EFM A NAJ 1 
HETATM 1134 C  CAI . EFM B 2 .   ? 0.544   -1.280  10.468  1.00 12.53 ? 201 EFM A CAI 1 
HETATM 1135 O  OAZ . EFM B 2 .   ? 1.494   -0.697  9.975   1.00 13.48 ? 201 EFM A OAZ 1 
HETATM 1136 C  CAH . EFM B 2 .   ? -0.628  -1.682  9.732   1.00 13.13 ? 201 EFM A CAH 1 
HETATM 1137 C  CAX . EFM B 2 .   ? -1.677  -0.627  9.873   1.00 13.26 ? 201 EFM A CAX 1 
HETATM 1138 C  CAY . EFM B 2 .   ? -0.301  -1.941  8.276   1.00 12.83 ? 201 EFM A CAY 1 
HETATM 1139 O  OAG . EFM B 2 .   ? -1.168  -2.908  10.234  1.00 13.91 ? 201 EFM A OAG 1 
HETATM 1140 C  CAE . EFM B 2 .   ? -1.363  -2.935  11.607  1.00 14.57 ? 201 EFM A CAE 1 
HETATM 1141 C  CAD . EFM B 2 .   ? -2.446  -3.580  12.087  1.00 14.64 ? 201 EFM A CAD 1 
HETATM 1142 C  CAC . EFM B 2 .   ? -2.630  -3.680  13.461  1.00 14.58 ? 201 EFM A CAC 1 
HETATM 1143 N  NAL . EFM B 2 .   ? -3.677  -4.264  14.092  1.00 16.30 ? 201 EFM A NAL 1 
HETATM 1144 S  SAM . EFM B 2 .   ? -4.057  -5.868  13.752  1.00 16.04 ? 201 EFM A SAM 1 
HETATM 1145 O  OAN . EFM B 2 .   ? -4.144  -6.087  12.308  1.00 15.17 ? 201 EFM A OAN 1 
HETATM 1146 O  OAO . EFM B 2 .   ? -5.247  -6.238  14.545  1.00 16.09 ? 201 EFM A OAO 1 
HETATM 1147 C  CAP . EFM B 2 .   ? -2.646  -6.722  14.311  1.00 15.28 ? 201 EFM A CAP 1 
HETATM 1148 C  CAU . EFM B 2 .   ? -1.826  -7.375  13.377  1.00 14.95 ? 201 EFM A CAU 1 
HETATM 1149 C  CAT . EFM B 2 .   ? -0.774  -8.088  13.786  1.00 15.64 ? 201 EFM A CAT 1 
HETATM 1150 BR BR  . EFM B 2 .   ? 0.302   -9.004  12.557  1.00 18.31 ? 201 EFM A BR  1 
HETATM 1151 C  CAS . EFM B 2 .   ? -0.409  -8.151  15.139  1.00 15.93 ? 201 EFM A CAS 1 
HETATM 1152 C  CAR . EFM B 2 .   ? -1.165  -7.496  16.097  1.00 17.06 ? 201 EFM A CAR 1 
HETATM 1153 C  CAQ . EFM B 2 .   ? -2.264  -6.747  15.664  1.00 16.44 ? 201 EFM A CAQ 1 
HETATM 1154 O  OAV . EFM B 2 .   ? -3.140  -6.094  16.453  1.00 17.65 ? 201 EFM A OAV 1 
HETATM 1155 C  CBB . EFM B 2 .   ? -2.865  -6.147  17.887  1.00 19.87 ? 201 EFM A CBB 1 
HETATM 1156 N  N   . NO3 C 3 .   ? -3.702  14.893  12.080  1.00 21.77 ? 202 NO3 A N   1 
HETATM 1157 O  O1  . NO3 C 3 .   ? -2.517  15.386  12.046  1.00 24.19 ? 202 NO3 A O1  1 
HETATM 1158 O  O2  . NO3 C 3 .   ? -4.639  15.417  12.995  1.00 24.99 ? 202 NO3 A O2  1 
HETATM 1159 O  O3  . NO3 C 3 .   ? -4.194  13.791  11.275  1.00 23.08 ? 202 NO3 A O3  1 
HETATM 1160 N  N   . NO3 D 3 .   ? -21.244 15.304  23.895  1.00 31.12 ? 203 NO3 A N   1 
HETATM 1161 O  O1  . NO3 D 3 .   ? -20.576 14.606  24.659  1.00 24.79 ? 203 NO3 A O1  1 
HETATM 1162 O  O2  . NO3 D 3 .   ? -21.079 15.282  22.534  1.00 31.64 ? 203 NO3 A O2  1 
HETATM 1163 O  O3  . NO3 D 3 .   ? -22.233 16.165  24.363  1.00 30.01 ? 203 NO3 A O3  1 
HETATM 1164 C  C1  . EDO E 4 .   ? 4.910   9.683   6.618   1.00 25.80 ? 204 EDO A C1  1 
HETATM 1165 O  O1  . EDO E 4 .   ? 3.904   10.721  6.756   1.00 23.63 ? 204 EDO A O1  1 
HETATM 1166 C  C2  . EDO E 4 .   ? 4.757   9.100   5.198   1.00 25.33 ? 204 EDO A C2  1 
HETATM 1167 O  O2  . EDO E 4 .   ? 3.543   8.337   5.068   1.00 20.85 ? 204 EDO A O2  1 
HETATM 1168 C  C1  . EDO F 4 .   ? -4.702  -16.968 5.889   1.00 34.45 ? 205 EDO A C1  1 
HETATM 1169 O  O1  . EDO F 4 .   ? -3.528  -17.230 6.694   1.00 39.83 ? 205 EDO A O1  1 
HETATM 1170 C  C2  . EDO F 4 .   ? -4.751  -15.529 5.455   1.00 38.95 ? 205 EDO A C2  1 
HETATM 1171 O  O2  . EDO F 4 .   ? -3.434  -15.208 5.106   1.00 34.75 ? 205 EDO A O2  1 
HETATM 1172 C  C1  . EDO G 4 .   ? -8.678  0.208   -2.809  1.00 46.88 ? 206 EDO A C1  1 
HETATM 1173 O  O1  . EDO G 4 .   ? -9.339  1.221   -3.557  1.00 51.29 ? 206 EDO A O1  1 
HETATM 1174 C  C2  . EDO G 4 .   ? -9.729  -0.558  -2.030  1.00 47.96 ? 206 EDO A C2  1 
HETATM 1175 O  O2  . EDO G 4 .   ? -9.076  -1.747  -1.595  1.00 48.95 ? 206 EDO A O2  1 
HETATM 1176 C  C1  . GOL H 5 .   ? 10.346  6.575   -18.544 1.00 42.70 ? 207 GOL A C1  1 
HETATM 1177 O  O1  . GOL H 5 .   ? 9.639   5.433   -18.054 1.00 39.53 ? 207 GOL A O1  1 
HETATM 1178 C  C2  . GOL H 5 .   ? 9.317   7.589   -19.020 1.00 36.44 ? 207 GOL A C2  1 
HETATM 1179 O  O2  . GOL H 5 .   ? 8.981   8.487   -17.969 1.00 34.68 ? 207 GOL A O2  1 
HETATM 1180 C  C3  . GOL H 5 .   ? 9.754   8.425   -20.221 1.00 34.24 ? 207 GOL A C3  1 
HETATM 1181 O  O3  . GOL H 5 .   ? 8.577   9.017   -20.784 1.00 29.11 ? 207 GOL A O3  1 
HETATM 1182 O  O   . HOH I 6 .   ? -4.553  -19.405 6.594   1.00 35.81 ? 301 HOH A O   1 
HETATM 1183 O  O   . HOH I 6 .   ? -12.407 11.456  7.417   1.00 27.20 ? 302 HOH A O   1 
HETATM 1184 O  O   . HOH I 6 .   ? -3.292  -13.492 0.831   1.00 29.48 ? 303 HOH A O   1 
HETATM 1185 O  O   . HOH I 6 .   ? -10.502 8.970   -2.304  1.00 33.40 ? 304 HOH A O   1 
HETATM 1186 O  O   . HOH I 6 .   ? 8.696   8.355   -12.259 1.00 33.75 ? 305 HOH A O   1 
HETATM 1187 O  O   . HOH I 6 .   ? 5.550   -13.639 16.447  1.00 21.42 ? 306 HOH A O   1 
HETATM 1188 O  O   . HOH I 6 .   ? 1.915   1.070   7.814   1.00 13.39 ? 307 HOH A O   1 
HETATM 1189 O  O   . HOH I 6 .   ? -7.298  -8.287  4.046   1.00 22.64 ? 308 HOH A O   1 
HETATM 1190 O  O   . HOH I 6 .   ? -0.339  -0.025  4.201   1.00 13.94 ? 309 HOH A O   1 
HETATM 1191 O  O   . HOH I 6 .   ? -8.238  14.689  -13.405 1.00 28.58 ? 310 HOH A O   1 
HETATM 1192 O  O   . HOH I 6 .   ? 10.327  -13.366 -11.579 1.00 29.38 ? 311 HOH A O   1 
HETATM 1193 O  O   . HOH I 6 .   ? -13.676 12.537  11.564  1.00 26.33 ? 312 HOH A O   1 
HETATM 1194 O  O   . HOH I 6 .   ? 16.844  -13.893 -15.331 1.00 29.93 ? 313 HOH A O   1 
HETATM 1195 O  O   . HOH I 6 .   ? -14.199 -6.607  10.400  1.00 29.99 ? 314 HOH A O   1 
HETATM 1196 O  O   . HOH I 6 .   ? 8.382   2.853   -19.023 1.00 31.57 ? 315 HOH A O   1 
HETATM 1197 O  O   . HOH I 6 .   ? -9.898  -0.236  4.273   1.00 24.60 ? 316 HOH A O   1 
HETATM 1198 O  O   . HOH I 6 .   ? -0.809  9.207   -7.677  1.00 32.02 ? 317 HOH A O   1 
HETATM 1199 O  O   . HOH I 6 .   ? -1.329  8.403   -0.415  1.00 25.11 ? 318 HOH A O   1 
HETATM 1200 O  O   . HOH I 6 .   ? 2.934   -2.954  15.498  1.00 22.92 ? 319 HOH A O   1 
HETATM 1201 O  O   . HOH I 6 .   ? -5.749  7.856   2.335   1.00 16.72 ? 320 HOH A O   1 
HETATM 1202 O  O   . HOH I 6 .   ? 3.733   6.416   -3.350  1.00 30.77 ? 321 HOH A O   1 
HETATM 1203 O  O   . HOH I 6 .   ? -7.599  3.237   -2.623  1.00 17.76 ? 322 HOH A O   1 
HETATM 1204 O  O   . HOH I 6 .   ? -0.177  2.871   4.655   1.00 14.38 ? 323 HOH A O   1 
HETATM 1205 O  O   . HOH I 6 .   ? 11.880  1.490   -15.852 1.00 28.77 ? 324 HOH A O   1 
HETATM 1206 O  O   . HOH I 6 .   ? -4.924  -3.321  16.519  1.00 22.65 ? 325 HOH A O   1 
HETATM 1207 O  O   . HOH I 6 .   ? -8.316  7.449   11.905  1.00 25.35 ? 326 HOH A O   1 
HETATM 1208 O  O   . HOH I 6 .   ? -4.244  -3.075  8.107   1.00 20.65 ? 327 HOH A O   1 
HETATM 1209 O  O   . HOH I 6 .   ? -7.722  9.720   15.555  1.00 22.61 ? 328 HOH A O   1 
HETATM 1210 O  O   . HOH I 6 .   ? 10.377  -11.700 8.460   1.00 22.81 ? 329 HOH A O   1 
HETATM 1211 O  O   . HOH I 6 .   ? -1.422  -18.820 7.662   1.00 20.20 ? 330 HOH A O   1 
HETATM 1212 O  O   . HOH I 6 .   ? -0.143  6.898   20.229  1.00 21.05 ? 331 HOH A O   1 
HETATM 1213 O  O   . HOH I 6 .   ? -2.588  -1.551  4.619   1.00 13.00 ? 332 HOH A O   1 
HETATM 1214 O  O   . HOH I 6 .   ? -3.738  3.518   1.624   1.00 13.79 ? 333 HOH A O   1 
HETATM 1215 O  O   . HOH I 6 .   ? -2.690  -12.943 3.671   1.00 17.74 ? 334 HOH A O   1 
HETATM 1216 O  O   . HOH I 6 .   ? 2.016   10.096  -14.630 1.00 16.50 ? 335 HOH A O   1 
HETATM 1217 O  O   . HOH I 6 .   ? 3.074   13.424  11.049  1.00 28.98 ? 336 HOH A O   1 
HETATM 1218 O  O   . HOH I 6 .   ? 2.207   -0.212  5.440   1.00 16.27 ? 337 HOH A O   1 
HETATM 1219 O  O   . HOH I 6 .   ? 17.367  -3.987  -7.647  1.00 21.50 ? 338 HOH A O   1 
HETATM 1220 O  O   . HOH I 6 .   ? -18.841 11.951  13.875  1.00 33.45 ? 339 HOH A O   1 
HETATM 1221 O  O   . HOH I 6 .   ? -5.652  8.215   12.552  1.00 21.11 ? 340 HOH A O   1 
HETATM 1222 O  O   . HOH I 6 .   ? -8.566  5.273   3.543   1.00 17.64 ? 341 HOH A O   1 
HETATM 1223 O  O   . HOH I 6 .   ? -9.301  3.544   5.602   1.00 21.91 ? 342 HOH A O   1 
HETATM 1224 O  O   . HOH I 6 .   ? -10.225 6.881   -7.474  1.00 24.58 ? 343 HOH A O   1 
HETATM 1225 O  O   . HOH I 6 .   ? 10.434  -13.538 2.077   1.00 27.85 ? 344 HOH A O   1 
HETATM 1226 O  O   . HOH I 6 .   ? 3.728   -15.758 -2.057  1.00 30.84 ? 345 HOH A O   1 
HETATM 1227 O  O   . HOH I 6 .   ? -7.928  -4.009  -4.846  1.00 26.63 ? 346 HOH A O   1 
HETATM 1228 O  O   . HOH I 6 .   ? 10.602  -0.280  12.357  1.00 27.67 ? 347 HOH A O   1 
HETATM 1229 O  O   . HOH I 6 .   ? -4.706  9.892   -4.199  1.00 30.30 ? 348 HOH A O   1 
HETATM 1230 O  O   . HOH I 6 .   ? -6.991  10.966  12.581  1.00 22.03 ? 349 HOH A O   1 
HETATM 1231 O  O   . HOH I 6 .   ? -4.739  -5.422  9.537   1.00 17.06 ? 350 HOH A O   1 
HETATM 1232 O  O   . HOH I 6 .   ? -6.733  -2.151  7.363   1.00 19.42 ? 351 HOH A O   1 
HETATM 1233 O  O   . HOH I 6 .   ? -5.788  5.255   3.267   1.00 13.94 ? 352 HOH A O   1 
HETATM 1234 O  O   . HOH I 6 .   ? -0.458  1.208   -15.516 1.00 21.95 ? 353 HOH A O   1 
HETATM 1235 O  O   . HOH I 6 .   ? -3.109  2.492   4.007   1.00 17.38 ? 354 HOH A O   1 
HETATM 1236 O  O   . HOH I 6 .   ? -17.214 10.288  11.982  1.00 30.43 ? 355 HOH A O   1 
HETATM 1237 O  O   . HOH I 6 .   ? 10.099  3.367   -14.741 1.00 19.88 ? 356 HOH A O   1 
HETATM 1238 O  O   . HOH I 6 .   ? 7.759   0.931   -17.353 1.00 22.20 ? 357 HOH A O   1 
HETATM 1239 O  O   . HOH I 6 .   ? 2.757   -5.889  15.247  1.00 18.64 ? 358 HOH A O   1 
HETATM 1240 O  O   . HOH I 6 .   ? 0.239   2.507   -23.791 1.00 32.65 ? 359 HOH A O   1 
HETATM 1241 O  O   . HOH I 6 .   ? -7.435  -8.249  6.943   1.00 29.35 ? 360 HOH A O   1 
HETATM 1242 O  O   . HOH I 6 .   ? 12.164  -13.689 -9.590  1.00 34.59 ? 361 HOH A O   1 
HETATM 1243 O  O   . HOH I 6 .   ? -3.219  -2.166  18.876  1.00 30.21 ? 362 HOH A O   1 
HETATM 1244 O  O   . HOH I 6 .   ? -8.560  -3.868  8.244   1.00 25.41 ? 363 HOH A O   1 
# 
